data_2NA4
#
_entry.id   2NA4
#
_entity_poly.entity_id   1
_entity_poly.type   'polypeptide(L)'
_entity_poly.pdbx_seq_one_letter_code
;AVEVEVPGLLTDHTVSSIGHDFYRAFSDKWESDYTGNLTINERPSARAGSWITITVNQDVIFQTFLFPLKRDFEKTVVAA
LIQTEEALNRRQINQALLSTGDLAHDEFHHHHHH
;
_entity_poly.pdbx_strand_id   A
#
# COMPACT_ATOMS: atom_id res chain seq x y z
N ALA A 1 16.82 -14.03 -6.30
CA ALA A 1 16.13 -12.76 -6.62
C ALA A 1 16.72 -12.06 -7.87
N VAL A 2 17.91 -11.45 -7.76
CA VAL A 2 18.56 -10.65 -8.83
C VAL A 2 17.63 -9.55 -9.39
N GLU A 3 17.13 -8.71 -8.49
CA GLU A 3 16.16 -7.63 -8.78
C GLU A 3 16.46 -6.37 -7.94
N VAL A 4 16.12 -5.19 -8.48
CA VAL A 4 16.40 -3.87 -7.89
C VAL A 4 15.11 -3.03 -7.86
N GLU A 5 15.00 -2.08 -6.91
CA GLU A 5 13.86 -1.17 -6.72
C GLU A 5 13.81 -0.06 -7.79
N VAL A 6 13.79 -0.46 -9.07
CA VAL A 6 13.79 0.43 -10.25
C VAL A 6 12.45 1.16 -10.45
N PRO A 7 11.27 0.48 -10.49
CA PRO A 7 9.98 1.17 -10.66
C PRO A 7 9.45 1.77 -9.35
N GLY A 8 8.40 2.59 -9.47
CA GLY A 8 7.67 3.21 -8.35
C GLY A 8 7.13 4.61 -8.69
N LEU A 9 5.93 4.94 -8.18
CA LEU A 9 5.30 6.26 -8.35
C LEU A 9 4.49 6.75 -7.11
N LEU A 10 4.99 6.42 -5.90
CA LEU A 10 4.40 6.91 -4.65
C LEU A 10 4.46 8.44 -4.59
N THR A 11 3.31 9.09 -4.66
CA THR A 11 3.18 10.54 -4.52
C THR A 11 2.45 10.90 -3.22
N ASP A 12 2.92 11.95 -2.56
CA ASP A 12 2.31 12.60 -1.40
C ASP A 12 1.06 13.41 -1.80
N HIS A 13 0.05 12.74 -2.37
CA HIS A 13 -1.28 13.31 -2.65
C HIS A 13 -2.13 13.36 -1.37
N THR A 14 -1.51 13.81 -0.27
CA THR A 14 -2.08 13.81 1.08
C THR A 14 -1.89 15.15 1.79
N VAL A 15 -2.94 15.68 2.45
CA VAL A 15 -3.00 17.06 2.99
C VAL A 15 -3.58 17.15 4.43
N SER A 16 -3.31 16.12 5.24
CA SER A 16 -3.82 15.94 6.61
C SER A 16 -2.69 15.77 7.64
N SER A 17 -2.91 16.20 8.88
CA SER A 17 -1.93 16.05 9.99
C SER A 17 -1.53 14.59 10.28
N ILE A 18 -2.42 13.63 9.99
CA ILE A 18 -2.13 12.18 9.97
C ILE A 18 -1.85 11.67 8.54
N GLY A 19 -2.63 12.08 7.53
CA GLY A 19 -2.47 11.54 6.17
C GLY A 19 -1.15 11.92 5.47
N HIS A 20 -0.57 13.08 5.82
CA HIS A 20 0.78 13.50 5.38
C HIS A 20 1.88 12.58 5.96
N ASP A 21 1.71 12.12 7.19
CA ASP A 21 2.64 11.18 7.83
C ASP A 21 2.42 9.74 7.34
N PHE A 22 1.19 9.32 7.01
CA PHE A 22 0.92 8.01 6.41
C PHE A 22 1.75 7.79 5.15
N TYR A 23 1.87 8.81 4.28
CA TYR A 23 2.71 8.74 3.08
C TYR A 23 4.14 8.28 3.41
N ARG A 24 4.79 8.97 4.36
CA ARG A 24 6.19 8.72 4.75
C ARG A 24 6.36 7.40 5.51
N ALA A 25 5.45 7.13 6.46
CA ALA A 25 5.46 5.90 7.23
C ALA A 25 5.21 4.66 6.34
N PHE A 26 4.27 4.74 5.40
CA PHE A 26 4.02 3.67 4.45
C PHE A 26 5.26 3.43 3.58
N SER A 27 5.81 4.48 2.94
CA SER A 27 6.95 4.34 2.02
C SER A 27 8.24 3.87 2.72
N ASP A 28 8.41 4.18 4.00
CA ASP A 28 9.53 3.72 4.84
C ASP A 28 9.55 2.20 5.04
N LYS A 29 8.38 1.53 5.09
CA LYS A 29 8.26 0.06 5.22
C LYS A 29 7.70 -0.66 3.97
N TRP A 30 7.39 0.06 2.90
CA TRP A 30 6.89 -0.50 1.64
C TRP A 30 7.92 -1.44 0.97
N GLU A 31 7.42 -2.58 0.48
CA GLU A 31 8.17 -3.58 -0.29
C GLU A 31 7.18 -4.41 -1.13
N SER A 32 7.54 -4.82 -2.35
CA SER A 32 6.63 -5.51 -3.29
C SER A 32 7.32 -6.41 -4.32
N ASP A 33 6.65 -7.51 -4.67
CA ASP A 33 7.10 -8.45 -5.73
C ASP A 33 6.67 -8.03 -7.14
N TYR A 34 5.54 -7.30 -7.26
CA TYR A 34 5.06 -6.71 -8.51
C TYR A 34 5.79 -5.39 -8.87
N THR A 35 5.33 -4.69 -9.90
CA THR A 35 5.95 -3.48 -10.47
C THR A 35 5.83 -2.23 -9.57
N GLY A 36 5.12 -2.29 -8.43
CA GLY A 36 5.14 -1.25 -7.41
C GLY A 36 4.56 0.11 -7.83
N ASN A 37 3.70 0.14 -8.85
CA ASN A 37 3.14 1.38 -9.40
C ASN A 37 1.92 1.88 -8.63
N LEU A 38 2.13 2.29 -7.38
CA LEU A 38 1.09 2.76 -6.46
C LEU A 38 1.27 4.19 -5.94
N THR A 39 0.17 4.86 -5.61
CA THR A 39 0.16 6.18 -4.97
C THR A 39 -0.87 6.27 -3.84
N ILE A 40 -0.71 7.25 -2.95
CA ILE A 40 -1.47 7.39 -1.69
C ILE A 40 -2.24 8.70 -1.73
N ASN A 41 -3.56 8.61 -1.50
CA ASN A 41 -4.51 9.72 -1.56
C ASN A 41 -5.21 9.83 -0.20
N GLU A 42 -5.52 11.03 0.29
CA GLU A 42 -6.37 11.19 1.47
C GLU A 42 -7.49 12.23 1.30
N ARG A 43 -8.59 12.05 2.04
CA ARG A 43 -9.66 13.04 2.17
C ARG A 43 -9.79 13.51 3.62
N PRO A 44 -9.54 14.80 3.92
CA PRO A 44 -9.57 15.33 5.28
C PRO A 44 -11.02 15.58 5.71
N SER A 45 -11.41 15.01 6.85
CA SER A 45 -12.79 14.96 7.34
C SER A 45 -12.81 15.16 8.85
N ALA A 46 -12.89 16.41 9.29
CA ALA A 46 -12.69 16.82 10.69
C ALA A 46 -13.68 16.24 11.71
N ARG A 47 -14.76 15.61 11.24
CA ARG A 47 -15.65 14.72 12.03
C ARG A 47 -14.91 13.57 12.74
N ALA A 48 -13.78 13.11 12.17
CA ALA A 48 -13.03 11.95 12.69
C ALA A 48 -11.52 11.93 12.37
N GLY A 49 -11.05 12.53 11.27
CA GLY A 49 -9.63 12.45 10.84
C GLY A 49 -9.47 12.51 9.32
N SER A 50 -8.98 11.43 8.71
CA SER A 50 -8.83 11.32 7.24
C SER A 50 -9.26 9.95 6.69
N TRP A 51 -9.84 9.94 5.49
CA TRP A 51 -9.88 8.74 4.66
C TRP A 51 -8.54 8.58 3.97
N ILE A 52 -7.95 7.39 3.99
CA ILE A 52 -6.76 7.02 3.20
C ILE A 52 -7.18 6.04 2.10
N THR A 53 -6.76 6.29 0.87
CA THR A 53 -7.09 5.50 -0.32
C THR A 53 -5.84 5.29 -1.16
N ILE A 54 -5.40 4.05 -1.32
CA ILE A 54 -4.23 3.69 -2.14
C ILE A 54 -4.71 3.16 -3.49
N THR A 55 -4.13 3.72 -4.56
CA THR A 55 -4.44 3.39 -5.94
C THR A 55 -3.22 2.84 -6.68
N VAL A 56 -3.41 1.81 -7.50
CA VAL A 56 -2.39 1.25 -8.41
C VAL A 56 -2.66 1.79 -9.81
N ASN A 57 -1.70 2.55 -10.35
CA ASN A 57 -1.79 3.40 -11.55
C ASN A 57 -2.94 4.41 -11.53
N GLN A 58 -4.17 3.92 -11.70
CA GLN A 58 -5.43 4.69 -11.74
C GLN A 58 -6.61 3.95 -11.06
N ASP A 59 -6.37 2.82 -10.39
CA ASP A 59 -7.39 1.92 -9.84
C ASP A 59 -7.26 1.79 -8.32
N VAL A 60 -8.35 1.94 -7.57
CA VAL A 60 -8.34 1.71 -6.11
C VAL A 60 -8.27 0.22 -5.78
N ILE A 61 -7.46 -0.13 -4.77
CA ILE A 61 -7.31 -1.51 -4.28
C ILE A 61 -7.48 -1.65 -2.76
N PHE A 62 -7.18 -0.59 -1.99
CA PHE A 62 -7.39 -0.58 -0.54
C PHE A 62 -7.68 0.83 -0.04
N GLN A 63 -8.52 0.93 0.98
CA GLN A 63 -8.83 2.20 1.66
C GLN A 63 -9.28 1.96 3.11
N THR A 64 -8.95 2.88 4.01
CA THR A 64 -9.24 2.82 5.45
C THR A 64 -9.31 4.20 6.08
N PHE A 65 -9.87 4.31 7.29
CA PHE A 65 -9.97 5.56 8.04
C PHE A 65 -8.82 5.70 9.05
N LEU A 66 -8.14 6.85 9.06
CA LEU A 66 -7.16 7.24 10.07
C LEU A 66 -7.75 8.24 11.08
N PHE A 67 -7.33 8.11 12.34
CA PHE A 67 -7.79 8.95 13.46
C PHE A 67 -6.59 9.60 14.20
N PRO A 68 -6.61 10.93 14.45
CA PRO A 68 -5.47 11.66 15.02
C PRO A 68 -5.33 11.55 16.54
N LEU A 69 -6.44 11.37 17.28
CA LEU A 69 -6.45 11.22 18.75
C LEU A 69 -6.12 9.79 19.20
N LYS A 70 -6.29 8.80 18.30
CA LYS A 70 -6.01 7.37 18.54
C LYS A 70 -4.56 7.01 18.18
N ARG A 71 -4.10 5.86 18.68
CA ARG A 71 -2.73 5.32 18.49
C ARG A 71 -2.66 4.12 17.54
N ASP A 72 -3.68 3.91 16.71
CA ASP A 72 -3.69 2.86 15.68
C ASP A 72 -2.83 3.18 14.45
N PHE A 73 -2.43 4.44 14.24
CA PHE A 73 -1.79 4.92 13.01
C PHE A 73 -0.65 4.00 12.53
N GLU A 74 0.27 3.60 13.41
CA GLU A 74 1.39 2.72 13.07
C GLU A 74 0.91 1.33 12.61
N LYS A 75 -0.08 0.79 13.31
CA LYS A 75 -0.69 -0.52 13.03
C LYS A 75 -1.45 -0.47 11.70
N THR A 76 -2.23 0.58 11.47
CA THR A 76 -2.95 0.85 10.21
C THR A 76 -1.98 1.04 9.03
N VAL A 77 -0.84 1.71 9.22
CA VAL A 77 0.24 1.80 8.21
C VAL A 77 0.77 0.42 7.87
N VAL A 78 1.22 -0.36 8.86
CA VAL A 78 1.81 -1.71 8.63
C VAL A 78 0.79 -2.64 7.97
N ALA A 79 -0.48 -2.56 8.39
CA ALA A 79 -1.56 -3.38 7.84
C ALA A 79 -1.90 -2.99 6.40
N ALA A 80 -1.79 -1.72 6.02
CA ALA A 80 -2.01 -1.28 4.64
C ALA A 80 -0.97 -1.85 3.67
N LEU A 81 0.25 -2.17 4.14
CA LEU A 81 1.31 -2.78 3.31
C LEU A 81 0.85 -4.15 2.79
N ILE A 82 0.36 -4.98 3.72
CA ILE A 82 -0.15 -6.33 3.42
C ILE A 82 -1.44 -6.25 2.60
N GLN A 83 -2.39 -5.39 2.99
CA GLN A 83 -3.69 -5.27 2.32
C GLN A 83 -3.57 -4.70 0.89
N THR A 84 -2.52 -3.91 0.62
CA THR A 84 -2.18 -3.46 -0.74
C THR A 84 -1.77 -4.63 -1.63
N GLU A 85 -0.89 -5.54 -1.18
CA GLU A 85 -0.52 -6.69 -2.01
C GLU A 85 -1.63 -7.75 -2.06
N GLU A 86 -2.45 -7.90 -1.02
CA GLU A 86 -3.56 -8.89 -1.00
C GLU A 86 -4.60 -8.65 -2.10
N ALA A 87 -4.78 -7.40 -2.54
CA ALA A 87 -5.59 -7.07 -3.72
C ALA A 87 -4.97 -7.61 -5.02
N LEU A 88 -3.64 -7.54 -5.15
CA LEU A 88 -2.89 -7.90 -6.35
C LEU A 88 -2.53 -9.40 -6.39
N ASN A 89 -2.51 -10.04 -5.23
CA ASN A 89 -2.16 -11.46 -5.04
C ASN A 89 -3.11 -12.43 -5.75
N ARG A 90 -4.37 -12.03 -6.01
CA ARG A 90 -5.34 -12.79 -6.82
C ARG A 90 -5.52 -12.25 -8.25
N ARG A 91 -4.92 -11.09 -8.57
CA ARG A 91 -4.94 -10.46 -9.91
C ARG A 91 -3.83 -10.98 -10.81
N GLN A 92 -2.59 -10.90 -10.33
CA GLN A 92 -1.38 -11.12 -11.14
C GLN A 92 -0.24 -11.88 -10.44
N ILE A 93 -0.01 -11.65 -9.15
CA ILE A 93 1.07 -12.33 -8.40
C ILE A 93 0.76 -13.84 -8.26
N ASN A 94 -0.53 -14.22 -8.39
CA ASN A 94 -1.01 -15.60 -8.33
C ASN A 94 -0.29 -16.53 -9.32
N GLN A 95 -0.07 -16.07 -10.56
CA GLN A 95 0.65 -16.84 -11.57
C GLN A 95 2.14 -16.94 -11.25
N ALA A 96 2.75 -15.86 -10.76
CA ALA A 96 4.17 -15.83 -10.38
C ALA A 96 4.47 -16.77 -9.20
N LEU A 97 3.66 -16.73 -8.13
CA LEU A 97 3.85 -17.59 -6.97
C LEU A 97 3.53 -19.07 -7.26
N LEU A 98 2.55 -19.33 -8.12
CA LEU A 98 2.22 -20.68 -8.59
C LEU A 98 3.36 -21.26 -9.43
N SER A 99 3.96 -20.44 -10.30
CA SER A 99 5.05 -20.87 -11.18
C SER A 99 6.33 -21.23 -10.40
N THR A 100 6.58 -20.57 -9.27
CA THR A 100 7.74 -20.78 -8.40
C THR A 100 7.55 -20.01 -7.07
N GLY A 101 7.35 -20.80 -6.02
CA GLY A 101 7.36 -20.37 -4.63
C GLY A 101 5.98 -19.97 -4.10
N ASP A 102 5.10 -20.95 -3.95
CA ASP A 102 3.78 -20.77 -3.32
C ASP A 102 3.88 -20.26 -1.86
N LEU A 103 2.78 -19.68 -1.37
CA LEU A 103 2.68 -19.14 -0.01
C LEU A 103 2.67 -20.23 1.09
N ALA A 104 3.08 -19.85 2.30
CA ALA A 104 3.11 -20.73 3.48
C ALA A 104 3.01 -19.99 4.83
N HIS A 105 2.48 -18.76 4.84
CA HIS A 105 2.47 -17.85 6.01
C HIS A 105 1.08 -17.70 6.64
N ASP A 106 0.08 -17.28 5.84
CA ASP A 106 -1.28 -17.01 6.29
C ASP A 106 -2.28 -17.14 5.12
N GLU A 107 -2.87 -18.32 4.94
CA GLU A 107 -3.76 -18.61 3.81
C GLU A 107 -5.18 -18.06 4.00
N PHE A 108 -5.76 -18.24 5.20
CA PHE A 108 -7.15 -17.86 5.56
C PHE A 108 -7.25 -17.43 7.03
N ALA A 1 19.64 -14.38 -10.92
CA ALA A 1 18.47 -13.45 -10.86
C ALA A 1 18.90 -12.03 -10.43
N VAL A 2 18.10 -11.01 -10.79
CA VAL A 2 18.31 -9.59 -10.43
C VAL A 2 17.03 -8.97 -9.89
N GLU A 3 17.12 -8.23 -8.78
CA GLU A 3 16.04 -7.46 -8.17
C GLU A 3 16.55 -6.11 -7.64
N VAL A 4 15.98 -5.00 -8.13
CA VAL A 4 16.36 -3.61 -7.80
C VAL A 4 15.09 -2.74 -7.75
N GLU A 5 15.08 -1.69 -6.92
CA GLU A 5 13.97 -0.73 -6.76
C GLU A 5 13.88 0.27 -7.95
N VAL A 6 13.80 -0.26 -9.18
CA VAL A 6 13.74 0.50 -10.44
C VAL A 6 12.37 1.19 -10.65
N PRO A 7 11.21 0.48 -10.63
CA PRO A 7 9.91 1.13 -10.76
C PRO A 7 9.42 1.74 -9.44
N GLY A 8 8.34 2.52 -9.54
CA GLY A 8 7.63 3.15 -8.41
C GLY A 8 7.09 4.55 -8.73
N LEU A 9 5.90 4.88 -8.20
CA LEU A 9 5.27 6.20 -8.35
C LEU A 9 4.50 6.68 -7.10
N LEU A 10 5.01 6.34 -5.90
CA LEU A 10 4.45 6.82 -4.62
C LEU A 10 4.53 8.35 -4.55
N THR A 11 3.38 9.01 -4.65
CA THR A 11 3.28 10.46 -4.49
C THR A 11 2.54 10.82 -3.21
N ASP A 12 3.04 11.85 -2.53
CA ASP A 12 2.41 12.52 -1.39
C ASP A 12 1.17 13.35 -1.82
N HIS A 13 0.17 12.70 -2.40
CA HIS A 13 -1.15 13.28 -2.69
C HIS A 13 -2.00 13.34 -1.40
N THR A 14 -1.38 13.79 -0.31
CA THR A 14 -1.94 13.79 1.04
C THR A 14 -1.72 15.14 1.75
N VAL A 15 -2.76 15.68 2.41
CA VAL A 15 -2.79 17.06 2.97
C VAL A 15 -3.37 17.14 4.39
N SER A 16 -3.10 16.11 5.20
CA SER A 16 -3.61 15.94 6.57
C SER A 16 -2.47 15.74 7.58
N SER A 17 -2.66 16.11 8.85
CA SER A 17 -1.66 15.91 9.92
C SER A 17 -1.29 14.43 10.12
N ILE A 18 -2.27 13.52 9.97
CA ILE A 18 -2.07 12.06 9.94
C ILE A 18 -1.85 11.53 8.52
N GLY A 19 -2.60 12.02 7.52
CA GLY A 19 -2.47 11.51 6.14
C GLY A 19 -1.13 11.83 5.47
N HIS A 20 -0.49 12.94 5.84
CA HIS A 20 0.88 13.27 5.42
C HIS A 20 1.91 12.32 6.07
N ASP A 21 1.69 11.93 7.33
CA ASP A 21 2.56 10.97 8.02
C ASP A 21 2.36 9.55 7.47
N PHE A 22 1.13 9.16 7.07
CA PHE A 22 0.88 7.87 6.44
C PHE A 22 1.74 7.68 5.19
N TYR A 23 1.87 8.71 4.34
CA TYR A 23 2.73 8.64 3.15
C TYR A 23 4.17 8.22 3.52
N ARG A 24 4.79 8.94 4.46
CA ARG A 24 6.19 8.72 4.88
C ARG A 24 6.37 7.37 5.59
N ALA A 25 5.45 7.06 6.50
CA ALA A 25 5.47 5.81 7.26
C ALA A 25 5.23 4.59 6.36
N PHE A 26 4.28 4.65 5.43
CA PHE A 26 4.02 3.58 4.47
C PHE A 26 5.27 3.34 3.60
N SER A 27 5.82 4.38 2.98
CA SER A 27 6.97 4.25 2.08
C SER A 27 8.26 3.78 2.78
N ASP A 28 8.42 4.09 4.07
CA ASP A 28 9.52 3.62 4.91
C ASP A 28 9.52 2.09 5.11
N LYS A 29 8.34 1.44 5.16
CA LYS A 29 8.20 -0.03 5.29
C LYS A 29 7.65 -0.75 4.05
N TRP A 30 7.38 -0.04 2.96
CA TRP A 30 6.88 -0.60 1.70
C TRP A 30 7.86 -1.63 1.09
N GLU A 31 7.34 -2.80 0.71
CA GLU A 31 8.05 -3.91 0.09
C GLU A 31 7.07 -4.71 -0.78
N SER A 32 7.51 -5.13 -1.97
CA SER A 32 6.63 -5.66 -3.03
C SER A 32 7.31 -6.70 -3.93
N ASP A 33 6.49 -7.58 -4.52
CA ASP A 33 6.90 -8.56 -5.54
C ASP A 33 6.37 -8.24 -6.97
N TYR A 34 5.49 -7.24 -7.11
CA TYR A 34 4.99 -6.74 -8.41
C TYR A 34 5.72 -5.45 -8.84
N THR A 35 5.24 -4.77 -9.88
CA THR A 35 5.82 -3.56 -10.49
C THR A 35 5.75 -2.32 -9.59
N GLY A 36 5.04 -2.35 -8.45
CA GLY A 36 5.08 -1.30 -7.43
C GLY A 36 4.53 0.06 -7.86
N ASN A 37 3.65 0.10 -8.87
CA ASN A 37 3.11 1.33 -9.43
C ASN A 37 1.89 1.85 -8.64
N LEU A 38 2.11 2.24 -7.39
CA LEU A 38 1.08 2.71 -6.46
C LEU A 38 1.29 4.14 -5.95
N THR A 39 0.19 4.82 -5.63
CA THR A 39 0.19 6.15 -4.98
C THR A 39 -0.84 6.24 -3.86
N ILE A 40 -0.67 7.21 -2.95
CA ILE A 40 -1.43 7.37 -1.70
C ILE A 40 -2.20 8.69 -1.75
N ASN A 41 -3.50 8.61 -1.52
CA ASN A 41 -4.43 9.72 -1.60
C ASN A 41 -5.14 9.85 -0.23
N GLU A 42 -5.41 11.05 0.26
CA GLU A 42 -6.27 11.24 1.45
C GLU A 42 -7.36 12.30 1.26
N ARG A 43 -8.47 12.15 2.01
CA ARG A 43 -9.52 13.17 2.12
C ARG A 43 -9.67 13.63 3.58
N PRO A 44 -9.40 14.92 3.88
CA PRO A 44 -9.43 15.44 5.23
C PRO A 44 -10.87 15.76 5.65
N SER A 45 -11.33 15.17 6.75
CA SER A 45 -12.73 15.20 7.17
C SER A 45 -12.83 15.32 8.69
N ALA A 46 -13.15 16.53 9.17
CA ALA A 46 -13.12 16.89 10.60
C ALA A 46 -14.10 16.13 11.50
N ARG A 47 -15.03 15.37 10.91
CA ARG A 47 -15.86 14.35 11.58
C ARG A 47 -15.05 13.32 12.38
N ALA A 48 -13.83 12.99 11.92
CA ALA A 48 -13.00 11.93 12.51
C ALA A 48 -11.49 12.01 12.24
N GLY A 49 -11.01 12.64 11.15
CA GLY A 49 -9.60 12.61 10.74
C GLY A 49 -9.41 12.65 9.22
N SER A 50 -8.92 11.56 8.63
CA SER A 50 -8.74 11.43 7.18
C SER A 50 -9.19 10.06 6.63
N TRP A 51 -9.78 10.06 5.43
CA TRP A 51 -9.84 8.86 4.60
C TRP A 51 -8.47 8.67 3.95
N ILE A 52 -7.92 7.45 3.94
CA ILE A 52 -6.74 7.07 3.17
C ILE A 52 -7.16 6.09 2.08
N THR A 53 -6.73 6.33 0.84
CA THR A 53 -7.07 5.53 -0.34
C THR A 53 -5.82 5.32 -1.19
N ILE A 54 -5.39 4.06 -1.33
CA ILE A 54 -4.22 3.69 -2.14
C ILE A 54 -4.70 3.17 -3.50
N THR A 55 -4.12 3.71 -4.56
CA THR A 55 -4.45 3.40 -5.95
C THR A 55 -3.22 2.83 -6.69
N VAL A 56 -3.42 1.80 -7.51
CA VAL A 56 -2.41 1.23 -8.42
C VAL A 56 -2.68 1.77 -9.82
N ASN A 57 -1.73 2.56 -10.35
CA ASN A 57 -1.80 3.40 -11.55
C ASN A 57 -2.96 4.41 -11.53
N GLN A 58 -4.19 3.92 -11.70
CA GLN A 58 -5.44 4.69 -11.75
C GLN A 58 -6.64 3.96 -11.07
N ASP A 59 -6.39 2.82 -10.41
CA ASP A 59 -7.41 1.93 -9.85
C ASP A 59 -7.27 1.80 -8.33
N VAL A 60 -8.37 1.96 -7.57
CA VAL A 60 -8.35 1.74 -6.11
C VAL A 60 -8.30 0.25 -5.78
N ILE A 61 -7.49 -0.11 -4.78
CA ILE A 61 -7.36 -1.48 -4.28
C ILE A 61 -7.53 -1.62 -2.77
N PHE A 62 -7.23 -0.56 -2.00
CA PHE A 62 -7.44 -0.55 -0.55
C PHE A 62 -7.72 0.88 -0.06
N GLN A 63 -8.56 0.99 0.96
CA GLN A 63 -8.86 2.25 1.65
C GLN A 63 -9.32 2.03 3.09
N THR A 64 -8.98 2.96 3.98
CA THR A 64 -9.28 2.90 5.42
C THR A 64 -9.35 4.31 6.05
N PHE A 65 -9.94 4.43 7.22
CA PHE A 65 -10.04 5.70 7.96
C PHE A 65 -8.92 5.82 9.01
N LEU A 66 -8.20 6.95 9.01
CA LEU A 66 -7.21 7.31 10.03
C LEU A 66 -7.78 8.33 11.04
N PHE A 67 -7.37 8.16 12.30
CA PHE A 67 -7.82 8.98 13.44
C PHE A 67 -6.60 9.61 14.17
N PRO A 68 -6.59 10.93 14.43
CA PRO A 68 -5.45 11.64 15.02
C PRO A 68 -5.34 11.47 16.55
N LEU A 69 -6.47 11.27 17.23
CA LEU A 69 -6.54 11.10 18.69
C LEU A 69 -6.11 9.68 19.15
N LYS A 70 -6.23 8.70 18.26
CA LYS A 70 -5.88 7.29 18.49
C LYS A 70 -4.40 7.01 18.17
N ARG A 71 -3.83 5.98 18.82
CA ARG A 71 -2.43 5.53 18.64
C ARG A 71 -2.25 4.37 17.66
N ASP A 72 -3.35 3.88 17.06
CA ASP A 72 -3.34 2.73 16.14
C ASP A 72 -2.84 3.05 14.72
N PHE A 73 -2.52 4.31 14.41
CA PHE A 73 -1.95 4.76 13.13
C PHE A 73 -0.81 3.86 12.63
N GLU A 74 0.12 3.46 13.52
CA GLU A 74 1.26 2.61 13.16
C GLU A 74 0.79 1.23 12.66
N LYS A 75 -0.22 0.67 13.32
CA LYS A 75 -0.83 -0.62 12.99
C LYS A 75 -1.61 -0.51 11.67
N THR A 76 -2.37 0.57 11.47
CA THR A 76 -3.05 0.88 10.20
C THR A 76 -2.05 1.01 9.03
N VAL A 77 -0.90 1.66 9.24
CA VAL A 77 0.17 1.76 8.23
C VAL A 77 0.71 0.37 7.89
N VAL A 78 1.12 -0.43 8.89
CA VAL A 78 1.71 -1.77 8.65
C VAL A 78 0.69 -2.70 7.99
N ALA A 79 -0.58 -2.60 8.37
CA ALA A 79 -1.65 -3.42 7.82
C ALA A 79 -1.99 -3.03 6.38
N ALA A 80 -1.86 -1.75 6.00
CA ALA A 80 -2.06 -1.30 4.63
C ALA A 80 -1.02 -1.89 3.66
N LEU A 81 0.19 -2.22 4.14
CA LEU A 81 1.26 -2.83 3.31
C LEU A 81 0.79 -4.21 2.79
N ILE A 82 0.28 -5.03 3.71
CA ILE A 82 -0.25 -6.38 3.41
C ILE A 82 -1.52 -6.28 2.58
N GLN A 83 -2.46 -5.41 2.96
CA GLN A 83 -3.75 -5.27 2.27
C GLN A 83 -3.62 -4.69 0.85
N THR A 84 -2.55 -3.92 0.59
CA THR A 84 -2.19 -3.47 -0.77
C THR A 84 -1.81 -4.66 -1.66
N GLU A 85 -0.96 -5.57 -1.20
CA GLU A 85 -0.60 -6.73 -2.03
C GLU A 85 -1.72 -7.77 -2.08
N GLU A 86 -2.56 -7.91 -1.05
CA GLU A 86 -3.66 -8.89 -1.03
C GLU A 86 -4.72 -8.65 -2.13
N ALA A 87 -4.89 -7.40 -2.56
CA ALA A 87 -5.68 -7.07 -3.75
C ALA A 87 -5.08 -7.64 -5.04
N LEU A 88 -3.75 -7.56 -5.17
CA LEU A 88 -2.98 -7.93 -6.37
C LEU A 88 -2.63 -9.42 -6.41
N ASN A 89 -2.63 -10.07 -5.26
CA ASN A 89 -2.32 -11.49 -5.05
C ASN A 89 -3.29 -12.44 -5.80
N ARG A 90 -4.51 -12.00 -6.10
CA ARG A 90 -5.50 -12.74 -6.92
C ARG A 90 -5.70 -12.14 -8.34
N ARG A 91 -4.97 -11.06 -8.66
CA ARG A 91 -4.97 -10.40 -10.00
C ARG A 91 -3.84 -10.94 -10.89
N GLN A 92 -2.61 -10.86 -10.39
CA GLN A 92 -1.38 -11.11 -11.17
C GLN A 92 -0.28 -11.87 -10.44
N ILE A 93 -0.08 -11.61 -9.13
CA ILE A 93 1.00 -12.25 -8.34
C ILE A 93 0.72 -13.76 -8.15
N ASN A 94 -0.53 -14.20 -8.36
CA ASN A 94 -0.94 -15.61 -8.26
C ASN A 94 -0.11 -16.53 -9.17
N GLN A 95 0.20 -16.09 -10.40
CA GLN A 95 1.06 -16.84 -11.34
C GLN A 95 2.53 -16.82 -10.90
N ALA A 96 3.00 -15.72 -10.33
CA ALA A 96 4.38 -15.57 -9.84
C ALA A 96 4.65 -16.43 -8.59
N LEU A 97 3.71 -16.49 -7.64
CA LEU A 97 3.84 -17.33 -6.44
C LEU A 97 3.63 -18.83 -6.71
N LEU A 98 2.78 -19.17 -7.69
CA LEU A 98 2.63 -20.52 -8.22
C LEU A 98 3.86 -20.96 -9.05
N SER A 99 4.55 -20.01 -9.69
CA SER A 99 5.75 -20.20 -10.51
C SER A 99 5.54 -21.25 -11.62
N THR A 100 4.40 -21.15 -12.33
CA THR A 100 3.78 -22.25 -13.09
C THR A 100 4.64 -22.85 -14.20
N GLY A 101 5.48 -22.03 -14.85
CA GLY A 101 6.42 -22.44 -15.91
C GLY A 101 7.91 -22.23 -15.55
N ASP A 102 8.23 -22.09 -14.26
CA ASP A 102 9.51 -21.61 -13.75
C ASP A 102 10.01 -22.43 -12.53
N LEU A 103 11.15 -22.03 -11.94
CA LEU A 103 11.72 -22.67 -10.74
C LEU A 103 10.74 -22.65 -9.55
N ALA A 104 10.64 -23.80 -8.88
CA ALA A 104 9.96 -23.97 -7.59
C ALA A 104 10.44 -25.27 -6.91
N HIS A 105 11.27 -25.15 -5.88
CA HIS A 105 11.88 -26.28 -5.15
C HIS A 105 11.79 -26.14 -3.62
N ASP A 106 12.30 -25.04 -3.07
CA ASP A 106 12.34 -24.80 -1.61
C ASP A 106 12.20 -23.29 -1.27
N GLU A 107 11.34 -22.57 -2.02
CA GLU A 107 11.21 -21.11 -1.92
C GLU A 107 10.57 -20.64 -0.60
N PHE A 108 9.57 -21.38 -0.10
CA PHE A 108 8.80 -21.10 1.12
C PHE A 108 8.25 -22.39 1.78
N ALA A 1 17.12 -15.64 -7.84
CA ALA A 1 16.84 -14.41 -8.66
C ALA A 1 17.25 -13.13 -7.91
N VAL A 2 17.46 -12.03 -8.66
CA VAL A 2 17.82 -10.69 -8.12
C VAL A 2 16.89 -9.62 -8.72
N GLU A 3 16.39 -8.72 -7.87
CA GLU A 3 15.53 -7.59 -8.25
C GLU A 3 16.03 -6.27 -7.64
N VAL A 4 15.67 -5.14 -8.26
CA VAL A 4 16.10 -3.77 -7.88
C VAL A 4 14.88 -2.83 -7.85
N GLU A 5 14.91 -1.81 -7.00
CA GLU A 5 13.84 -0.80 -6.83
C GLU A 5 13.81 0.23 -8.00
N VAL A 6 13.77 -0.26 -9.24
CA VAL A 6 13.75 0.52 -10.47
C VAL A 6 12.41 1.24 -10.71
N PRO A 7 11.24 0.56 -10.72
CA PRO A 7 9.94 1.22 -10.86
C PRO A 7 9.43 1.83 -9.54
N GLY A 8 8.37 2.63 -9.65
CA GLY A 8 7.64 3.24 -8.53
C GLY A 8 7.07 4.63 -8.85
N LEU A 9 5.88 4.94 -8.32
CA LEU A 9 5.22 6.26 -8.47
C LEU A 9 4.44 6.72 -7.21
N LEU A 10 4.94 6.38 -6.02
CA LEU A 10 4.40 6.90 -4.76
C LEU A 10 4.49 8.43 -4.76
N THR A 11 3.34 9.08 -4.61
CA THR A 11 3.23 10.53 -4.47
C THR A 11 2.46 10.88 -3.20
N ASP A 12 2.91 11.94 -2.52
CA ASP A 12 2.27 12.56 -1.37
C ASP A 12 1.03 13.39 -1.79
N HIS A 13 0.03 12.72 -2.39
CA HIS A 13 -1.29 13.29 -2.69
C HIS A 13 -2.16 13.34 -1.42
N THR A 14 -1.56 13.80 -0.32
CA THR A 14 -2.11 13.76 1.03
C THR A 14 -1.90 15.09 1.77
N VAL A 15 -2.96 15.64 2.40
CA VAL A 15 -3.01 17.02 2.96
C VAL A 15 -3.58 17.09 4.40
N SER A 16 -3.29 16.06 5.20
CA SER A 16 -3.78 15.88 6.58
C SER A 16 -2.63 15.69 7.58
N SER A 17 -2.80 16.09 8.84
CA SER A 17 -1.80 15.91 9.91
C SER A 17 -1.42 14.43 10.13
N ILE A 18 -2.38 13.52 9.96
CA ILE A 18 -2.16 12.06 9.93
C ILE A 18 -1.95 11.53 8.51
N GLY A 19 -2.73 11.99 7.51
CA GLY A 19 -2.63 11.45 6.16
C GLY A 19 -1.32 11.79 5.43
N HIS A 20 -0.68 12.91 5.77
CA HIS A 20 0.66 13.26 5.26
C HIS A 20 1.75 12.41 5.93
N ASP A 21 1.57 12.04 7.19
CA ASP A 21 2.47 11.13 7.90
C ASP A 21 2.31 9.69 7.40
N PHE A 22 1.09 9.25 7.04
CA PHE A 22 0.86 7.93 6.43
C PHE A 22 1.70 7.75 5.18
N TYR A 23 1.81 8.76 4.32
CA TYR A 23 2.67 8.71 3.13
C TYR A 23 4.12 8.31 3.50
N ARG A 24 4.72 9.06 4.44
CA ARG A 24 6.12 8.87 4.86
C ARG A 24 6.33 7.53 5.55
N ALA A 25 5.43 7.18 6.48
CA ALA A 25 5.48 5.93 7.22
C ALA A 25 5.26 4.71 6.32
N PHE A 26 4.30 4.76 5.38
CA PHE A 26 4.06 3.68 4.43
C PHE A 26 5.30 3.47 3.55
N SER A 27 5.82 4.53 2.92
CA SER A 27 6.97 4.42 1.99
C SER A 27 8.26 3.98 2.69
N ASP A 28 8.43 4.28 3.98
CA ASP A 28 9.55 3.82 4.81
C ASP A 28 9.58 2.29 5.00
N LYS A 29 8.42 1.62 5.06
CA LYS A 29 8.31 0.14 5.19
C LYS A 29 7.76 -0.59 3.94
N TRP A 30 7.44 0.14 2.87
CA TRP A 30 6.97 -0.44 1.61
C TRP A 30 8.00 -1.38 0.94
N GLU A 31 7.53 -2.54 0.50
CA GLU A 31 8.30 -3.55 -0.26
C GLU A 31 7.32 -4.42 -1.05
N SER A 32 7.64 -4.75 -2.31
CA SER A 32 6.74 -5.50 -3.21
C SER A 32 7.46 -6.36 -4.27
N ASP A 33 6.81 -7.44 -4.70
CA ASP A 33 7.30 -8.35 -5.75
C ASP A 33 6.85 -7.95 -7.17
N TYR A 34 5.71 -7.25 -7.29
CA TYR A 34 5.19 -6.69 -8.54
C TYR A 34 5.88 -5.37 -8.92
N THR A 35 5.37 -4.68 -9.95
CA THR A 35 5.95 -3.46 -10.54
C THR A 35 5.84 -2.21 -9.65
N GLY A 36 5.15 -2.27 -8.49
CA GLY A 36 5.16 -1.21 -7.47
C GLY A 36 4.58 0.14 -7.90
N ASN A 37 3.71 0.15 -8.90
CA ASN A 37 3.13 1.38 -9.45
C ASN A 37 1.90 1.87 -8.67
N LEU A 38 2.12 2.27 -7.42
CA LEU A 38 1.09 2.74 -6.48
C LEU A 38 1.27 4.17 -5.98
N THR A 39 0.18 4.84 -5.65
CA THR A 39 0.16 6.16 -5.00
C THR A 39 -0.87 6.23 -3.87
N ILE A 40 -0.71 7.20 -2.97
CA ILE A 40 -1.47 7.34 -1.72
C ILE A 40 -2.26 8.64 -1.76
N ASN A 41 -3.56 8.55 -1.51
CA ASN A 41 -4.51 9.66 -1.58
C ASN A 41 -5.21 9.77 -0.22
N GLU A 42 -5.52 10.97 0.27
CA GLU A 42 -6.37 11.13 1.46
C GLU A 42 -7.50 12.15 1.25
N ARG A 43 -8.61 11.97 1.98
CA ARG A 43 -9.71 12.95 2.07
C ARG A 43 -9.81 13.45 3.52
N PRO A 44 -9.58 14.75 3.76
CA PRO A 44 -9.59 15.32 5.10
C PRO A 44 -11.04 15.50 5.59
N SER A 45 -11.33 14.96 6.77
CA SER A 45 -12.66 14.87 7.35
C SER A 45 -12.58 15.18 8.85
N ALA A 46 -12.45 16.46 9.20
CA ALA A 46 -12.13 16.92 10.57
C ALA A 46 -13.13 16.50 11.67
N ARG A 47 -14.32 16.03 11.26
CA ARG A 47 -15.28 15.28 12.09
C ARG A 47 -14.67 14.05 12.81
N ALA A 48 -13.62 13.44 12.24
CA ALA A 48 -12.96 12.24 12.78
C ALA A 48 -11.46 12.09 12.44
N GLY A 49 -10.97 12.60 11.29
CA GLY A 49 -9.58 12.45 10.85
C GLY A 49 -9.44 12.50 9.32
N SER A 50 -8.97 11.42 8.71
CA SER A 50 -8.82 11.30 7.24
C SER A 50 -9.26 9.93 6.71
N TRP A 51 -9.82 9.92 5.49
CA TRP A 51 -9.88 8.70 4.68
C TRP A 51 -8.55 8.54 3.96
N ILE A 52 -7.96 7.34 3.99
CA ILE A 52 -6.77 6.98 3.19
C ILE A 52 -7.18 5.99 2.12
N THR A 53 -6.74 6.24 0.88
CA THR A 53 -7.09 5.44 -0.31
C THR A 53 -5.84 5.25 -1.16
N ILE A 54 -5.39 4.00 -1.31
CA ILE A 54 -4.22 3.65 -2.14
C ILE A 54 -4.70 3.12 -3.49
N THR A 55 -4.12 3.67 -4.55
CA THR A 55 -4.45 3.35 -5.94
C THR A 55 -3.23 2.80 -6.68
N VAL A 56 -3.42 1.78 -7.51
CA VAL A 56 -2.39 1.22 -8.43
C VAL A 56 -2.66 1.75 -9.83
N ASN A 57 -1.73 2.54 -10.35
CA ASN A 57 -1.82 3.38 -11.56
C ASN A 57 -2.99 4.38 -11.54
N GLN A 58 -4.22 3.87 -11.71
CA GLN A 58 -5.48 4.63 -11.74
C GLN A 58 -6.66 3.88 -11.06
N ASP A 59 -6.39 2.75 -10.40
CA ASP A 59 -7.41 1.85 -9.83
C ASP A 59 -7.27 1.72 -8.31
N VAL A 60 -8.35 1.88 -7.54
CA VAL A 60 -8.34 1.66 -6.08
C VAL A 60 -8.27 0.17 -5.75
N ILE A 61 -7.45 -0.17 -4.75
CA ILE A 61 -7.29 -1.55 -4.25
C ILE A 61 -7.44 -1.69 -2.73
N PHE A 62 -7.16 -0.63 -1.97
CA PHE A 62 -7.36 -0.63 -0.51
C PHE A 62 -7.65 0.79 -0.02
N GLN A 63 -8.49 0.89 1.01
CA GLN A 63 -8.81 2.14 1.69
C GLN A 63 -9.28 1.92 3.14
N THR A 64 -8.94 2.85 4.03
CA THR A 64 -9.23 2.79 5.47
C THR A 64 -9.32 4.18 6.10
N PHE A 65 -9.91 4.29 7.30
CA PHE A 65 -10.00 5.55 8.04
C PHE A 65 -8.85 5.67 9.06
N LEU A 66 -8.16 6.82 9.07
CA LEU A 66 -7.19 7.21 10.08
C LEU A 66 -7.77 8.22 11.08
N PHE A 67 -7.37 8.08 12.35
CA PHE A 67 -7.82 8.94 13.46
C PHE A 67 -6.60 9.55 14.20
N PRO A 68 -6.59 10.87 14.48
CA PRO A 68 -5.44 11.57 15.06
C PRO A 68 -5.32 11.41 16.59
N LEU A 69 -6.45 11.22 17.29
CA LEU A 69 -6.51 11.10 18.76
C LEU A 69 -6.19 9.66 19.22
N LYS A 70 -6.47 8.67 18.35
CA LYS A 70 -6.21 7.23 18.59
C LYS A 70 -4.75 6.85 18.25
N ARG A 71 -4.32 5.68 18.74
CA ARG A 71 -2.95 5.14 18.61
C ARG A 71 -2.81 4.00 17.60
N ASP A 72 -3.80 3.81 16.72
CA ASP A 72 -3.76 2.77 15.67
C ASP A 72 -2.87 3.12 14.47
N PHE A 73 -2.48 4.38 14.29
CA PHE A 73 -1.82 4.87 13.06
C PHE A 73 -0.68 3.96 12.57
N GLU A 74 0.24 3.58 13.46
CA GLU A 74 1.38 2.71 13.09
C GLU A 74 0.92 1.32 12.63
N LYS A 75 -0.08 0.77 13.33
CA LYS A 75 -0.68 -0.54 13.02
C LYS A 75 -1.43 -0.49 11.69
N THR A 76 -2.21 0.56 11.47
CA THR A 76 -2.92 0.83 10.20
C THR A 76 -1.95 1.04 9.03
N VAL A 77 -0.81 1.71 9.23
CA VAL A 77 0.25 1.81 8.21
C VAL A 77 0.80 0.43 7.87
N VAL A 78 1.25 -0.35 8.87
CA VAL A 78 1.85 -1.69 8.64
C VAL A 78 0.85 -2.64 7.99
N ALA A 79 -0.42 -2.57 8.38
CA ALA A 79 -1.49 -3.39 7.84
C ALA A 79 -1.85 -3.01 6.40
N ALA A 80 -1.74 -1.74 6.02
CA ALA A 80 -1.96 -1.30 4.64
C ALA A 80 -0.92 -1.86 3.67
N LEU A 81 0.30 -2.17 4.14
CA LEU A 81 1.36 -2.76 3.31
C LEU A 81 0.92 -4.15 2.80
N ILE A 82 0.43 -4.98 3.72
CA ILE A 82 -0.07 -6.33 3.43
C ILE A 82 -1.36 -6.25 2.60
N GLN A 83 -2.30 -5.40 2.99
CA GLN A 83 -3.61 -5.29 2.32
C GLN A 83 -3.50 -4.70 0.89
N THR A 84 -2.45 -3.92 0.62
CA THR A 84 -2.11 -3.45 -0.73
C THR A 84 -1.72 -4.63 -1.62
N GLU A 85 -0.83 -5.53 -1.17
CA GLU A 85 -0.46 -6.68 -2.01
C GLU A 85 -1.57 -7.74 -2.06
N GLU A 86 -2.38 -7.91 -1.01
CA GLU A 86 -3.47 -8.91 -0.99
C GLU A 86 -4.54 -8.67 -2.08
N ALA A 87 -4.72 -7.42 -2.52
CA ALA A 87 -5.53 -7.11 -3.68
C ALA A 87 -4.91 -7.66 -4.98
N LEU A 88 -3.59 -7.53 -5.14
CA LEU A 88 -2.86 -7.89 -6.36
C LEU A 88 -2.49 -9.38 -6.40
N ASN A 89 -2.46 -10.04 -5.23
CA ASN A 89 -2.15 -11.46 -5.04
C ASN A 89 -3.13 -12.41 -5.75
N ARG A 90 -4.38 -11.97 -5.98
CA ARG A 90 -5.40 -12.70 -6.79
C ARG A 90 -5.61 -12.13 -8.20
N ARG A 91 -4.96 -11.01 -8.54
CA ARG A 91 -4.99 -10.36 -9.87
C ARG A 91 -3.89 -10.87 -10.81
N GLN A 92 -2.64 -10.77 -10.35
CA GLN A 92 -1.44 -10.93 -11.19
C GLN A 92 -0.27 -11.68 -10.51
N ILE A 93 -0.05 -11.46 -9.21
CA ILE A 93 1.06 -12.11 -8.48
C ILE A 93 0.78 -13.62 -8.32
N ASN A 94 -0.48 -14.04 -8.47
CA ASN A 94 -0.92 -15.44 -8.38
C ASN A 94 -0.16 -16.36 -9.35
N GLN A 95 0.07 -15.92 -10.59
CA GLN A 95 0.85 -16.66 -11.58
C GLN A 95 2.33 -16.72 -11.20
N ALA A 96 2.89 -15.60 -10.73
CA ALA A 96 4.30 -15.49 -10.35
C ALA A 96 4.65 -16.37 -9.14
N LEU A 97 3.80 -16.39 -8.11
CA LEU A 97 4.01 -17.21 -6.91
C LEU A 97 3.75 -18.71 -7.14
N LEU A 98 2.82 -19.03 -8.06
CA LEU A 98 2.50 -20.41 -8.44
C LEU A 98 3.61 -21.01 -9.32
N SER A 99 4.19 -20.23 -10.23
CA SER A 99 5.20 -20.69 -11.19
C SER A 99 6.45 -21.34 -10.54
N THR A 100 6.76 -20.95 -9.30
CA THR A 100 7.86 -21.48 -8.47
C THR A 100 7.39 -22.23 -7.22
N GLY A 101 6.11 -22.57 -7.15
CA GLY A 101 5.45 -23.18 -6.00
C GLY A 101 4.12 -23.85 -6.36
N ASP A 102 4.13 -24.74 -7.36
CA ASP A 102 2.92 -25.44 -7.83
C ASP A 102 2.26 -26.32 -6.76
N LEU A 103 0.97 -26.60 -6.95
CA LEU A 103 0.19 -27.54 -6.15
C LEU A 103 0.61 -29.01 -6.39
N ALA A 104 0.25 -29.88 -5.43
CA ALA A 104 0.53 -31.33 -5.49
C ALA A 104 -0.53 -32.21 -4.79
N HIS A 105 -1.78 -31.72 -4.67
CA HIS A 105 -2.87 -32.38 -3.94
C HIS A 105 -4.03 -32.80 -4.86
N ASP A 106 -4.53 -31.89 -5.69
CA ASP A 106 -5.67 -32.06 -6.60
C ASP A 106 -5.38 -31.55 -8.03
N GLU A 107 -4.19 -31.88 -8.54
CA GLU A 107 -3.71 -31.49 -9.89
C GLU A 107 -4.64 -31.96 -11.02
N PHE A 108 -5.13 -33.21 -10.94
CA PHE A 108 -5.80 -33.93 -12.03
C PHE A 108 -7.04 -34.71 -11.55
N ALA A 1 15.54 -14.54 -11.02
CA ALA A 1 15.50 -13.10 -11.41
C ALA A 1 15.66 -12.18 -10.18
N VAL A 2 16.12 -10.94 -10.39
CA VAL A 2 16.30 -9.89 -9.36
C VAL A 2 15.79 -8.52 -9.84
N GLU A 3 15.54 -7.60 -8.90
CA GLU A 3 15.17 -6.20 -9.16
C GLU A 3 15.90 -5.25 -8.19
N VAL A 4 16.25 -4.05 -8.66
CA VAL A 4 17.10 -3.06 -7.95
C VAL A 4 16.29 -1.82 -7.51
N GLU A 5 15.01 -2.05 -7.19
CA GLU A 5 14.00 -1.03 -6.81
C GLU A 5 13.83 0.06 -7.89
N VAL A 6 13.91 -0.33 -9.16
CA VAL A 6 13.88 0.56 -10.33
C VAL A 6 12.50 1.25 -10.52
N PRO A 7 11.35 0.54 -10.56
CA PRO A 7 10.04 1.17 -10.73
C PRO A 7 9.50 1.79 -9.43
N GLY A 8 8.43 2.58 -9.57
CA GLY A 8 7.67 3.20 -8.48
C GLY A 8 7.10 4.58 -8.83
N LEU A 9 5.91 4.89 -8.31
CA LEU A 9 5.26 6.21 -8.47
C LEU A 9 4.49 6.69 -7.22
N LEU A 10 4.99 6.36 -6.02
CA LEU A 10 4.46 6.89 -4.76
C LEU A 10 4.56 8.41 -4.79
N THR A 11 3.41 9.07 -4.61
CA THR A 11 3.31 10.53 -4.49
C THR A 11 2.55 10.90 -3.22
N ASP A 12 3.03 11.95 -2.56
CA ASP A 12 2.42 12.59 -1.40
C ASP A 12 1.16 13.42 -1.79
N HIS A 13 0.15 12.75 -2.37
CA HIS A 13 -1.17 13.32 -2.65
C HIS A 13 -2.02 13.36 -1.36
N THR A 14 -1.40 13.79 -0.25
CA THR A 14 -1.98 13.79 1.09
C THR A 14 -1.77 15.13 1.82
N VAL A 15 -2.82 15.66 2.46
CA VAL A 15 -2.87 17.04 3.02
C VAL A 15 -3.46 17.13 4.44
N SER A 16 -3.22 16.09 5.26
CA SER A 16 -3.75 15.92 6.62
C SER A 16 -2.63 15.75 7.65
N SER A 17 -2.86 16.17 8.90
CA SER A 17 -1.88 16.03 10.01
C SER A 17 -1.50 14.57 10.30
N ILE A 18 -2.38 13.61 10.03
CA ILE A 18 -2.10 12.16 10.00
C ILE A 18 -1.82 11.65 8.57
N GLY A 19 -2.59 12.06 7.56
CA GLY A 19 -2.44 11.53 6.20
C GLY A 19 -1.11 11.90 5.51
N HIS A 20 -0.51 13.04 5.85
CA HIS A 20 0.84 13.44 5.43
C HIS A 20 1.92 12.51 6.01
N ASP A 21 1.74 12.06 7.26
CA ASP A 21 2.65 11.12 7.91
C ASP A 21 2.43 9.68 7.42
N PHE A 22 1.20 9.28 7.07
CA PHE A 22 0.94 7.97 6.46
C PHE A 22 1.77 7.77 5.20
N TYR A 23 1.88 8.79 4.34
CA TYR A 23 2.74 8.73 3.14
C TYR A 23 4.17 8.29 3.49
N ARG A 24 4.81 9.01 4.42
CA ARG A 24 6.21 8.80 4.81
C ARG A 24 6.40 7.46 5.54
N ALA A 25 5.50 7.16 6.48
CA ALA A 25 5.52 5.91 7.24
C ALA A 25 5.28 4.69 6.35
N PHE A 26 4.33 4.75 5.41
CA PHE A 26 4.08 3.68 4.44
C PHE A 26 5.32 3.45 3.56
N SER A 27 5.85 4.50 2.93
CA SER A 27 6.99 4.39 2.00
C SER A 27 8.29 3.93 2.69
N ASP A 28 8.46 4.23 3.98
CA ASP A 28 9.59 3.76 4.81
C ASP A 28 9.61 2.24 5.00
N LYS A 29 8.44 1.57 5.06
CA LYS A 29 8.33 0.10 5.18
C LYS A 29 7.77 -0.62 3.93
N TRP A 30 7.46 0.11 2.86
CA TRP A 30 6.94 -0.45 1.61
C TRP A 30 7.93 -1.39 0.91
N GLU A 31 7.44 -2.57 0.53
CA GLU A 31 8.11 -3.57 -0.31
C GLU A 31 7.05 -4.51 -0.92
N SER A 32 7.17 -4.84 -2.21
CA SER A 32 6.27 -5.80 -2.88
C SER A 32 6.95 -6.55 -4.03
N ASP A 33 6.33 -7.64 -4.50
CA ASP A 33 6.88 -8.54 -5.53
C ASP A 33 6.57 -8.10 -6.98
N TYR A 34 5.50 -7.32 -7.17
CA TYR A 34 5.11 -6.72 -8.47
C TYR A 34 5.86 -5.40 -8.75
N THR A 35 5.45 -4.69 -9.81
CA THR A 35 6.11 -3.48 -10.35
C THR A 35 5.97 -2.23 -9.47
N GLY A 36 5.22 -2.28 -8.36
CA GLY A 36 5.21 -1.20 -7.35
C GLY A 36 4.63 0.13 -7.82
N ASN A 37 3.78 0.13 -8.84
CA ASN A 37 3.21 1.35 -9.43
C ASN A 37 1.97 1.85 -8.65
N LEU A 38 2.18 2.26 -7.41
CA LEU A 38 1.14 2.73 -6.48
C LEU A 38 1.34 4.16 -5.97
N THR A 39 0.24 4.84 -5.61
CA THR A 39 0.24 6.16 -4.97
C THR A 39 -0.79 6.24 -3.84
N ILE A 40 -0.64 7.22 -2.95
CA ILE A 40 -1.39 7.36 -1.69
C ILE A 40 -2.17 8.68 -1.73
N ASN A 41 -3.48 8.59 -1.50
CA ASN A 41 -4.41 9.72 -1.57
C ASN A 41 -5.12 9.82 -0.21
N GLU A 42 -5.43 11.03 0.28
CA GLU A 42 -6.30 11.18 1.46
C GLU A 42 -7.41 12.23 1.28
N ARG A 43 -8.52 12.06 2.00
CA ARG A 43 -9.57 13.08 2.13
C ARG A 43 -9.69 13.53 3.59
N PRO A 44 -9.42 14.82 3.89
CA PRO A 44 -9.47 15.35 5.25
C PRO A 44 -10.92 15.63 5.65
N SER A 45 -11.36 15.02 6.75
CA SER A 45 -12.77 15.00 7.18
C SER A 45 -12.87 15.16 8.69
N ALA A 46 -13.19 16.38 9.15
CA ALA A 46 -13.15 16.78 10.56
C ALA A 46 -14.14 16.03 11.48
N ARG A 47 -15.07 15.25 10.90
CA ARG A 47 -15.89 14.25 11.60
C ARG A 47 -15.08 13.23 12.42
N ALA A 48 -13.85 12.90 11.97
CA ALA A 48 -13.02 11.86 12.60
C ALA A 48 -11.50 11.93 12.31
N GLY A 49 -11.04 12.53 11.20
CA GLY A 49 -9.62 12.49 10.78
C GLY A 49 -9.44 12.54 9.27
N SER A 50 -8.93 11.45 8.67
CA SER A 50 -8.75 11.33 7.22
C SER A 50 -9.20 9.97 6.67
N TRP A 51 -9.78 9.96 5.47
CA TRP A 51 -9.83 8.76 4.64
C TRP A 51 -8.49 8.59 3.94
N ILE A 52 -7.90 7.39 3.98
CA ILE A 52 -6.71 7.02 3.19
C ILE A 52 -7.13 6.04 2.10
N THR A 53 -6.69 6.29 0.86
CA THR A 53 -7.02 5.50 -0.32
C THR A 53 -5.77 5.30 -1.17
N ILE A 54 -5.33 4.05 -1.31
CA ILE A 54 -4.17 3.69 -2.13
C ILE A 54 -4.64 3.16 -3.49
N THR A 55 -4.07 3.72 -4.55
CA THR A 55 -4.39 3.41 -5.94
C THR A 55 -3.16 2.85 -6.67
N VAL A 56 -3.36 1.83 -7.50
CA VAL A 56 -2.33 1.25 -8.41
C VAL A 56 -2.61 1.78 -9.81
N ASN A 57 -1.65 2.54 -10.35
CA ASN A 57 -1.73 3.38 -11.57
C ASN A 57 -2.90 4.39 -11.55
N GLN A 58 -4.13 3.89 -11.72
CA GLN A 58 -5.38 4.65 -11.77
C GLN A 58 -6.57 3.93 -11.08
N ASP A 59 -6.33 2.79 -10.41
CA ASP A 59 -7.34 1.91 -9.84
C ASP A 59 -7.21 1.78 -8.33
N VAL A 60 -8.30 1.95 -7.57
CA VAL A 60 -8.29 1.72 -6.11
C VAL A 60 -8.24 0.23 -5.78
N ILE A 61 -7.42 -0.11 -4.78
CA ILE A 61 -7.27 -1.50 -4.29
C ILE A 61 -7.43 -1.64 -2.77
N PHE A 62 -7.15 -0.59 -2.00
CA PHE A 62 -7.35 -0.58 -0.55
C PHE A 62 -7.63 0.84 -0.06
N GLN A 63 -8.48 0.94 0.97
CA GLN A 63 -8.78 2.19 1.65
C GLN A 63 -9.25 1.96 3.09
N THR A 64 -8.92 2.90 3.99
CA THR A 64 -9.22 2.83 5.43
C THR A 64 -9.30 4.23 6.07
N PHE A 65 -9.89 4.34 7.26
CA PHE A 65 -9.98 5.60 8.00
C PHE A 65 -8.84 5.71 9.03
N LEU A 66 -8.14 6.85 9.04
CA LEU A 66 -7.16 7.23 10.05
C LEU A 66 -7.74 8.23 11.06
N PHE A 67 -7.33 8.07 12.33
CA PHE A 67 -7.78 8.91 13.46
C PHE A 67 -6.57 9.54 14.19
N PRO A 68 -6.57 10.87 14.45
CA PRO A 68 -5.44 11.58 15.03
C PRO A 68 -5.33 11.43 16.57
N LEU A 69 -6.47 11.22 17.26
CA LEU A 69 -6.54 11.08 18.72
C LEU A 69 -6.18 9.65 19.19
N LYS A 70 -6.36 8.66 18.31
CA LYS A 70 -6.11 7.23 18.58
C LYS A 70 -4.68 6.82 18.23
N ARG A 71 -4.24 5.66 18.74
CA ARG A 71 -2.87 5.12 18.57
C ARG A 71 -2.75 4.02 17.50
N ASP A 72 -3.78 3.81 16.69
CA ASP A 72 -3.78 2.79 15.62
C ASP A 72 -2.89 3.14 14.42
N PHE A 73 -2.50 4.41 14.24
CA PHE A 73 -1.83 4.90 13.03
C PHE A 73 -0.68 3.98 12.56
N GLU A 74 0.23 3.59 13.46
CA GLU A 74 1.36 2.71 13.10
C GLU A 74 0.90 1.33 12.63
N LYS A 75 -0.10 0.78 13.33
CA LYS A 75 -0.71 -0.53 13.03
C LYS A 75 -1.43 -0.48 11.68
N THR A 76 -2.21 0.56 11.44
CA THR A 76 -2.91 0.85 10.18
C THR A 76 -1.93 1.05 9.02
N VAL A 77 -0.79 1.72 9.22
CA VAL A 77 0.29 1.82 8.21
C VAL A 77 0.83 0.44 7.87
N VAL A 78 1.26 -0.36 8.86
CA VAL A 78 1.86 -1.69 8.63
C VAL A 78 0.84 -2.63 7.97
N ALA A 79 -0.42 -2.56 8.38
CA ALA A 79 -1.50 -3.37 7.83
C ALA A 79 -1.86 -2.99 6.39
N ALA A 80 -1.74 -1.70 6.01
CA ALA A 80 -1.96 -1.26 4.63
C ALA A 80 -0.91 -1.83 3.67
N LEU A 81 0.30 -2.15 4.14
CA LEU A 81 1.36 -2.75 3.30
C LEU A 81 0.91 -4.13 2.79
N ILE A 82 0.40 -4.96 3.72
CA ILE A 82 -0.12 -6.31 3.44
C ILE A 82 -1.40 -6.22 2.60
N GLN A 83 -2.34 -5.35 2.99
CA GLN A 83 -3.65 -5.23 2.32
C GLN A 83 -3.52 -4.67 0.89
N THR A 84 -2.48 -3.89 0.62
CA THR A 84 -2.13 -3.44 -0.74
C THR A 84 -1.74 -4.62 -1.63
N GLU A 85 -0.85 -5.52 -1.18
CA GLU A 85 -0.48 -6.67 -2.00
C GLU A 85 -1.58 -7.74 -2.04
N GLU A 86 -2.41 -7.89 -1.01
CA GLU A 86 -3.51 -8.87 -0.98
C GLU A 86 -4.54 -8.65 -2.10
N ALA A 87 -4.74 -7.39 -2.53
CA ALA A 87 -5.53 -7.08 -3.72
C ALA A 87 -4.90 -7.63 -5.00
N LEU A 88 -3.58 -7.48 -5.16
CA LEU A 88 -2.84 -7.85 -6.38
C LEU A 88 -2.48 -9.33 -6.41
N ASN A 89 -2.43 -9.97 -5.24
CA ASN A 89 -2.16 -11.40 -5.05
C ASN A 89 -3.20 -12.30 -5.70
N ARG A 90 -4.45 -11.86 -5.84
CA ARG A 90 -5.54 -12.55 -6.57
C ARG A 90 -5.66 -12.11 -8.05
N ARG A 91 -5.05 -10.98 -8.42
CA ARG A 91 -5.08 -10.40 -9.78
C ARG A 91 -3.99 -10.98 -10.69
N GLN A 92 -2.74 -10.93 -10.21
CA GLN A 92 -1.55 -11.15 -11.05
C GLN A 92 -0.42 -11.94 -10.37
N ILE A 93 -0.15 -11.70 -9.07
CA ILE A 93 0.96 -12.39 -8.36
C ILE A 93 0.64 -13.89 -8.18
N ASN A 94 -0.63 -14.28 -8.29
CA ASN A 94 -1.12 -15.66 -8.16
C ASN A 94 -0.41 -16.63 -9.12
N GLN A 95 -0.18 -16.21 -10.36
CA GLN A 95 0.53 -17.02 -11.37
C GLN A 95 2.04 -17.12 -11.04
N ALA A 96 2.65 -16.01 -10.63
CA ALA A 96 4.05 -15.94 -10.24
C ALA A 96 4.37 -16.87 -9.05
N LEU A 97 3.53 -16.83 -7.99
CA LEU A 97 3.72 -17.69 -6.81
C LEU A 97 3.34 -19.17 -7.02
N LEU A 98 2.55 -19.45 -8.06
CA LEU A 98 2.14 -20.80 -8.44
C LEU A 98 3.18 -21.50 -9.33
N SER A 99 3.55 -20.89 -10.47
CA SER A 99 4.41 -21.52 -11.49
C SER A 99 5.36 -20.61 -12.27
N THR A 100 5.10 -19.29 -12.36
CA THR A 100 5.67 -18.41 -13.41
C THR A 100 7.02 -17.79 -13.02
N GLY A 101 7.93 -18.66 -12.58
CA GLY A 101 9.37 -18.41 -12.50
C GLY A 101 9.85 -17.61 -11.27
N ASP A 102 8.97 -17.39 -10.30
CA ASP A 102 9.25 -16.70 -9.03
C ASP A 102 9.26 -17.64 -7.80
N LEU A 103 9.67 -17.11 -6.65
CA LEU A 103 9.61 -17.81 -5.36
C LEU A 103 8.18 -18.23 -4.98
N ALA A 104 8.06 -19.22 -4.11
CA ALA A 104 6.77 -19.82 -3.77
C ALA A 104 6.70 -20.41 -2.34
N HIS A 105 7.49 -19.86 -1.42
CA HIS A 105 7.80 -20.48 -0.12
C HIS A 105 6.76 -20.18 0.99
N ASP A 106 6.30 -18.94 1.09
CA ASP A 106 5.32 -18.49 2.11
C ASP A 106 4.45 -17.32 1.59
N GLU A 107 4.11 -17.34 0.30
CA GLU A 107 3.63 -16.15 -0.43
C GLU A 107 2.12 -15.89 -0.33
N PHE A 108 1.36 -16.96 -0.10
CA PHE A 108 -0.09 -17.08 -0.17
C PHE A 108 -0.75 -17.47 1.17
N ALA A 1 20.05 -14.64 -9.81
CA ALA A 1 18.85 -13.77 -9.93
C ALA A 1 19.20 -12.28 -9.71
N VAL A 2 18.37 -11.36 -10.21
CA VAL A 2 18.52 -9.89 -10.06
C VAL A 2 17.21 -9.26 -9.59
N GLU A 3 17.27 -8.37 -8.61
CA GLU A 3 16.14 -7.57 -8.11
C GLU A 3 16.64 -6.20 -7.63
N VAL A 4 16.07 -5.10 -8.18
CA VAL A 4 16.45 -3.71 -7.87
C VAL A 4 15.19 -2.84 -7.80
N GLU A 5 15.18 -1.80 -6.97
CA GLU A 5 14.07 -0.85 -6.78
C GLU A 5 13.96 0.17 -7.94
N VAL A 6 13.87 -0.34 -9.18
CA VAL A 6 13.82 0.44 -10.43
C VAL A 6 12.47 1.16 -10.64
N PRO A 7 11.30 0.48 -10.62
CA PRO A 7 10.00 1.13 -10.79
C PRO A 7 9.48 1.75 -9.48
N GLY A 8 8.41 2.54 -9.60
CA GLY A 8 7.67 3.15 -8.50
C GLY A 8 7.10 4.53 -8.84
N LEU A 9 5.90 4.86 -8.32
CA LEU A 9 5.24 6.17 -8.48
C LEU A 9 4.47 6.64 -7.23
N LEU A 10 4.98 6.31 -6.02
CA LEU A 10 4.44 6.84 -4.76
C LEU A 10 4.54 8.37 -4.78
N THR A 11 3.39 9.03 -4.63
CA THR A 11 3.28 10.48 -4.51
C THR A 11 2.52 10.85 -3.24
N ASP A 12 2.99 11.91 -2.58
CA ASP A 12 2.37 12.55 -1.43
C ASP A 12 1.12 13.37 -1.84
N HIS A 13 0.12 12.70 -2.41
CA HIS A 13 -1.22 13.27 -2.69
C HIS A 13 -2.07 13.33 -1.41
N THR A 14 -1.44 13.77 -0.31
CA THR A 14 -1.99 13.76 1.05
C THR A 14 -1.76 15.09 1.78
N VAL A 15 -2.81 15.64 2.42
CA VAL A 15 -2.84 17.02 2.97
C VAL A 15 -3.42 17.12 4.40
N SER A 16 -3.17 16.08 5.21
CA SER A 16 -3.67 15.93 6.58
C SER A 16 -2.54 15.72 7.59
N SER A 17 -2.71 16.14 8.85
CA SER A 17 -1.70 15.95 9.91
C SER A 17 -1.34 14.47 10.15
N ILE A 18 -2.32 13.55 9.98
CA ILE A 18 -2.11 12.10 9.95
C ILE A 18 -1.90 11.57 8.52
N GLY A 19 -2.66 12.03 7.52
CA GLY A 19 -2.55 11.48 6.16
C GLY A 19 -1.23 11.80 5.44
N HIS A 20 -0.58 12.92 5.78
CA HIS A 20 0.77 13.25 5.32
C HIS A 20 1.80 12.32 5.97
N ASP A 21 1.63 11.99 7.24
CA ASP A 21 2.51 11.05 7.94
C ASP A 21 2.32 9.62 7.43
N PHE A 22 1.10 9.21 7.06
CA PHE A 22 0.86 7.89 6.43
C PHE A 22 1.71 7.72 5.19
N TYR A 23 1.81 8.73 4.33
CA TYR A 23 2.68 8.67 3.14
C TYR A 23 4.12 8.31 3.50
N ARG A 24 4.73 9.05 4.44
CA ARG A 24 6.13 8.89 4.85
C ARG A 24 6.36 7.56 5.56
N ALA A 25 5.46 7.20 6.47
CA ALA A 25 5.52 5.94 7.22
C ALA A 25 5.30 4.72 6.31
N PHE A 26 4.33 4.75 5.39
CA PHE A 26 4.09 3.67 4.44
C PHE A 26 5.32 3.45 3.56
N SER A 27 5.85 4.50 2.92
CA SER A 27 6.99 4.39 2.00
C SER A 27 8.28 3.94 2.70
N ASP A 28 8.45 4.26 3.99
CA ASP A 28 9.57 3.79 4.82
C ASP A 28 9.60 2.27 5.03
N LYS A 29 8.42 1.60 5.09
CA LYS A 29 8.31 0.13 5.23
C LYS A 29 7.76 -0.61 3.99
N TRP A 30 7.46 0.11 2.91
CA TRP A 30 6.97 -0.47 1.66
C TRP A 30 7.97 -1.44 1.00
N GLU A 31 7.48 -2.59 0.57
CA GLU A 31 8.20 -3.64 -0.18
C GLU A 31 7.19 -4.50 -0.96
N SER A 32 7.51 -4.86 -2.22
CA SER A 32 6.59 -5.60 -3.09
C SER A 32 7.29 -6.49 -4.14
N ASP A 33 6.60 -7.55 -4.57
CA ASP A 33 7.08 -8.49 -5.60
C ASP A 33 6.75 -8.04 -7.04
N TYR A 34 5.65 -7.29 -7.22
CA TYR A 34 5.21 -6.73 -8.50
C TYR A 34 5.95 -5.42 -8.85
N THR A 35 5.46 -4.72 -9.88
CA THR A 35 6.07 -3.50 -10.45
C THR A 35 5.93 -2.26 -9.56
N GLY A 36 5.23 -2.33 -8.42
CA GLY A 36 5.22 -1.26 -7.40
C GLY A 36 4.61 0.08 -7.83
N ASN A 37 3.76 0.08 -8.85
CA ASN A 37 3.17 1.30 -9.42
C ASN A 37 1.95 1.79 -8.64
N LEU A 38 2.16 2.21 -7.40
CA LEU A 38 1.12 2.68 -6.47
C LEU A 38 1.32 4.12 -5.97
N THR A 39 0.21 4.79 -5.63
CA THR A 39 0.21 6.11 -5.00
C THR A 39 -0.84 6.19 -3.87
N ILE A 40 -0.69 7.18 -2.98
CA ILE A 40 -1.45 7.32 -1.73
C ILE A 40 -2.22 8.64 -1.77
N ASN A 41 -3.52 8.56 -1.51
CA ASN A 41 -4.46 9.68 -1.58
C ASN A 41 -5.17 9.79 -0.23
N GLU A 42 -5.46 11.00 0.27
CA GLU A 42 -6.31 11.17 1.46
C GLU A 42 -7.42 12.22 1.28
N ARG A 43 -8.53 12.06 2.02
CA ARG A 43 -9.59 13.06 2.14
C ARG A 43 -9.70 13.54 3.60
N PRO A 44 -9.43 14.83 3.88
CA PRO A 44 -9.46 15.37 5.24
C PRO A 44 -10.90 15.68 5.65
N SER A 45 -11.34 15.09 6.75
CA SER A 45 -12.75 15.10 7.20
C SER A 45 -12.82 15.26 8.72
N ALA A 46 -13.06 16.49 9.18
CA ALA A 46 -12.97 16.89 10.59
C ALA A 46 -13.97 16.19 11.54
N ARG A 47 -14.96 15.47 10.98
CA ARG A 47 -15.81 14.51 11.70
C ARG A 47 -15.02 13.44 12.48
N ALA A 48 -13.82 13.05 12.00
CA ALA A 48 -13.03 11.97 12.58
C ALA A 48 -11.50 11.99 12.29
N GLY A 49 -11.03 12.59 11.18
CA GLY A 49 -9.61 12.54 10.78
C GLY A 49 -9.43 12.58 9.25
N SER A 50 -8.94 11.49 8.66
CA SER A 50 -8.77 11.35 7.21
C SER A 50 -9.22 9.98 6.68
N TRP A 51 -9.80 9.96 5.46
CA TRP A 51 -9.84 8.75 4.65
C TRP A 51 -8.49 8.58 3.97
N ILE A 52 -7.92 7.38 3.98
CA ILE A 52 -6.73 7.00 3.21
C ILE A 52 -7.14 6.01 2.12
N THR A 53 -6.70 6.26 0.89
CA THR A 53 -7.04 5.46 -0.30
C THR A 53 -5.79 5.25 -1.14
N ILE A 54 -5.34 4.00 -1.29
CA ILE A 54 -4.18 3.63 -2.11
C ILE A 54 -4.65 3.10 -3.46
N THR A 55 -4.08 3.65 -4.53
CA THR A 55 -4.40 3.32 -5.92
C THR A 55 -3.18 2.76 -6.65
N VAL A 56 -3.36 1.72 -7.47
CA VAL A 56 -2.35 1.17 -8.38
C VAL A 56 -2.63 1.68 -9.78
N ASN A 57 -1.69 2.46 -10.33
CA ASN A 57 -1.78 3.29 -11.54
C ASN A 57 -2.95 4.29 -11.52
N GLN A 58 -4.18 3.78 -11.69
CA GLN A 58 -5.44 4.53 -11.72
C GLN A 58 -6.62 3.80 -11.03
N ASP A 59 -6.35 2.67 -10.37
CA ASP A 59 -7.36 1.77 -9.79
C ASP A 59 -7.22 1.67 -8.27
N VAL A 60 -8.31 1.84 -7.51
CA VAL A 60 -8.29 1.63 -6.05
C VAL A 60 -8.23 0.14 -5.71
N ILE A 61 -7.41 -0.20 -4.71
CA ILE A 61 -7.26 -1.57 -4.21
C ILE A 61 -7.42 -1.70 -2.69
N PHE A 62 -7.13 -0.65 -1.93
CA PHE A 62 -7.34 -0.62 -0.47
C PHE A 62 -7.63 0.79 0.01
N GLN A 63 -8.47 0.91 1.03
CA GLN A 63 -8.78 2.16 1.70
C GLN A 63 -9.24 1.94 3.16
N THR A 64 -8.92 2.88 4.04
CA THR A 64 -9.22 2.82 5.48
C THR A 64 -9.31 4.22 6.09
N PHE A 65 -9.91 4.35 7.28
CA PHE A 65 -10.00 5.61 8.02
C PHE A 65 -8.86 5.73 9.04
N LEU A 66 -8.16 6.87 9.04
CA LEU A 66 -7.18 7.26 10.06
C LEU A 66 -7.76 8.29 11.06
N PHE A 67 -7.36 8.15 12.32
CA PHE A 67 -7.80 8.98 13.44
C PHE A 67 -6.60 9.62 14.16
N PRO A 68 -6.60 10.94 14.43
CA PRO A 68 -5.47 11.66 15.03
C PRO A 68 -5.37 11.49 16.56
N LEU A 69 -6.52 11.30 17.24
CA LEU A 69 -6.59 11.18 18.70
C LEU A 69 -6.31 9.74 19.20
N LYS A 70 -6.61 8.74 18.36
CA LYS A 70 -6.34 7.31 18.63
C LYS A 70 -4.90 6.92 18.26
N ARG A 71 -4.45 5.76 18.77
CA ARG A 71 -3.06 5.25 18.66
C ARG A 71 -2.87 4.07 17.70
N ASP A 72 -3.82 3.88 16.77
CA ASP A 72 -3.76 2.82 15.74
C ASP A 72 -2.86 3.15 14.55
N PHE A 73 -2.47 4.42 14.35
CA PHE A 73 -1.82 4.90 13.11
C PHE A 73 -0.68 3.99 12.61
N GLU A 74 0.24 3.60 13.49
CA GLU A 74 1.38 2.73 13.13
C GLU A 74 0.91 1.34 12.66
N LYS A 75 -0.08 0.79 13.35
CA LYS A 75 -0.68 -0.51 13.05
C LYS A 75 -1.45 -0.45 11.72
N THR A 76 -2.22 0.60 11.50
CA THR A 76 -2.92 0.88 10.24
C THR A 76 -1.96 1.08 9.06
N VAL A 77 -0.82 1.74 9.25
CA VAL A 77 0.25 1.84 8.24
C VAL A 77 0.80 0.45 7.89
N VAL A 78 1.23 -0.33 8.89
CA VAL A 78 1.83 -1.67 8.67
C VAL A 78 0.83 -2.62 8.02
N ALA A 79 -0.44 -2.54 8.41
CA ALA A 79 -1.50 -3.38 7.87
C ALA A 79 -1.85 -3.01 6.42
N ALA A 80 -1.75 -1.74 6.04
CA ALA A 80 -1.96 -1.31 4.65
C ALA A 80 -0.91 -1.88 3.69
N LEU A 81 0.31 -2.18 4.17
CA LEU A 81 1.38 -2.78 3.35
C LEU A 81 0.94 -4.16 2.84
N ILE A 82 0.42 -4.99 3.76
CA ILE A 82 -0.08 -6.35 3.48
C ILE A 82 -1.35 -6.26 2.64
N GLN A 83 -2.31 -5.40 3.02
CA GLN A 83 -3.60 -5.30 2.33
C GLN A 83 -3.47 -4.73 0.90
N THR A 84 -2.42 -3.96 0.63
CA THR A 84 -2.06 -3.52 -0.73
C THR A 84 -1.66 -4.70 -1.61
N GLU A 85 -0.80 -5.61 -1.14
CA GLU A 85 -0.44 -6.79 -1.96
C GLU A 85 -1.58 -7.82 -2.02
N GLU A 86 -2.41 -7.96 -0.98
CA GLU A 86 -3.50 -8.93 -0.95
C GLU A 86 -4.58 -8.69 -2.02
N ALA A 87 -4.75 -7.45 -2.47
CA ALA A 87 -5.54 -7.14 -3.66
C ALA A 87 -4.90 -7.71 -4.93
N LEU A 88 -3.58 -7.57 -5.10
CA LEU A 88 -2.84 -7.95 -6.31
C LEU A 88 -2.48 -9.44 -6.33
N ASN A 89 -2.49 -10.09 -5.16
CA ASN A 89 -2.23 -11.51 -4.92
C ASN A 89 -3.25 -12.42 -5.60
N ARG A 90 -4.48 -11.94 -5.80
CA ARG A 90 -5.54 -12.62 -6.58
C ARG A 90 -5.61 -12.18 -8.06
N ARG A 91 -5.03 -11.02 -8.39
CA ARG A 91 -5.09 -10.38 -9.73
C ARG A 91 -4.01 -10.90 -10.68
N GLN A 92 -2.74 -10.77 -10.26
CA GLN A 92 -1.56 -10.95 -11.13
C GLN A 92 -0.40 -11.69 -10.47
N ILE A 93 -0.12 -11.42 -9.18
CA ILE A 93 0.96 -12.12 -8.43
C ILE A 93 0.59 -13.62 -8.27
N ASN A 94 -0.70 -13.93 -8.39
CA ASN A 94 -1.29 -15.27 -8.47
C ASN A 94 -0.58 -16.18 -9.50
N GLN A 95 -0.17 -15.64 -10.65
CA GLN A 95 0.53 -16.39 -11.70
C GLN A 95 2.02 -16.61 -11.37
N ALA A 96 2.64 -15.68 -10.64
CA ALA A 96 4.03 -15.78 -10.19
C ALA A 96 4.19 -16.78 -9.04
N LEU A 97 3.27 -16.78 -8.07
CA LEU A 97 3.30 -17.71 -6.91
C LEU A 97 2.92 -19.16 -7.25
N LEU A 98 2.20 -19.34 -8.36
CA LEU A 98 1.78 -20.65 -8.89
C LEU A 98 2.97 -21.53 -9.37
N SER A 99 4.10 -20.93 -9.77
CA SER A 99 5.32 -21.61 -10.25
C SER A 99 5.02 -22.61 -11.38
N THR A 100 4.59 -22.09 -12.54
CA THR A 100 4.12 -22.86 -13.70
C THR A 100 5.19 -23.72 -14.40
N GLY A 101 6.48 -23.42 -14.18
CA GLY A 101 7.62 -24.14 -14.76
C GLY A 101 8.05 -23.65 -16.16
N ASP A 102 7.35 -22.66 -16.72
CA ASP A 102 7.78 -21.92 -17.92
C ASP A 102 8.87 -20.88 -17.60
N LEU A 103 9.58 -20.39 -18.63
CA LEU A 103 10.61 -19.37 -18.48
C LEU A 103 10.03 -18.05 -17.91
N ALA A 104 10.78 -17.45 -16.97
CA ALA A 104 10.59 -16.09 -16.50
C ALA A 104 11.93 -15.41 -16.13
N HIS A 105 12.99 -15.74 -16.89
CA HIS A 105 14.39 -15.52 -16.51
C HIS A 105 15.02 -14.37 -17.31
N ASP A 106 15.55 -13.37 -16.59
CA ASP A 106 16.26 -12.19 -17.12
C ASP A 106 15.47 -11.41 -18.19
N GLU A 107 14.14 -11.33 -18.02
CA GLU A 107 13.24 -10.78 -19.03
C GLU A 107 13.28 -9.24 -19.16
N PHE A 108 13.57 -8.55 -18.05
CA PHE A 108 13.57 -7.08 -17.91
C PHE A 108 14.74 -6.57 -17.06
N ALA A 1 19.06 -15.22 -7.67
CA ALA A 1 18.06 -14.26 -8.21
C ALA A 1 18.55 -12.80 -8.10
N VAL A 2 18.02 -11.90 -8.95
CA VAL A 2 18.35 -10.46 -8.96
C VAL A 2 17.07 -9.61 -9.05
N GLU A 3 16.92 -8.66 -8.13
CA GLU A 3 15.87 -7.61 -8.13
C GLU A 3 16.48 -6.26 -7.67
N VAL A 4 15.98 -5.15 -8.25
CA VAL A 4 16.42 -3.77 -7.96
C VAL A 4 15.19 -2.86 -7.88
N GLU A 5 15.23 -1.82 -7.05
CA GLU A 5 14.12 -0.86 -6.83
C GLU A 5 13.97 0.16 -7.98
N VAL A 6 13.86 -0.34 -9.21
CA VAL A 6 13.80 0.42 -10.46
C VAL A 6 12.44 1.15 -10.66
N PRO A 7 11.27 0.47 -10.63
CA PRO A 7 9.97 1.13 -10.79
C PRO A 7 9.47 1.75 -9.47
N GLY A 8 8.41 2.55 -9.60
CA GLY A 8 7.68 3.17 -8.48
C GLY A 8 7.10 4.56 -8.81
N LEU A 9 5.91 4.88 -8.30
CA LEU A 9 5.26 6.19 -8.47
C LEU A 9 4.47 6.66 -7.22
N LEU A 10 4.97 6.33 -6.01
CA LEU A 10 4.42 6.86 -4.76
C LEU A 10 4.51 8.39 -4.78
N THR A 11 3.37 9.05 -4.63
CA THR A 11 3.26 10.50 -4.51
C THR A 11 2.50 10.88 -3.24
N ASP A 12 2.96 11.94 -2.59
CA ASP A 12 2.32 12.59 -1.44
C ASP A 12 1.07 13.39 -1.86
N HIS A 13 0.07 12.70 -2.43
CA HIS A 13 -1.26 13.25 -2.73
C HIS A 13 -2.12 13.32 -1.44
N THR A 14 -1.51 13.77 -0.35
CA THR A 14 -2.07 13.77 1.00
C THR A 14 -1.89 15.13 1.70
N VAL A 15 -2.95 15.66 2.35
CA VAL A 15 -3.00 17.04 2.90
C VAL A 15 -3.57 17.12 4.33
N SER A 16 -3.27 16.10 5.14
CA SER A 16 -3.76 15.93 6.52
C SER A 16 -2.61 15.76 7.52
N SER A 17 -2.79 16.13 8.78
CA SER A 17 -1.78 15.96 9.84
C SER A 17 -1.37 14.49 10.06
N ILE A 18 -2.32 13.57 9.93
CA ILE A 18 -2.10 12.11 9.92
C ILE A 18 -1.89 11.58 8.51
N GLY A 19 -2.65 12.04 7.50
CA GLY A 19 -2.52 11.52 6.13
C GLY A 19 -1.19 11.86 5.44
N HIS A 20 -0.57 13.00 5.80
CA HIS A 20 0.79 13.34 5.36
C HIS A 20 1.84 12.42 6.01
N ASP A 21 1.64 12.03 7.27
CA ASP A 21 2.53 11.09 7.95
C ASP A 21 2.35 9.67 7.43
N PHE A 22 1.12 9.24 7.06
CA PHE A 22 0.88 7.94 6.44
C PHE A 22 1.73 7.75 5.18
N TYR A 23 1.83 8.78 4.33
CA TYR A 23 2.68 8.73 3.13
C TYR A 23 4.13 8.32 3.47
N ARG A 24 4.75 9.05 4.40
CA ARG A 24 6.15 8.85 4.80
C ARG A 24 6.36 7.51 5.53
N ALA A 25 5.46 7.19 6.44
CA ALA A 25 5.51 5.94 7.20
C ALA A 25 5.27 4.71 6.31
N PHE A 26 4.32 4.76 5.38
CA PHE A 26 4.07 3.67 4.43
C PHE A 26 5.30 3.46 3.54
N SER A 27 5.84 4.51 2.91
CA SER A 27 6.97 4.40 1.98
C SER A 27 8.26 3.95 2.68
N ASP A 28 8.44 4.26 3.97
CA ASP A 28 9.56 3.80 4.79
C ASP A 28 9.58 2.28 4.99
N LYS A 29 8.42 1.60 5.06
CA LYS A 29 8.31 0.13 5.20
C LYS A 29 7.76 -0.61 3.96
N TRP A 30 7.46 0.11 2.87
CA TRP A 30 6.96 -0.46 1.62
C TRP A 30 7.98 -1.40 0.95
N GLU A 31 7.51 -2.59 0.55
CA GLU A 31 8.25 -3.60 -0.20
C GLU A 31 7.24 -4.51 -0.93
N SER A 32 7.51 -4.88 -2.20
CA SER A 32 6.58 -5.66 -3.03
C SER A 32 7.26 -6.51 -4.10
N ASP A 33 6.58 -7.57 -4.56
CA ASP A 33 7.07 -8.50 -5.59
C ASP A 33 6.67 -8.13 -7.03
N TYR A 34 5.64 -7.29 -7.19
CA TYR A 34 5.16 -6.75 -8.47
C TYR A 34 5.88 -5.45 -8.86
N THR A 35 5.37 -4.74 -9.88
CA THR A 35 5.97 -3.53 -10.46
C THR A 35 5.86 -2.27 -9.57
N GLY A 36 5.16 -2.33 -8.43
CA GLY A 36 5.17 -1.27 -7.41
C GLY A 36 4.59 0.08 -7.85
N ASN A 37 3.72 0.09 -8.86
CA ASN A 37 3.15 1.32 -9.42
C ASN A 37 1.92 1.81 -8.64
N LEU A 38 2.14 2.24 -7.39
CA LEU A 38 1.10 2.70 -6.46
C LEU A 38 1.29 4.14 -5.96
N THR A 39 0.20 4.82 -5.63
CA THR A 39 0.19 6.14 -4.99
C THR A 39 -0.83 6.21 -3.85
N ILE A 40 -0.68 7.19 -2.96
CA ILE A 40 -1.44 7.33 -1.71
C ILE A 40 -2.22 8.64 -1.74
N ASN A 41 -3.53 8.54 -1.51
CA ASN A 41 -4.47 9.66 -1.57
C ASN A 41 -5.17 9.77 -0.21
N GLU A 42 -5.48 10.98 0.27
CA GLU A 42 -6.34 11.15 1.45
C GLU A 42 -7.47 12.16 1.25
N ARG A 43 -8.58 11.98 1.97
CA ARG A 43 -9.66 12.97 2.08
C ARG A 43 -9.79 13.46 3.53
N PRO A 44 -9.56 14.76 3.79
CA PRO A 44 -9.59 15.32 5.14
C PRO A 44 -11.04 15.55 5.58
N SER A 45 -11.42 14.97 6.73
CA SER A 45 -12.80 14.91 7.21
C SER A 45 -12.83 15.13 8.73
N ALA A 46 -12.96 16.39 9.16
CA ALA A 46 -12.78 16.82 10.55
C ALA A 46 -13.77 16.21 11.57
N ARG A 47 -14.82 15.54 11.09
CA ARG A 47 -15.68 14.65 11.89
C ARG A 47 -14.92 13.54 12.62
N ALA A 48 -13.78 13.09 12.09
CA ALA A 48 -13.00 11.97 12.62
C ALA A 48 -11.48 11.98 12.32
N GLY A 49 -11.02 12.57 11.21
CA GLY A 49 -9.61 12.53 10.78
C GLY A 49 -9.45 12.56 9.27
N SER A 50 -8.95 11.47 8.67
CA SER A 50 -8.79 11.33 7.21
C SER A 50 -9.23 9.96 6.69
N TRP A 51 -9.80 9.94 5.48
CA TRP A 51 -9.85 8.72 4.67
C TRP A 51 -8.50 8.56 3.98
N ILE A 52 -7.91 7.36 4.00
CA ILE A 52 -6.73 7.00 3.22
C ILE A 52 -7.14 6.01 2.14
N THR A 53 -6.70 6.25 0.90
CA THR A 53 -7.06 5.46 -0.28
C THR A 53 -5.81 5.25 -1.14
N ILE A 54 -5.36 4.01 -1.29
CA ILE A 54 -4.20 3.65 -2.11
C ILE A 54 -4.68 3.12 -3.46
N THR A 55 -4.09 3.67 -4.52
CA THR A 55 -4.43 3.34 -5.91
C THR A 55 -3.21 2.79 -6.65
N VAL A 56 -3.41 1.77 -7.49
CA VAL A 56 -2.40 1.20 -8.40
C VAL A 56 -2.67 1.73 -9.80
N ASN A 57 -1.71 2.50 -10.33
CA ASN A 57 -1.79 3.34 -11.54
C ASN A 57 -2.96 4.35 -11.52
N GLN A 58 -4.19 3.86 -11.68
CA GLN A 58 -5.45 4.62 -11.71
C GLN A 58 -6.63 3.89 -11.03
N ASP A 59 -6.38 2.75 -10.37
CA ASP A 59 -7.41 1.87 -9.80
C ASP A 59 -7.27 1.74 -8.27
N VAL A 60 -8.35 1.92 -7.51
CA VAL A 60 -8.32 1.69 -6.05
C VAL A 60 -8.26 0.20 -5.71
N ILE A 61 -7.45 -0.13 -4.72
CA ILE A 61 -7.30 -1.52 -4.22
C ILE A 61 -7.45 -1.66 -2.70
N PHE A 62 -7.16 -0.61 -1.93
CA PHE A 62 -7.36 -0.61 -0.48
C PHE A 62 -7.65 0.82 0.02
N GLN A 63 -8.48 0.91 1.04
CA GLN A 63 -8.80 2.17 1.72
C GLN A 63 -9.25 1.94 3.17
N THR A 64 -8.91 2.88 4.07
CA THR A 64 -9.20 2.81 5.50
C THR A 64 -9.29 4.21 6.13
N PHE A 65 -9.87 4.32 7.32
CA PHE A 65 -9.97 5.58 8.06
C PHE A 65 -8.83 5.72 9.08
N LEU A 66 -8.15 6.87 9.07
CA LEU A 66 -7.16 7.27 10.08
C LEU A 66 -7.74 8.29 11.07
N PHE A 67 -7.34 8.15 12.34
CA PHE A 67 -7.78 9.01 13.45
C PHE A 67 -6.57 9.65 14.18
N PRO A 68 -6.58 10.96 14.45
CA PRO A 68 -5.44 11.69 15.04
C PRO A 68 -5.29 11.52 16.57
N LEU A 69 -6.42 11.33 17.28
CA LEU A 69 -6.43 11.16 18.76
C LEU A 69 -6.21 9.70 19.20
N LYS A 70 -6.37 8.73 18.28
CA LYS A 70 -6.17 7.29 18.54
C LYS A 70 -4.72 6.87 18.27
N ARG A 71 -4.34 5.69 18.78
CA ARG A 71 -2.97 5.10 18.69
C ARG A 71 -2.82 3.96 17.68
N ASP A 72 -3.78 3.81 16.76
CA ASP A 72 -3.73 2.79 15.70
C ASP A 72 -2.84 3.13 14.51
N PHE A 73 -2.45 4.40 14.33
CA PHE A 73 -1.81 4.89 13.09
C PHE A 73 -0.67 3.98 12.60
N GLU A 74 0.25 3.59 13.48
CA GLU A 74 1.39 2.73 13.11
C GLU A 74 0.93 1.35 12.63
N LYS A 75 -0.06 0.78 13.34
CA LYS A 75 -0.66 -0.53 13.03
C LYS A 75 -1.41 -0.47 11.70
N THR A 76 -2.20 0.58 11.49
CA THR A 76 -2.91 0.86 10.23
C THR A 76 -1.96 1.06 9.05
N VAL A 77 -0.81 1.73 9.24
CA VAL A 77 0.26 1.83 8.22
C VAL A 77 0.81 0.45 7.87
N VAL A 78 1.24 -0.33 8.87
CA VAL A 78 1.84 -1.67 8.64
C VAL A 78 0.83 -2.62 7.99
N ALA A 79 -0.43 -2.54 8.41
CA ALA A 79 -1.50 -3.38 7.86
C ALA A 79 -1.86 -3.01 6.42
N ALA A 80 -1.75 -1.73 6.03
CA ALA A 80 -1.97 -1.30 4.65
C ALA A 80 -0.91 -1.87 3.69
N LEU A 81 0.30 -2.17 4.17
CA LEU A 81 1.37 -2.76 3.34
C LEU A 81 0.93 -4.15 2.83
N ILE A 82 0.43 -4.98 3.76
CA ILE A 82 -0.07 -6.33 3.48
C ILE A 82 -1.36 -6.24 2.64
N GLN A 83 -2.30 -5.39 3.02
CA GLN A 83 -3.60 -5.29 2.33
C GLN A 83 -3.48 -4.72 0.90
N THR A 84 -2.44 -3.92 0.64
CA THR A 84 -2.08 -3.48 -0.72
C THR A 84 -1.68 -4.66 -1.60
N GLU A 85 -0.81 -5.57 -1.13
CA GLU A 85 -0.45 -6.75 -1.95
C GLU A 85 -1.59 -7.78 -2.01
N GLU A 86 -2.41 -7.92 -0.97
CA GLU A 86 -3.51 -8.90 -0.93
C GLU A 86 -4.59 -8.64 -1.98
N ALA A 87 -4.77 -7.38 -2.41
CA ALA A 87 -5.57 -7.05 -3.59
C ALA A 87 -4.96 -7.63 -4.88
N LEU A 88 -3.64 -7.48 -5.05
CA LEU A 88 -2.93 -7.88 -6.28
C LEU A 88 -2.56 -9.37 -6.30
N ASN A 89 -2.54 -10.02 -5.15
CA ASN A 89 -2.17 -11.41 -4.94
C ASN A 89 -3.10 -12.38 -5.67
N ARG A 90 -4.36 -11.98 -5.87
CA ARG A 90 -5.37 -12.74 -6.63
C ARG A 90 -5.74 -12.13 -8.01
N ARG A 91 -5.10 -11.01 -8.37
CA ARG A 91 -5.17 -10.37 -9.70
C ARG A 91 -4.09 -10.88 -10.65
N GLN A 92 -2.83 -10.76 -10.20
CA GLN A 92 -1.64 -10.93 -11.04
C GLN A 92 -0.48 -11.69 -10.38
N ILE A 93 -0.21 -11.46 -9.10
CA ILE A 93 0.93 -12.12 -8.41
C ILE A 93 0.68 -13.63 -8.26
N ASN A 94 -0.59 -14.06 -8.37
CA ASN A 94 -0.98 -15.46 -8.48
C ASN A 94 -0.25 -16.19 -9.63
N GLN A 95 -0.04 -15.51 -10.77
CA GLN A 95 0.67 -16.05 -11.94
C GLN A 95 2.16 -16.30 -11.68
N ALA A 96 2.77 -15.55 -10.75
CA ALA A 96 4.17 -15.71 -10.34
C ALA A 96 4.34 -16.76 -9.23
N LEU A 97 3.44 -16.79 -8.24
CA LEU A 97 3.55 -17.70 -7.08
C LEU A 97 3.11 -19.14 -7.38
N LEU A 98 2.17 -19.33 -8.31
CA LEU A 98 1.62 -20.65 -8.67
C LEU A 98 2.69 -21.55 -9.34
N SER A 99 3.36 -21.05 -10.38
CA SER A 99 4.55 -21.68 -10.96
C SER A 99 5.44 -20.66 -11.69
N THR A 100 4.99 -20.16 -12.85
CA THR A 100 5.66 -19.14 -13.67
C THR A 100 4.77 -18.77 -14.87
N GLY A 101 4.17 -17.57 -14.80
CA GLY A 101 3.42 -16.95 -15.91
C GLY A 101 2.09 -17.65 -16.22
N ASP A 102 1.47 -18.28 -15.22
CA ASP A 102 0.24 -19.06 -15.34
C ASP A 102 -1.01 -18.23 -15.71
N LEU A 103 -2.12 -18.91 -16.02
CA LEU A 103 -3.44 -18.28 -16.14
C LEU A 103 -3.95 -17.71 -14.80
N ALA A 104 -4.94 -16.81 -14.89
CA ALA A 104 -5.66 -16.26 -13.72
C ALA A 104 -7.16 -16.06 -14.01
N HIS A 105 -7.73 -16.89 -14.89
CA HIS A 105 -9.04 -16.67 -15.51
C HIS A 105 -10.17 -17.41 -14.77
N ASP A 106 -11.20 -16.66 -14.35
CA ASP A 106 -12.42 -17.15 -13.68
C ASP A 106 -12.13 -17.95 -12.40
N GLU A 107 -11.03 -17.64 -11.71
CA GLU A 107 -10.55 -18.42 -10.56
C GLU A 107 -11.38 -18.21 -9.27
N PHE A 108 -12.02 -17.04 -9.14
CA PHE A 108 -12.75 -16.57 -7.95
C PHE A 108 -14.14 -16.01 -8.31
N ALA A 1 19.52 -15.19 -9.23
CA ALA A 1 19.17 -13.84 -9.76
C ALA A 1 18.87 -12.85 -8.62
N VAL A 2 18.92 -11.54 -8.91
CA VAL A 2 18.62 -10.43 -7.97
C VAL A 2 17.68 -9.39 -8.60
N GLU A 3 17.03 -8.58 -7.76
CA GLU A 3 16.11 -7.50 -8.14
C GLU A 3 16.51 -6.15 -7.53
N VAL A 4 16.05 -5.04 -8.14
CA VAL A 4 16.39 -3.65 -7.75
C VAL A 4 15.12 -2.79 -7.73
N GLU A 5 15.08 -1.76 -6.88
CA GLU A 5 13.98 -0.80 -6.72
C GLU A 5 13.84 0.21 -7.88
N VAL A 6 13.91 -0.27 -9.13
CA VAL A 6 13.84 0.51 -10.37
C VAL A 6 12.48 1.19 -10.58
N PRO A 7 11.32 0.48 -10.56
CA PRO A 7 10.01 1.11 -10.72
C PRO A 7 9.49 1.75 -9.42
N GLY A 8 8.41 2.53 -9.56
CA GLY A 8 7.67 3.16 -8.45
C GLY A 8 7.13 4.56 -8.80
N LEU A 9 5.93 4.89 -8.30
CA LEU A 9 5.29 6.22 -8.48
C LEU A 9 4.49 6.70 -7.23
N LEU A 10 4.97 6.36 -6.02
CA LEU A 10 4.43 6.90 -4.77
C LEU A 10 4.53 8.43 -4.80
N THR A 11 3.38 9.09 -4.64
CA THR A 11 3.28 10.55 -4.52
C THR A 11 2.51 10.92 -3.26
N ASP A 12 2.98 11.97 -2.59
CA ASP A 12 2.36 12.62 -1.44
C ASP A 12 1.11 13.43 -1.85
N HIS A 13 0.11 12.76 -2.42
CA HIS A 13 -1.22 13.33 -2.71
C HIS A 13 -2.07 13.38 -1.43
N THR A 14 -1.46 13.82 -0.32
CA THR A 14 -2.03 13.82 1.02
C THR A 14 -1.82 15.16 1.74
N VAL A 15 -2.87 15.70 2.40
CA VAL A 15 -2.91 17.07 2.95
C VAL A 15 -3.47 17.16 4.38
N SER A 16 -3.19 16.12 5.19
CA SER A 16 -3.70 15.94 6.57
C SER A 16 -2.55 15.74 7.57
N SER A 17 -2.72 16.16 8.83
CA SER A 17 -1.71 15.96 9.88
C SER A 17 -1.34 14.48 10.11
N ILE A 18 -2.30 13.56 9.94
CA ILE A 18 -2.08 12.10 9.91
C ILE A 18 -1.87 11.58 8.48
N GLY A 19 -2.62 12.03 7.48
CA GLY A 19 -2.50 11.51 6.11
C GLY A 19 -1.16 11.84 5.43
N HIS A 20 -0.54 12.98 5.79
CA HIS A 20 0.84 13.33 5.38
C HIS A 20 1.86 12.39 6.01
N ASP A 21 1.65 11.99 7.28
CA ASP A 21 2.54 11.05 7.97
C ASP A 21 2.35 9.62 7.43
N PHE A 22 1.12 9.21 7.06
CA PHE A 22 0.87 7.91 6.42
C PHE A 22 1.72 7.73 5.18
N TYR A 23 1.82 8.76 4.33
CA TYR A 23 2.67 8.71 3.13
C TYR A 23 4.12 8.30 3.47
N ARG A 24 4.74 9.02 4.41
CA ARG A 24 6.15 8.82 4.80
C ARG A 24 6.35 7.47 5.51
N ALA A 25 5.45 7.15 6.43
CA ALA A 25 5.49 5.89 7.18
C ALA A 25 5.25 4.67 6.28
N PHE A 26 4.29 4.74 5.35
CA PHE A 26 4.04 3.66 4.38
C PHE A 26 5.26 3.45 3.51
N SER A 27 5.80 4.49 2.88
CA SER A 27 6.93 4.38 1.95
C SER A 27 8.23 3.92 2.63
N ASP A 28 8.40 4.22 3.92
CA ASP A 28 9.53 3.74 4.74
C ASP A 28 9.54 2.21 4.92
N LYS A 29 8.37 1.55 4.99
CA LYS A 29 8.25 0.07 5.10
C LYS A 29 7.69 -0.63 3.85
N TRP A 30 7.41 0.10 2.76
CA TRP A 30 6.86 -0.45 1.52
C TRP A 30 7.84 -1.41 0.81
N GLU A 31 7.37 -2.63 0.55
CA GLU A 31 8.01 -3.68 -0.24
C GLU A 31 6.91 -4.54 -0.88
N SER A 32 7.08 -4.92 -2.15
CA SER A 32 6.16 -5.86 -2.84
C SER A 32 6.84 -6.63 -3.98
N ASP A 33 6.19 -7.70 -4.45
CA ASP A 33 6.74 -8.61 -5.48
C ASP A 33 6.47 -8.13 -6.93
N TYR A 34 5.40 -7.37 -7.14
CA TYR A 34 5.01 -6.78 -8.44
C TYR A 34 5.76 -5.46 -8.74
N THR A 35 5.33 -4.74 -9.78
CA THR A 35 6.00 -3.55 -10.34
C THR A 35 5.89 -2.29 -9.46
N GLY A 36 5.11 -2.32 -8.36
CA GLY A 36 5.11 -1.24 -7.36
C GLY A 36 4.56 0.12 -7.83
N ASN A 37 3.72 0.13 -8.86
CA ASN A 37 3.17 1.36 -9.44
C ASN A 37 1.93 1.86 -8.67
N LEU A 38 2.13 2.30 -7.44
CA LEU A 38 1.08 2.78 -6.52
C LEU A 38 1.29 4.20 -6.00
N THR A 39 0.19 4.89 -5.66
CA THR A 39 0.19 6.20 -5.01
C THR A 39 -0.85 6.28 -3.88
N ILE A 40 -0.70 7.26 -2.99
CA ILE A 40 -1.46 7.39 -1.74
C ILE A 40 -2.23 8.71 -1.77
N ASN A 41 -3.53 8.63 -1.53
CA ASN A 41 -4.47 9.76 -1.59
C ASN A 41 -5.19 9.86 -0.24
N GLU A 42 -5.49 11.06 0.25
CA GLU A 42 -6.34 11.22 1.44
C GLU A 42 -7.45 12.28 1.28
N ARG A 43 -8.55 12.09 2.01
CA ARG A 43 -9.65 13.07 2.13
C ARG A 43 -9.79 13.53 3.60
N PRO A 44 -9.51 14.80 3.92
CA PRO A 44 -9.55 15.31 5.28
C PRO A 44 -10.99 15.65 5.69
N SER A 45 -11.39 15.23 6.90
CA SER A 45 -12.74 15.50 7.44
C SER A 45 -12.74 15.62 8.97
N ALA A 46 -13.17 16.78 9.48
CA ALA A 46 -13.12 17.12 10.91
C ALA A 46 -14.04 16.26 11.81
N ARG A 47 -14.96 15.51 11.19
CA ARG A 47 -15.77 14.45 11.83
C ARG A 47 -14.93 13.43 12.61
N ALA A 48 -13.72 13.10 12.14
CA ALA A 48 -12.89 12.03 12.71
C ALA A 48 -11.38 12.05 12.36
N GLY A 49 -10.94 12.64 11.23
CA GLY A 49 -9.55 12.57 10.78
C GLY A 49 -9.41 12.61 9.25
N SER A 50 -8.95 11.51 8.65
CA SER A 50 -8.79 11.37 7.19
C SER A 50 -9.23 10.00 6.66
N TRP A 51 -9.82 9.99 5.45
CA TRP A 51 -9.87 8.78 4.64
C TRP A 51 -8.54 8.62 3.93
N ILE A 52 -7.94 7.42 3.94
CA ILE A 52 -6.77 7.05 3.15
C ILE A 52 -7.19 6.08 2.06
N THR A 53 -6.75 6.33 0.83
CA THR A 53 -7.10 5.55 -0.37
C THR A 53 -5.84 5.34 -1.22
N ILE A 54 -5.40 4.10 -1.38
CA ILE A 54 -4.25 3.73 -2.19
C ILE A 54 -4.71 3.21 -3.55
N THR A 55 -4.11 3.77 -4.60
CA THR A 55 -4.43 3.46 -6.00
C THR A 55 -3.21 2.91 -6.74
N VAL A 56 -3.41 1.88 -7.57
CA VAL A 56 -2.40 1.31 -8.48
C VAL A 56 -2.65 1.87 -9.89
N ASN A 57 -1.67 2.63 -10.39
CA ASN A 57 -1.73 3.49 -11.59
C ASN A 57 -2.89 4.52 -11.57
N GLN A 58 -4.13 4.03 -11.75
CA GLN A 58 -5.37 4.81 -11.78
C GLN A 58 -6.57 4.09 -11.13
N ASP A 59 -6.35 2.94 -10.47
CA ASP A 59 -7.38 2.06 -9.92
C ASP A 59 -7.26 1.91 -8.40
N VAL A 60 -8.35 2.06 -7.65
CA VAL A 60 -8.34 1.83 -6.19
C VAL A 60 -8.29 0.33 -5.88
N ILE A 61 -7.48 -0.03 -4.87
CA ILE A 61 -7.35 -1.42 -4.38
C ILE A 61 -7.53 -1.56 -2.86
N PHE A 62 -7.23 -0.52 -2.08
CA PHE A 62 -7.44 -0.52 -0.64
C PHE A 62 -7.72 0.90 -0.12
N GLN A 63 -8.56 1.00 0.90
CA GLN A 63 -8.87 2.25 1.59
C GLN A 63 -9.33 2.01 3.04
N THR A 64 -9.00 2.95 3.94
CA THR A 64 -9.30 2.87 5.38
C THR A 64 -9.35 4.26 6.02
N PHE A 65 -9.92 4.37 7.23
CA PHE A 65 -9.99 5.62 7.98
C PHE A 65 -8.83 5.74 8.99
N LEU A 66 -8.17 6.90 9.02
CA LEU A 66 -7.17 7.27 10.03
C LEU A 66 -7.72 8.28 11.05
N PHE A 67 -7.25 8.14 12.30
CA PHE A 67 -7.67 8.96 13.45
C PHE A 67 -6.45 9.57 14.17
N PRO A 68 -6.44 10.89 14.45
CA PRO A 68 -5.28 11.61 15.01
C PRO A 68 -5.10 11.41 16.53
N LEU A 69 -6.20 11.25 17.27
CA LEU A 69 -6.18 11.08 18.75
C LEU A 69 -5.88 9.63 19.18
N LYS A 70 -6.17 8.67 18.30
CA LYS A 70 -6.02 7.21 18.55
C LYS A 70 -4.59 6.73 18.24
N ARG A 71 -4.13 5.68 18.93
CA ARG A 71 -2.76 5.10 18.80
C ARG A 71 -2.58 4.05 17.69
N ASP A 72 -3.62 3.78 16.90
CA ASP A 72 -3.61 2.70 15.89
C ASP A 72 -2.97 3.07 14.53
N PHE A 73 -2.57 4.33 14.32
CA PHE A 73 -1.95 4.81 13.06
C PHE A 73 -0.80 3.90 12.58
N GLU A 74 0.12 3.50 13.46
CA GLU A 74 1.27 2.66 13.11
C GLU A 74 0.83 1.28 12.59
N LYS A 75 -0.17 0.70 13.26
CA LYS A 75 -0.75 -0.60 12.91
C LYS A 75 -1.53 -0.51 11.59
N THR A 76 -2.29 0.55 11.39
CA THR A 76 -2.98 0.87 10.11
C THR A 76 -1.99 1.04 8.96
N VAL A 77 -0.84 1.71 9.17
CA VAL A 77 0.24 1.82 8.17
C VAL A 77 0.78 0.45 7.81
N VAL A 78 1.20 -0.37 8.79
CA VAL A 78 1.78 -1.71 8.56
C VAL A 78 0.77 -2.63 7.88
N ALA A 79 -0.50 -2.56 8.29
CA ALA A 79 -1.58 -3.38 7.74
C ALA A 79 -1.93 -2.98 6.30
N ALA A 80 -1.81 -1.70 5.94
CA ALA A 80 -2.03 -1.24 4.56
C ALA A 80 -0.99 -1.82 3.59
N LEU A 81 0.22 -2.15 4.05
CA LEU A 81 1.27 -2.76 3.21
C LEU A 81 0.80 -4.13 2.71
N ILE A 82 0.29 -4.96 3.63
CA ILE A 82 -0.24 -6.30 3.34
C ILE A 82 -1.53 -6.20 2.51
N GLN A 83 -2.46 -5.32 2.91
CA GLN A 83 -3.76 -5.19 2.23
C GLN A 83 -3.63 -4.61 0.81
N THR A 84 -2.56 -3.85 0.54
CA THR A 84 -2.21 -3.40 -0.83
C THR A 84 -1.83 -4.59 -1.71
N GLU A 85 -0.97 -5.50 -1.26
CA GLU A 85 -0.61 -6.65 -2.08
C GLU A 85 -1.73 -7.71 -2.14
N GLU A 86 -2.56 -7.85 -1.11
CA GLU A 86 -3.68 -8.80 -1.08
C GLU A 86 -4.70 -8.57 -2.20
N ALA A 87 -4.89 -7.32 -2.64
CA ALA A 87 -5.68 -6.99 -3.82
C ALA A 87 -5.06 -7.56 -5.10
N LEU A 88 -3.74 -7.45 -5.24
CA LEU A 88 -2.98 -7.84 -6.44
C LEU A 88 -2.65 -9.33 -6.47
N ASN A 89 -2.64 -9.96 -5.30
CA ASN A 89 -2.35 -11.39 -5.11
C ASN A 89 -3.36 -12.30 -5.82
N ARG A 90 -4.61 -11.86 -6.00
CA ARG A 90 -5.66 -12.59 -6.75
C ARG A 90 -5.84 -12.08 -8.20
N ARG A 91 -5.17 -10.97 -8.57
CA ARG A 91 -5.16 -10.38 -9.92
C ARG A 91 -4.05 -10.97 -10.80
N GLN A 92 -2.81 -10.93 -10.29
CA GLN A 92 -1.59 -11.18 -11.08
C GLN A 92 -0.50 -11.98 -10.37
N ILE A 93 -0.25 -11.74 -9.07
CA ILE A 93 0.86 -12.41 -8.35
C ILE A 93 0.57 -13.91 -8.17
N ASN A 94 -0.71 -14.32 -8.30
CA ASN A 94 -1.15 -15.72 -8.21
C ASN A 94 -0.43 -16.63 -9.22
N GLN A 95 -0.27 -16.17 -10.47
CA GLN A 95 0.44 -16.90 -11.52
C GLN A 95 1.94 -16.97 -11.24
N ALA A 96 2.54 -15.87 -10.75
CA ALA A 96 3.96 -15.80 -10.42
C ALA A 96 4.32 -16.74 -9.25
N LEU A 97 3.55 -16.71 -8.16
CA LEU A 97 3.80 -17.56 -6.98
C LEU A 97 3.52 -19.04 -7.26
N LEU A 98 2.51 -19.34 -8.09
CA LEU A 98 2.20 -20.69 -8.54
C LEU A 98 3.34 -21.25 -9.42
N SER A 99 3.89 -20.42 -10.31
CA SER A 99 4.97 -20.81 -11.21
C SER A 99 6.28 -21.09 -10.47
N THR A 100 6.53 -20.40 -9.34
CA THR A 100 7.73 -20.52 -8.51
C THR A 100 7.53 -19.79 -7.18
N GLY A 101 7.41 -20.59 -6.12
CA GLY A 101 7.45 -20.16 -4.73
C GLY A 101 6.06 -19.87 -4.13
N ASP A 102 5.25 -20.92 -3.98
CA ASP A 102 3.96 -20.86 -3.29
C ASP A 102 4.09 -20.41 -1.82
N LEU A 103 2.98 -19.91 -1.24
CA LEU A 103 2.89 -19.49 0.15
C LEU A 103 2.93 -20.65 1.17
N ALA A 104 3.29 -20.33 2.41
CA ALA A 104 3.36 -21.30 3.52
C ALA A 104 3.12 -20.67 4.92
N HIS A 105 2.40 -19.55 5.00
CA HIS A 105 2.16 -18.81 6.25
C HIS A 105 0.79 -18.10 6.28
N ASP A 106 0.57 -17.15 5.37
CA ASP A 106 -0.63 -16.29 5.34
C ASP A 106 -1.81 -16.94 4.59
N GLU A 107 -2.07 -18.22 4.89
CA GLU A 107 -2.98 -19.10 4.15
C GLU A 107 -4.47 -18.85 4.44
N PHE A 108 -4.81 -18.35 5.63
CA PHE A 108 -6.18 -18.04 6.10
C PHE A 108 -6.22 -16.90 7.13
N ALA A 1 17.77 -14.20 -9.65
CA ALA A 1 19.13 -13.88 -9.12
C ALA A 1 19.12 -12.65 -8.21
N VAL A 2 19.03 -11.43 -8.76
CA VAL A 2 18.98 -10.15 -8.01
C VAL A 2 18.09 -9.11 -8.72
N GLU A 3 17.47 -8.21 -7.96
CA GLU A 3 16.58 -7.15 -8.44
C GLU A 3 16.83 -5.80 -7.73
N VAL A 4 16.36 -4.70 -8.33
CA VAL A 4 16.56 -3.32 -7.84
C VAL A 4 15.22 -2.58 -7.87
N GLU A 5 15.00 -1.64 -6.94
CA GLU A 5 13.82 -0.77 -6.82
C GLU A 5 13.75 0.34 -7.92
N VAL A 6 13.86 -0.09 -9.18
CA VAL A 6 13.82 0.76 -10.38
C VAL A 6 12.46 1.43 -10.62
N PRO A 7 11.31 0.71 -10.64
CA PRO A 7 9.99 1.32 -10.79
C PRO A 7 9.46 1.90 -9.47
N GLY A 8 8.38 2.68 -9.58
CA GLY A 8 7.64 3.28 -8.45
C GLY A 8 7.09 4.68 -8.76
N LEU A 9 5.90 5.00 -8.23
CA LEU A 9 5.25 6.31 -8.39
C LEU A 9 4.47 6.78 -7.13
N LEU A 10 4.97 6.46 -5.94
CA LEU A 10 4.40 6.93 -4.66
C LEU A 10 4.45 8.47 -4.61
N THR A 11 3.30 9.11 -4.68
CA THR A 11 3.15 10.56 -4.54
C THR A 11 2.41 10.92 -3.25
N ASP A 12 2.89 11.97 -2.59
CA ASP A 12 2.26 12.63 -1.45
C ASP A 12 1.01 13.43 -1.86
N HIS A 13 0.00 12.74 -2.43
CA HIS A 13 -1.32 13.30 -2.72
C HIS A 13 -2.17 13.35 -1.44
N THR A 14 -1.56 13.83 -0.35
CA THR A 14 -2.12 13.83 1.01
C THR A 14 -1.95 15.19 1.71
N VAL A 15 -3.01 15.69 2.36
CA VAL A 15 -3.08 17.08 2.91
C VAL A 15 -3.65 17.15 4.35
N SER A 16 -3.34 16.13 5.15
CA SER A 16 -3.83 15.95 6.53
C SER A 16 -2.68 15.77 7.53
N SER A 17 -2.85 16.17 8.80
CA SER A 17 -1.83 16.00 9.84
C SER A 17 -1.39 14.54 10.05
N ILE A 18 -2.33 13.60 9.92
CA ILE A 18 -2.08 12.15 9.90
C ILE A 18 -1.85 11.62 8.48
N GLY A 19 -2.62 12.06 7.48
CA GLY A 19 -2.48 11.54 6.11
C GLY A 19 -1.17 11.92 5.42
N HIS A 20 -0.57 13.06 5.78
CA HIS A 20 0.78 13.46 5.37
C HIS A 20 1.86 12.56 5.98
N ASP A 21 1.66 12.11 7.22
CA ASP A 21 2.57 11.18 7.89
C ASP A 21 2.41 9.75 7.35
N PHE A 22 1.18 9.32 7.00
CA PHE A 22 0.93 8.01 6.39
C PHE A 22 1.78 7.81 5.13
N TYR A 23 1.87 8.83 4.26
CA TYR A 23 2.72 8.78 3.06
C TYR A 23 4.16 8.33 3.39
N ARG A 24 4.80 9.02 4.34
CA ARG A 24 6.20 8.79 4.73
C ARG A 24 6.37 7.48 5.48
N ALA A 25 5.48 7.20 6.43
CA ALA A 25 5.50 5.96 7.21
C ALA A 25 5.26 4.73 6.33
N PHE A 26 4.32 4.79 5.38
CA PHE A 26 4.07 3.72 4.43
C PHE A 26 5.31 3.48 3.56
N SER A 27 5.86 4.53 2.92
CA SER A 27 6.99 4.41 2.00
C SER A 27 8.29 3.95 2.69
N ASP A 28 8.46 4.26 3.97
CA ASP A 28 9.58 3.81 4.81
C ASP A 28 9.61 2.28 5.01
N LYS A 29 8.45 1.61 5.07
CA LYS A 29 8.34 0.13 5.19
C LYS A 29 7.79 -0.59 3.95
N TRP A 30 7.48 0.14 2.87
CA TRP A 30 6.98 -0.43 1.61
C TRP A 30 8.00 -1.35 0.92
N GLU A 31 7.53 -2.52 0.50
CA GLU A 31 8.26 -3.53 -0.27
C GLU A 31 7.24 -4.41 -1.04
N SER A 32 7.55 -4.76 -2.30
CA SER A 32 6.62 -5.51 -3.17
C SER A 32 7.32 -6.38 -4.23
N ASP A 33 6.64 -7.46 -4.65
CA ASP A 33 7.14 -8.39 -5.69
C ASP A 33 6.79 -7.94 -7.13
N TYR A 34 5.68 -7.20 -7.29
CA TYR A 34 5.23 -6.63 -8.56
C TYR A 34 5.97 -5.31 -8.90
N THR A 35 5.49 -4.60 -9.93
CA THR A 35 6.10 -3.37 -10.49
C THR A 35 5.97 -2.14 -9.57
N GLY A 36 5.24 -2.21 -8.45
CA GLY A 36 5.22 -1.17 -7.41
C GLY A 36 4.62 0.17 -7.84
N ASN A 37 3.77 0.18 -8.86
CA ASN A 37 3.18 1.41 -9.42
C ASN A 37 1.95 1.88 -8.64
N LEU A 38 2.16 2.30 -7.39
CA LEU A 38 1.11 2.76 -6.47
C LEU A 38 1.29 4.19 -5.96
N THR A 39 0.18 4.85 -5.62
CA THR A 39 0.16 6.18 -4.99
C THR A 39 -0.86 6.25 -3.85
N ILE A 40 -0.70 7.23 -2.96
CA ILE A 40 -1.45 7.38 -1.71
C ILE A 40 -2.25 8.68 -1.76
N ASN A 41 -3.56 8.59 -1.53
CA ASN A 41 -4.51 9.69 -1.59
C ASN A 41 -5.20 9.80 -0.23
N GLU A 42 -5.49 11.00 0.27
CA GLU A 42 -6.35 11.16 1.45
C GLU A 42 -7.47 12.19 1.26
N ARG A 43 -8.57 12.01 2.01
CA ARG A 43 -9.68 12.96 2.11
C ARG A 43 -9.85 13.43 3.56
N PRO A 44 -9.62 14.73 3.84
CA PRO A 44 -9.65 15.26 5.20
C PRO A 44 -11.10 15.49 5.65
N SER A 45 -11.46 14.93 6.80
CA SER A 45 -12.84 14.88 7.31
C SER A 45 -12.85 15.12 8.82
N ALA A 46 -13.01 16.38 9.24
CA ALA A 46 -12.83 16.83 10.63
C ALA A 46 -13.79 16.21 11.66
N ARG A 47 -14.83 15.50 11.19
CA ARG A 47 -15.67 14.59 12.00
C ARG A 47 -14.86 13.52 12.76
N ALA A 48 -13.72 13.07 12.21
CA ALA A 48 -12.91 11.99 12.78
C ALA A 48 -11.41 11.98 12.42
N GLY A 49 -10.97 12.55 11.28
CA GLY A 49 -9.58 12.49 10.82
C GLY A 49 -9.45 12.54 9.29
N SER A 50 -8.96 11.46 8.69
CA SER A 50 -8.80 11.33 7.23
C SER A 50 -9.23 9.95 6.70
N TRP A 51 -9.80 9.93 5.48
CA TRP A 51 -9.85 8.71 4.68
C TRP A 51 -8.52 8.56 3.95
N ILE A 52 -7.92 7.37 3.98
CA ILE A 52 -6.75 7.00 3.18
C ILE A 52 -7.16 6.01 2.09
N THR A 53 -6.73 6.26 0.86
CA THR A 53 -7.08 5.45 -0.32
C THR A 53 -5.83 5.27 -1.17
N ILE A 54 -5.38 4.02 -1.32
CA ILE A 54 -4.22 3.66 -2.14
C ILE A 54 -4.68 3.13 -3.49
N THR A 55 -4.12 3.68 -4.55
CA THR A 55 -4.42 3.36 -5.95
C THR A 55 -3.19 2.82 -6.68
N VAL A 56 -3.37 1.78 -7.49
CA VAL A 56 -2.34 1.22 -8.41
C VAL A 56 -2.62 1.75 -9.81
N ASN A 57 -1.67 2.52 -10.35
CA ASN A 57 -1.77 3.36 -11.55
C ASN A 57 -2.94 4.36 -11.52
N GLN A 58 -4.17 3.87 -11.69
CA GLN A 58 -5.43 4.63 -11.69
C GLN A 58 -6.60 3.87 -11.02
N ASP A 59 -6.34 2.72 -10.39
CA ASP A 59 -7.35 1.80 -9.84
C ASP A 59 -7.22 1.69 -8.32
N VAL A 60 -8.32 1.84 -7.57
CA VAL A 60 -8.30 1.63 -6.11
C VAL A 60 -8.23 0.14 -5.76
N ILE A 61 -7.41 -0.19 -4.76
CA ILE A 61 -7.26 -1.57 -4.25
C ILE A 61 -7.42 -1.70 -2.74
N PHE A 62 -7.14 -0.63 -1.97
CA PHE A 62 -7.35 -0.62 -0.52
C PHE A 62 -7.64 0.81 -0.03
N GLN A 63 -8.48 0.91 1.00
CA GLN A 63 -8.81 2.16 1.67
C GLN A 63 -9.27 1.94 3.12
N THR A 64 -8.93 2.87 4.01
CA THR A 64 -9.23 2.81 5.45
C THR A 64 -9.29 4.20 6.09
N PHE A 65 -9.84 4.31 7.29
CA PHE A 65 -9.93 5.56 8.05
C PHE A 65 -8.76 5.70 9.03
N LEU A 66 -8.10 6.87 9.05
CA LEU A 66 -7.11 7.26 10.05
C LEU A 66 -7.67 8.27 11.05
N PHE A 67 -7.24 8.15 12.31
CA PHE A 67 -7.67 8.98 13.44
C PHE A 67 -6.46 9.62 14.15
N PRO A 68 -6.48 10.94 14.45
CA PRO A 68 -5.34 11.65 15.03
C PRO A 68 -5.20 11.47 16.56
N LEU A 69 -6.32 11.27 17.27
CA LEU A 69 -6.36 11.12 18.73
C LEU A 69 -6.05 9.69 19.19
N LYS A 70 -6.43 8.69 18.36
CA LYS A 70 -6.20 7.26 18.63
C LYS A 70 -4.76 6.84 18.29
N ARG A 71 -4.35 5.66 18.79
CA ARG A 71 -2.97 5.12 18.66
C ARG A 71 -2.81 3.99 17.63
N ASP A 72 -3.76 3.85 16.71
CA ASP A 72 -3.72 2.82 15.65
C ASP A 72 -2.82 3.16 14.47
N PHE A 73 -2.43 4.43 14.27
CA PHE A 73 -1.77 4.91 13.04
C PHE A 73 -0.63 4.00 12.56
N GLU A 74 0.29 3.61 13.44
CA GLU A 74 1.43 2.73 13.09
C GLU A 74 0.96 1.35 12.62
N LYS A 75 -0.04 0.80 13.32
CA LYS A 75 -0.65 -0.50 13.02
C LYS A 75 -1.39 -0.46 11.69
N THR A 76 -2.17 0.60 11.45
CA THR A 76 -2.88 0.88 10.20
C THR A 76 -1.91 1.07 9.03
N VAL A 77 -0.76 1.74 9.22
CA VAL A 77 0.31 1.84 8.21
C VAL A 77 0.85 0.45 7.87
N VAL A 78 1.30 -0.33 8.86
CA VAL A 78 1.88 -1.67 8.63
C VAL A 78 0.87 -2.61 7.98
N ALA A 79 -0.39 -2.53 8.38
CA ALA A 79 -1.46 -3.36 7.84
C ALA A 79 -1.82 -2.97 6.39
N ALA A 80 -1.70 -1.70 6.02
CA ALA A 80 -1.93 -1.27 4.64
C ALA A 80 -0.89 -1.83 3.67
N LEU A 81 0.33 -2.14 4.14
CA LEU A 81 1.39 -2.74 3.30
C LEU A 81 0.95 -4.12 2.80
N ILE A 82 0.45 -4.95 3.72
CA ILE A 82 -0.06 -6.31 3.45
C ILE A 82 -1.34 -6.23 2.62
N GLN A 83 -2.29 -5.38 3.01
CA GLN A 83 -3.59 -5.27 2.33
C GLN A 83 -3.49 -4.70 0.90
N THR A 84 -2.43 -3.92 0.62
CA THR A 84 -2.09 -3.46 -0.74
C THR A 84 -1.69 -4.64 -1.62
N GLU A 85 -0.81 -5.54 -1.16
CA GLU A 85 -0.42 -6.69 -1.98
C GLU A 85 -1.52 -7.76 -2.03
N GLU A 86 -2.35 -7.92 -1.00
CA GLU A 86 -3.44 -8.90 -0.97
C GLU A 86 -4.48 -8.69 -2.07
N ALA A 87 -4.68 -7.44 -2.51
CA ALA A 87 -5.47 -7.13 -3.69
C ALA A 87 -4.84 -7.68 -4.98
N LEU A 88 -3.52 -7.53 -5.13
CA LEU A 88 -2.77 -7.89 -6.34
C LEU A 88 -2.41 -9.39 -6.37
N ASN A 89 -2.39 -10.03 -5.20
CA ASN A 89 -2.12 -11.45 -5.01
C ASN A 89 -3.16 -12.35 -5.67
N ARG A 90 -4.39 -11.88 -5.81
CA ARG A 90 -5.49 -12.58 -6.55
C ARG A 90 -5.66 -12.11 -8.00
N ARG A 91 -5.00 -11.00 -8.39
CA ARG A 91 -5.02 -10.42 -9.75
C ARG A 91 -3.93 -11.00 -10.66
N GLN A 92 -2.68 -10.93 -10.18
CA GLN A 92 -1.48 -11.16 -11.00
C GLN A 92 -0.37 -11.98 -10.33
N ILE A 93 -0.10 -11.76 -9.03
CA ILE A 93 0.98 -12.50 -8.32
C ILE A 93 0.60 -13.99 -8.16
N ASN A 94 -0.70 -14.31 -8.30
CA ASN A 94 -1.24 -15.68 -8.28
C ASN A 94 -0.55 -16.59 -9.31
N GLN A 95 -0.27 -16.08 -10.51
CA GLN A 95 0.45 -16.82 -11.56
C GLN A 95 1.94 -16.97 -11.24
N ALA A 96 2.57 -15.93 -10.70
CA ALA A 96 3.98 -15.96 -10.29
C ALA A 96 4.23 -16.96 -9.15
N LEU A 97 3.39 -16.96 -8.10
CA LEU A 97 3.53 -17.89 -6.97
C LEU A 97 3.17 -19.34 -7.35
N LEU A 98 2.20 -19.52 -8.26
CA LEU A 98 1.88 -20.82 -8.85
C LEU A 98 3.07 -21.38 -9.64
N SER A 99 3.74 -20.52 -10.42
CA SER A 99 4.90 -20.92 -11.22
C SER A 99 6.13 -21.25 -10.36
N THR A 100 6.31 -20.52 -9.25
CA THR A 100 7.49 -20.55 -8.38
C THR A 100 7.11 -20.08 -6.97
N GLY A 101 6.87 -21.05 -6.10
CA GLY A 101 6.74 -20.87 -4.65
C GLY A 101 5.29 -20.81 -4.17
N ASP A 102 4.56 -21.92 -4.36
CA ASP A 102 3.17 -22.06 -3.92
C ASP A 102 2.95 -21.82 -2.41
N LEU A 103 1.71 -21.48 -2.05
CA LEU A 103 1.26 -21.35 -0.67
C LEU A 103 1.13 -22.70 0.07
N ALA A 104 1.14 -22.66 1.41
CA ALA A 104 0.96 -23.83 2.27
C ALA A 104 0.19 -23.54 3.59
N HIS A 105 -0.66 -22.50 3.57
CA HIS A 105 -1.44 -22.05 4.75
C HIS A 105 -2.94 -22.36 4.65
N ASP A 106 -3.56 -22.06 3.51
CA ASP A 106 -5.01 -22.26 3.28
C ASP A 106 -5.30 -22.58 1.78
N GLU A 107 -4.71 -23.67 1.28
CA GLU A 107 -4.78 -24.05 -0.15
C GLU A 107 -6.20 -24.31 -0.66
N PHE A 108 -7.04 -24.98 0.15
CA PHE A 108 -8.42 -25.39 -0.18
C PHE A 108 -9.35 -25.32 1.05
N ALA A 1 14.34 -13.26 -11.40
CA ALA A 1 15.80 -13.27 -11.65
C ALA A 1 16.55 -12.33 -10.69
N VAL A 2 16.53 -11.01 -10.93
CA VAL A 2 17.18 -9.98 -10.08
C VAL A 2 16.39 -8.66 -10.12
N GLU A 3 16.39 -7.92 -9.00
CA GLU A 3 15.70 -6.63 -8.84
C GLU A 3 16.60 -5.58 -8.18
N VAL A 4 16.44 -4.31 -8.57
CA VAL A 4 17.25 -3.15 -8.11
C VAL A 4 16.38 -1.95 -7.68
N GLU A 5 15.13 -2.23 -7.31
CA GLU A 5 14.12 -1.24 -6.87
C GLU A 5 13.85 -0.14 -7.94
N VAL A 6 13.85 -0.56 -9.22
CA VAL A 6 13.77 0.35 -10.37
C VAL A 6 12.41 1.05 -10.52
N PRO A 7 11.25 0.35 -10.53
CA PRO A 7 9.94 0.99 -10.70
C PRO A 7 9.41 1.62 -9.38
N GLY A 8 8.35 2.42 -9.54
CA GLY A 8 7.61 3.05 -8.43
C GLY A 8 7.06 4.44 -8.80
N LEU A 9 5.86 4.77 -8.29
CA LEU A 9 5.23 6.09 -8.46
C LEU A 9 4.45 6.58 -7.21
N LEU A 10 4.95 6.25 -6.02
CA LEU A 10 4.42 6.79 -4.75
C LEU A 10 4.54 8.32 -4.78
N THR A 11 3.40 8.98 -4.62
CA THR A 11 3.30 10.44 -4.50
C THR A 11 2.54 10.82 -3.23
N ASP A 12 3.01 11.87 -2.58
CA ASP A 12 2.39 12.54 -1.44
C ASP A 12 1.15 13.35 -1.86
N HIS A 13 0.14 12.67 -2.44
CA HIS A 13 -1.19 13.23 -2.75
C HIS A 13 -2.05 13.31 -1.46
N THR A 14 -1.44 13.79 -0.37
CA THR A 14 -2.00 13.80 0.98
C THR A 14 -1.82 15.17 1.66
N VAL A 15 -2.84 15.65 2.39
CA VAL A 15 -2.89 17.02 2.96
C VAL A 15 -3.49 17.09 4.39
N SER A 16 -3.16 16.08 5.22
CA SER A 16 -3.66 15.91 6.59
C SER A 16 -2.53 15.73 7.61
N SER A 17 -2.73 16.15 8.86
CA SER A 17 -1.75 15.99 9.96
C SER A 17 -1.37 14.53 10.25
N ILE A 18 -2.29 13.59 9.98
CA ILE A 18 -2.04 12.14 9.96
C ILE A 18 -1.78 11.62 8.54
N GLY A 19 -2.54 12.05 7.53
CA GLY A 19 -2.41 11.51 6.16
C GLY A 19 -1.08 11.86 5.45
N HIS A 20 -0.46 12.99 5.80
CA HIS A 20 0.89 13.36 5.36
C HIS A 20 1.95 12.42 5.96
N ASP A 21 1.77 12.01 7.23
CA ASP A 21 2.67 11.07 7.88
C ASP A 21 2.44 9.63 7.39
N PHE A 22 1.21 9.23 7.05
CA PHE A 22 0.93 7.92 6.44
C PHE A 22 1.78 7.72 5.18
N TYR A 23 1.89 8.73 4.32
CA TYR A 23 2.74 8.67 3.12
C TYR A 23 4.18 8.24 3.46
N ARG A 24 4.82 8.95 4.40
CA ARG A 24 6.22 8.72 4.79
C ARG A 24 6.39 7.38 5.51
N ALA A 25 5.50 7.07 6.45
CA ALA A 25 5.52 5.82 7.21
C ALA A 25 5.26 4.60 6.31
N PHE A 26 4.30 4.67 5.38
CA PHE A 26 4.04 3.60 4.43
C PHE A 26 5.27 3.35 3.55
N SER A 27 5.81 4.40 2.91
CA SER A 27 6.95 4.26 1.98
C SER A 27 8.24 3.78 2.66
N ASP A 28 8.41 4.09 3.96
CA ASP A 28 9.53 3.62 4.78
C ASP A 28 9.53 2.09 4.98
N LYS A 29 8.36 1.43 5.04
CA LYS A 29 8.23 -0.03 5.17
C LYS A 29 7.66 -0.76 3.93
N TRP A 30 7.38 -0.03 2.85
CA TRP A 30 6.84 -0.59 1.60
C TRP A 30 7.82 -1.57 0.92
N GLU A 31 7.30 -2.74 0.53
CA GLU A 31 8.00 -3.82 -0.17
C GLU A 31 6.97 -4.69 -0.90
N SER A 32 7.21 -5.01 -2.18
CA SER A 32 6.26 -5.78 -3.01
C SER A 32 6.95 -6.64 -4.10
N ASP A 33 6.26 -7.71 -4.51
CA ASP A 33 6.76 -8.64 -5.54
C ASP A 33 6.41 -8.23 -6.99
N TYR A 34 5.36 -7.42 -7.17
CA TYR A 34 4.94 -6.87 -8.46
C TYR A 34 5.70 -5.57 -8.82
N THR A 35 5.25 -4.86 -9.85
CA THR A 35 5.90 -3.66 -10.41
C THR A 35 5.80 -2.41 -9.51
N GLY A 36 5.07 -2.46 -8.38
CA GLY A 36 5.07 -1.39 -7.36
C GLY A 36 4.51 -0.04 -7.80
N ASN A 37 3.66 -0.02 -8.83
CA ASN A 37 3.12 1.23 -9.40
C ASN A 37 1.90 1.75 -8.63
N LEU A 38 2.11 2.17 -7.38
CA LEU A 38 1.07 2.65 -6.47
C LEU A 38 1.28 4.09 -5.96
N THR A 39 0.19 4.77 -5.63
CA THR A 39 0.20 6.10 -4.99
C THR A 39 -0.83 6.18 -3.84
N ILE A 40 -0.66 7.16 -2.95
CA ILE A 40 -1.41 7.32 -1.70
C ILE A 40 -2.19 8.64 -1.75
N ASN A 41 -3.50 8.56 -1.53
CA ASN A 41 -4.43 9.67 -1.60
C ASN A 41 -5.13 9.79 -0.23
N GLU A 42 -5.41 10.99 0.26
CA GLU A 42 -6.26 11.16 1.46
C GLU A 42 -7.40 12.17 1.26
N ARG A 43 -8.43 12.08 2.09
CA ARG A 43 -9.49 13.09 2.19
C ARG A 43 -9.69 13.58 3.63
N PRO A 44 -9.44 14.87 3.91
CA PRO A 44 -9.50 15.39 5.27
C PRO A 44 -10.93 15.74 5.69
N SER A 45 -11.33 15.33 6.89
CA SER A 45 -12.67 15.65 7.45
C SER A 45 -12.67 15.67 8.99
N ALA A 46 -13.03 16.83 9.57
CA ALA A 46 -12.95 17.09 11.01
C ALA A 46 -13.94 16.26 11.87
N ARG A 47 -14.88 15.55 11.23
CA ARG A 47 -15.72 14.51 11.85
C ARG A 47 -14.91 13.41 12.56
N ALA A 48 -13.71 13.09 12.05
CA ALA A 48 -12.91 11.96 12.55
C ALA A 48 -11.40 12.00 12.26
N GLY A 49 -10.92 12.65 11.19
CA GLY A 49 -9.51 12.59 10.76
C GLY A 49 -9.34 12.64 9.24
N SER A 50 -8.88 11.54 8.63
CA SER A 50 -8.70 11.41 7.18
C SER A 50 -9.16 10.04 6.65
N TRP A 51 -9.76 10.04 5.45
CA TRP A 51 -9.78 8.82 4.63
C TRP A 51 -8.40 8.65 4.01
N ILE A 52 -7.87 7.42 3.97
CA ILE A 52 -6.70 7.03 3.18
C ILE A 52 -7.14 6.04 2.10
N THR A 53 -6.71 6.29 0.87
CA THR A 53 -7.08 5.51 -0.32
C THR A 53 -5.83 5.29 -1.18
N ILE A 54 -5.40 4.04 -1.33
CA ILE A 54 -4.23 3.67 -2.14
C ILE A 54 -4.71 3.14 -3.50
N THR A 55 -4.12 3.70 -4.55
CA THR A 55 -4.44 3.38 -5.95
C THR A 55 -3.23 2.81 -6.68
N VAL A 56 -3.43 1.78 -7.51
CA VAL A 56 -2.42 1.21 -8.42
C VAL A 56 -2.67 1.75 -9.82
N ASN A 57 -1.70 2.51 -10.34
CA ASN A 57 -1.76 3.36 -11.55
C ASN A 57 -2.90 4.40 -11.51
N GLN A 58 -4.14 3.93 -11.68
CA GLN A 58 -5.38 4.72 -11.72
C GLN A 58 -6.58 4.00 -11.06
N ASP A 59 -6.35 2.86 -10.40
CA ASP A 59 -7.39 1.97 -9.86
C ASP A 59 -7.27 1.82 -8.33
N VAL A 60 -8.36 2.00 -7.58
CA VAL A 60 -8.36 1.77 -6.12
C VAL A 60 -8.31 0.28 -5.80
N ILE A 61 -7.50 -0.08 -4.79
CA ILE A 61 -7.39 -1.46 -4.29
C ILE A 61 -7.56 -1.60 -2.78
N PHE A 62 -7.25 -0.55 -1.99
CA PHE A 62 -7.48 -0.54 -0.55
C PHE A 62 -7.75 0.88 -0.05
N GLN A 63 -8.60 1.00 0.97
CA GLN A 63 -8.88 2.25 1.65
C GLN A 63 -9.35 2.04 3.10
N THR A 64 -9.00 2.95 3.99
CA THR A 64 -9.31 2.90 5.44
C THR A 64 -9.36 4.29 6.06
N PHE A 65 -9.93 4.42 7.26
CA PHE A 65 -10.00 5.69 7.99
C PHE A 65 -8.87 5.80 9.03
N LEU A 66 -8.14 6.92 9.02
CA LEU A 66 -7.15 7.28 10.05
C LEU A 66 -7.71 8.29 11.06
N PHE A 67 -7.30 8.15 12.31
CA PHE A 67 -7.74 8.99 13.44
C PHE A 67 -6.53 9.62 14.16
N PRO A 68 -6.53 10.95 14.41
CA PRO A 68 -5.39 11.66 15.01
C PRO A 68 -5.30 11.53 16.54
N LEU A 69 -6.43 11.33 17.22
CA LEU A 69 -6.50 11.20 18.70
C LEU A 69 -6.25 9.77 19.21
N LYS A 70 -6.28 8.79 18.30
CA LYS A 70 -6.02 7.35 18.59
C LYS A 70 -4.61 6.94 18.16
N ARG A 71 -4.13 5.80 18.70
CA ARG A 71 -2.76 5.26 18.47
C ARG A 71 -2.70 4.09 17.47
N ASP A 72 -3.76 3.86 16.70
CA ASP A 72 -3.79 2.83 15.65
C ASP A 72 -2.91 3.16 14.43
N PHE A 73 -2.51 4.42 14.23
CA PHE A 73 -1.83 4.89 13.01
C PHE A 73 -0.70 3.97 12.54
N GLU A 74 0.20 3.56 13.43
CA GLU A 74 1.33 2.66 13.09
C GLU A 74 0.84 1.28 12.64
N LYS A 75 -0.16 0.75 13.33
CA LYS A 75 -0.79 -0.54 13.03
C LYS A 75 -1.53 -0.50 11.69
N THR A 76 -2.29 0.57 11.45
CA THR A 76 -2.98 0.85 10.18
C THR A 76 -2.00 1.03 9.01
N VAL A 77 -0.85 1.69 9.22
CA VAL A 77 0.23 1.78 8.21
C VAL A 77 0.75 0.39 7.87
N VAL A 78 1.17 -0.40 8.86
CA VAL A 78 1.74 -1.75 8.63
C VAL A 78 0.72 -2.68 7.98
N ALA A 79 -0.54 -2.59 8.39
CA ALA A 79 -1.63 -3.39 7.85
C ALA A 79 -1.99 -3.00 6.41
N ALA A 80 -1.86 -1.73 6.02
CA ALA A 80 -2.07 -1.28 4.65
C ALA A 80 -1.03 -1.87 3.68
N LEU A 81 0.18 -2.19 4.14
CA LEU A 81 1.22 -2.81 3.31
C LEU A 81 0.75 -4.19 2.81
N ILE A 82 0.23 -5.01 3.74
CA ILE A 82 -0.30 -6.35 3.46
C ILE A 82 -1.59 -6.25 2.63
N GLN A 83 -2.53 -5.38 3.02
CA GLN A 83 -3.82 -5.24 2.35
C GLN A 83 -3.69 -4.67 0.92
N THR A 84 -2.64 -3.91 0.65
CA THR A 84 -2.28 -3.47 -0.72
C THR A 84 -1.91 -4.65 -1.60
N GLU A 85 -1.04 -5.57 -1.14
CA GLU A 85 -0.69 -6.73 -1.97
C GLU A 85 -1.81 -7.78 -2.02
N GLU A 86 -2.65 -7.90 -0.98
CA GLU A 86 -3.76 -8.87 -0.96
C GLU A 86 -4.80 -8.62 -2.07
N ALA A 87 -4.97 -7.37 -2.51
CA ALA A 87 -5.76 -7.03 -3.69
C ALA A 87 -5.15 -7.60 -4.98
N LEU A 88 -3.81 -7.55 -5.11
CA LEU A 88 -3.06 -7.94 -6.31
C LEU A 88 -2.73 -9.43 -6.33
N ASN A 89 -2.74 -10.08 -5.16
CA ASN A 89 -2.45 -11.50 -4.96
C ASN A 89 -3.41 -12.43 -5.70
N ARG A 90 -4.66 -12.01 -5.92
CA ARG A 90 -5.68 -12.75 -6.72
C ARG A 90 -5.84 -12.22 -8.16
N ARG A 91 -5.14 -11.12 -8.50
CA ARG A 91 -5.12 -10.52 -9.87
C ARG A 91 -4.01 -11.10 -10.73
N GLN A 92 -2.78 -11.07 -10.21
CA GLN A 92 -1.56 -11.40 -10.97
C GLN A 92 -0.46 -12.14 -10.19
N ILE A 93 -0.24 -11.84 -8.91
CA ILE A 93 0.87 -12.45 -8.15
C ILE A 93 0.62 -13.96 -7.96
N ASN A 94 -0.64 -14.41 -8.08
CA ASN A 94 -1.03 -15.82 -8.10
C ASN A 94 -0.30 -16.62 -9.20
N GLN A 95 -0.04 -16.00 -10.36
CA GLN A 95 0.71 -16.60 -11.46
C GLN A 95 2.21 -16.70 -11.13
N ALA A 96 2.77 -15.63 -10.55
CA ALA A 96 4.18 -15.54 -10.19
C ALA A 96 4.55 -16.51 -9.05
N LEU A 97 3.75 -16.60 -7.98
CA LEU A 97 4.03 -17.50 -6.85
C LEU A 97 3.91 -18.98 -7.23
N LEU A 98 3.04 -19.29 -8.21
CA LEU A 98 2.88 -20.63 -8.78
C LEU A 98 4.04 -20.96 -9.74
N SER A 99 4.46 -20.01 -10.56
CA SER A 99 5.63 -20.15 -11.46
C SER A 99 6.95 -20.28 -10.69
N THR A 100 6.99 -19.85 -9.42
CA THR A 100 8.13 -19.93 -8.49
C THR A 100 8.00 -21.15 -7.55
N GLY A 101 7.42 -22.26 -8.06
CA GLY A 101 7.18 -23.52 -7.34
C GLY A 101 8.43 -24.39 -7.14
N ASP A 102 9.58 -23.78 -6.84
CA ASP A 102 10.88 -24.45 -6.68
C ASP A 102 10.98 -25.35 -5.42
N LEU A 103 11.98 -26.22 -5.41
CA LEU A 103 12.28 -27.13 -4.29
C LEU A 103 12.81 -26.41 -3.03
N ALA A 104 12.63 -27.07 -1.89
CA ALA A 104 13.12 -26.62 -0.58
C ALA A 104 13.40 -27.79 0.41
N HIS A 105 13.67 -28.99 -0.13
CA HIS A 105 13.65 -30.26 0.63
C HIS A 105 14.98 -30.61 1.32
N ASP A 106 16.11 -30.25 0.71
CA ASP A 106 17.47 -30.64 1.15
C ASP A 106 18.42 -29.42 1.26
N GLU A 107 17.87 -28.23 1.50
CA GLU A 107 18.61 -26.96 1.54
C GLU A 107 19.45 -26.78 2.82
N PHE A 108 19.00 -27.36 3.94
CA PHE A 108 19.62 -27.28 5.27
C PHE A 108 19.53 -28.63 6.03
N ALA A 1 22.83 -8.19 -12.08
CA ALA A 1 21.67 -7.88 -11.20
C ALA A 1 20.45 -8.78 -11.51
N VAL A 2 19.50 -8.91 -10.57
CA VAL A 2 18.25 -9.70 -10.74
C VAL A 2 17.00 -8.98 -10.21
N GLU A 3 17.11 -8.21 -9.13
CA GLU A 3 16.01 -7.43 -8.53
C GLU A 3 16.55 -6.10 -7.96
N VAL A 4 16.00 -4.96 -8.43
CA VAL A 4 16.39 -3.60 -8.04
C VAL A 4 15.14 -2.71 -7.93
N GLU A 5 15.17 -1.70 -7.05
CA GLU A 5 14.08 -0.73 -6.81
C GLU A 5 13.91 0.33 -7.93
N VAL A 6 13.97 -0.13 -9.20
CA VAL A 6 13.86 0.70 -10.41
C VAL A 6 12.46 1.34 -10.60
N PRO A 7 11.33 0.57 -10.58
CA PRO A 7 10.01 1.16 -10.75
C PRO A 7 9.46 1.79 -9.45
N GLY A 8 8.37 2.54 -9.59
CA GLY A 8 7.62 3.18 -8.49
C GLY A 8 7.06 4.56 -8.86
N LEU A 9 5.87 4.89 -8.35
CA LEU A 9 5.22 6.20 -8.54
C LEU A 9 4.44 6.70 -7.30
N LEU A 10 4.94 6.39 -6.09
CA LEU A 10 4.40 6.93 -4.84
C LEU A 10 4.49 8.47 -4.88
N THR A 11 3.32 9.11 -4.77
CA THR A 11 3.21 10.57 -4.68
C THR A 11 2.52 10.97 -3.37
N ASP A 12 3.05 12.01 -2.73
CA ASP A 12 2.50 12.64 -1.53
C ASP A 12 1.26 13.52 -1.87
N HIS A 13 0.17 12.87 -2.31
CA HIS A 13 -1.11 13.56 -2.58
C HIS A 13 -1.83 14.02 -1.30
N THR A 14 -1.26 13.72 -0.12
CA THR A 14 -1.94 13.78 1.18
C THR A 14 -1.75 15.13 1.88
N VAL A 15 -2.82 15.64 2.51
CA VAL A 15 -2.86 17.01 3.10
C VAL A 15 -3.52 17.07 4.50
N SER A 16 -3.28 16.03 5.30
CA SER A 16 -3.81 15.85 6.66
C SER A 16 -2.68 15.70 7.70
N SER A 17 -2.92 16.12 8.96
CA SER A 17 -1.97 15.98 10.07
C SER A 17 -1.54 14.53 10.35
N ILE A 18 -2.42 13.56 10.08
CA ILE A 18 -2.13 12.11 10.06
C ILE A 18 -1.85 11.61 8.64
N GLY A 19 -2.62 12.03 7.62
CA GLY A 19 -2.48 11.49 6.26
C GLY A 19 -1.16 11.87 5.56
N HIS A 20 -0.55 13.00 5.91
CA HIS A 20 0.79 13.37 5.45
C HIS A 20 1.86 12.42 6.02
N ASP A 21 1.74 12.03 7.29
CA ASP A 21 2.64 11.07 7.91
C ASP A 21 2.40 9.64 7.40
N PHE A 22 1.17 9.25 7.05
CA PHE A 22 0.90 7.95 6.42
C PHE A 22 1.75 7.77 5.16
N TYR A 23 1.85 8.79 4.31
CA TYR A 23 2.72 8.73 3.12
C TYR A 23 4.15 8.34 3.47
N ARG A 24 4.77 9.08 4.41
CA ARG A 24 6.17 8.91 4.81
C ARG A 24 6.41 7.56 5.50
N ALA A 25 5.52 7.20 6.42
CA ALA A 25 5.58 5.94 7.15
C ALA A 25 5.34 4.74 6.24
N PHE A 26 4.37 4.78 5.33
CA PHE A 26 4.12 3.71 4.37
C PHE A 26 5.34 3.50 3.47
N SER A 27 5.86 4.55 2.84
CA SER A 27 7.00 4.44 1.91
C SER A 27 8.30 3.99 2.58
N ASP A 28 8.48 4.30 3.87
CA ASP A 28 9.61 3.83 4.68
C ASP A 28 9.64 2.30 4.88
N LYS A 29 8.47 1.63 4.95
CA LYS A 29 8.37 0.15 5.08
C LYS A 29 7.80 -0.57 3.84
N TRP A 30 7.48 0.15 2.77
CA TRP A 30 6.96 -0.42 1.52
C TRP A 30 7.95 -1.36 0.82
N GLU A 31 7.48 -2.56 0.47
CA GLU A 31 8.15 -3.56 -0.36
C GLU A 31 7.09 -4.53 -0.93
N SER A 32 7.20 -4.90 -2.22
CA SER A 32 6.30 -5.86 -2.87
C SER A 32 6.96 -6.64 -4.02
N ASP A 33 6.32 -7.73 -4.46
CA ASP A 33 6.84 -8.65 -5.48
C ASP A 33 6.58 -8.17 -6.93
N TYR A 34 5.51 -7.40 -7.14
CA TYR A 34 5.12 -6.83 -8.43
C TYR A 34 5.87 -5.50 -8.74
N THR A 35 5.43 -4.78 -9.78
CA THR A 35 6.08 -3.58 -10.35
C THR A 35 5.96 -2.33 -9.46
N GLY A 36 5.18 -2.35 -8.36
CA GLY A 36 5.18 -1.28 -7.36
C GLY A 36 4.61 0.06 -7.83
N ASN A 37 3.77 0.06 -8.85
CA ASN A 37 3.20 1.29 -9.43
C ASN A 37 1.96 1.79 -8.66
N LEU A 38 2.18 2.24 -7.43
CA LEU A 38 1.13 2.70 -6.51
C LEU A 38 1.32 4.14 -6.00
N THR A 39 0.23 4.80 -5.63
CA THR A 39 0.22 6.14 -5.02
C THR A 39 -0.81 6.24 -3.89
N ILE A 40 -0.66 7.22 -3.01
CA ILE A 40 -1.43 7.39 -1.76
C ILE A 40 -2.21 8.70 -1.82
N ASN A 41 -3.50 8.62 -1.52
CA ASN A 41 -4.44 9.73 -1.60
C ASN A 41 -5.19 9.82 -0.27
N GLU A 42 -5.46 11.02 0.26
CA GLU A 42 -6.33 11.17 1.44
C GLU A 42 -7.43 12.22 1.27
N ARG A 43 -8.54 12.04 1.99
CA ARG A 43 -9.61 13.04 2.13
C ARG A 43 -9.70 13.51 3.59
N PRO A 44 -9.42 14.79 3.88
CA PRO A 44 -9.44 15.32 5.24
C PRO A 44 -10.89 15.63 5.65
N SER A 45 -11.32 15.01 6.75
CA SER A 45 -12.73 15.00 7.17
C SER A 45 -12.84 15.16 8.69
N ALA A 46 -13.14 16.39 9.13
CA ALA A 46 -13.11 16.79 10.55
C ALA A 46 -14.11 16.06 11.46
N ARG A 47 -15.05 15.29 10.87
CA ARG A 47 -15.88 14.30 11.58
C ARG A 47 -15.07 13.30 12.42
N ALA A 48 -13.86 12.93 11.98
CA ALA A 48 -13.04 11.90 12.63
C ALA A 48 -11.52 11.93 12.32
N GLY A 49 -11.05 12.51 11.21
CA GLY A 49 -9.64 12.45 10.80
C GLY A 49 -9.45 12.50 9.28
N SER A 50 -8.94 11.42 8.68
CA SER A 50 -8.75 11.30 7.22
C SER A 50 -9.19 9.93 6.66
N TRP A 51 -9.77 9.94 5.46
CA TRP A 51 -9.84 8.73 4.63
C TRP A 51 -8.51 8.56 3.92
N ILE A 52 -7.91 7.37 3.96
CA ILE A 52 -6.73 7.00 3.18
C ILE A 52 -7.13 6.02 2.09
N THR A 53 -6.69 6.27 0.85
CA THR A 53 -7.03 5.47 -0.33
C THR A 53 -5.78 5.28 -1.18
N ILE A 54 -5.34 4.03 -1.34
CA ILE A 54 -4.17 3.67 -2.16
C ILE A 54 -4.65 3.15 -3.52
N THR A 55 -4.07 3.69 -4.58
CA THR A 55 -4.39 3.38 -5.97
C THR A 55 -3.17 2.81 -6.70
N VAL A 56 -3.37 1.78 -7.53
CA VAL A 56 -2.36 1.22 -8.44
C VAL A 56 -2.61 1.75 -9.84
N ASN A 57 -1.65 2.50 -10.37
CA ASN A 57 -1.72 3.34 -11.58
C ASN A 57 -2.87 4.37 -11.56
N GLN A 58 -4.11 3.90 -11.72
CA GLN A 58 -5.36 4.68 -11.74
C GLN A 58 -6.55 3.95 -11.07
N ASP A 59 -6.31 2.81 -10.42
CA ASP A 59 -7.35 1.92 -9.87
C ASP A 59 -7.22 1.78 -8.35
N VAL A 60 -8.30 1.94 -7.60
CA VAL A 60 -8.29 1.71 -6.14
C VAL A 60 -8.23 0.22 -5.80
N ILE A 61 -7.42 -0.13 -4.81
CA ILE A 61 -7.27 -1.52 -4.31
C ILE A 61 -7.43 -1.65 -2.79
N PHE A 62 -7.14 -0.61 -2.02
CA PHE A 62 -7.34 -0.60 -0.57
C PHE A 62 -7.62 0.82 -0.07
N GLN A 63 -8.48 0.92 0.95
CA GLN A 63 -8.78 2.17 1.63
C GLN A 63 -9.25 1.94 3.08
N THR A 64 -8.90 2.87 3.97
CA THR A 64 -9.20 2.80 5.42
C THR A 64 -9.29 4.19 6.05
N PHE A 65 -9.88 4.30 7.24
CA PHE A 65 -9.97 5.55 7.99
C PHE A 65 -8.82 5.67 9.01
N LEU A 66 -8.13 6.81 9.03
CA LEU A 66 -7.14 7.18 10.05
C LEU A 66 -7.74 8.18 11.06
N PHE A 67 -7.34 8.02 12.33
CA PHE A 67 -7.80 8.83 13.46
C PHE A 67 -6.60 9.46 14.21
N PRO A 68 -6.62 10.78 14.49
CA PRO A 68 -5.49 11.52 15.09
C PRO A 68 -5.38 11.34 16.62
N LEU A 69 -6.52 11.12 17.31
CA LEU A 69 -6.59 10.97 18.78
C LEU A 69 -6.23 9.55 19.24
N LYS A 70 -6.48 8.56 18.38
CA LYS A 70 -6.16 7.13 18.62
C LYS A 70 -4.71 6.79 18.24
N ARG A 71 -4.23 5.65 18.73
CA ARG A 71 -2.84 5.15 18.54
C ARG A 71 -2.71 3.99 17.55
N ASP A 72 -3.71 3.79 16.69
CA ASP A 72 -3.69 2.75 15.64
C ASP A 72 -2.80 3.11 14.44
N PHE A 73 -2.42 4.37 14.25
CA PHE A 73 -1.76 4.86 13.03
C PHE A 73 -0.62 3.96 12.54
N GLU A 74 0.30 3.57 13.44
CA GLU A 74 1.44 2.70 13.09
C GLU A 74 0.98 1.32 12.60
N LYS A 75 -0.02 0.76 13.29
CA LYS A 75 -0.62 -0.53 12.99
C LYS A 75 -1.37 -0.48 11.65
N THR A 76 -2.15 0.56 11.43
CA THR A 76 -2.85 0.85 10.16
C THR A 76 -1.88 1.06 8.99
N VAL A 77 -0.73 1.72 9.19
CA VAL A 77 0.33 1.83 8.17
C VAL A 77 0.88 0.44 7.83
N VAL A 78 1.33 -0.34 8.82
CA VAL A 78 1.92 -1.68 8.58
C VAL A 78 0.91 -2.62 7.93
N ALA A 79 -0.36 -2.55 8.35
CA ALA A 79 -1.44 -3.37 7.81
C ALA A 79 -1.80 -2.97 6.37
N ALA A 80 -1.69 -1.69 6.00
CA ALA A 80 -1.92 -1.25 4.63
C ALA A 80 -0.88 -1.81 3.65
N LEU A 81 0.34 -2.12 4.11
CA LEU A 81 1.38 -2.74 3.27
C LEU A 81 0.93 -4.12 2.78
N ILE A 82 0.42 -4.94 3.72
CA ILE A 82 -0.10 -6.28 3.45
C ILE A 82 -1.38 -6.20 2.62
N GLN A 83 -2.32 -5.33 3.01
CA GLN A 83 -3.63 -5.22 2.34
C GLN A 83 -3.52 -4.65 0.91
N THR A 84 -2.46 -3.87 0.63
CA THR A 84 -2.13 -3.43 -0.73
C THR A 84 -1.73 -4.62 -1.61
N GLU A 85 -0.86 -5.53 -1.15
CA GLU A 85 -0.51 -6.69 -1.98
C GLU A 85 -1.63 -7.74 -2.01
N GLU A 86 -2.44 -7.88 -0.96
CA GLU A 86 -3.55 -8.86 -0.92
C GLU A 86 -4.61 -8.63 -2.02
N ALA A 87 -4.78 -7.37 -2.46
CA ALA A 87 -5.58 -7.05 -3.65
C ALA A 87 -4.97 -7.63 -4.93
N LEU A 88 -3.65 -7.51 -5.09
CA LEU A 88 -2.92 -7.91 -6.30
C LEU A 88 -2.59 -9.40 -6.32
N ASN A 89 -2.59 -10.04 -5.14
CA ASN A 89 -2.36 -11.47 -4.94
C ASN A 89 -3.39 -12.37 -5.62
N ARG A 90 -4.62 -11.89 -5.82
CA ARG A 90 -5.69 -12.58 -6.59
C ARG A 90 -5.87 -12.06 -8.04
N ARG A 91 -5.17 -10.97 -8.39
CA ARG A 91 -5.18 -10.35 -9.75
C ARG A 91 -4.09 -10.93 -10.66
N GLN A 92 -2.83 -10.86 -10.19
CA GLN A 92 -1.63 -11.13 -11.01
C GLN A 92 -0.51 -11.88 -10.30
N ILE A 93 -0.26 -11.61 -9.01
CA ILE A 93 0.83 -12.29 -8.26
C ILE A 93 0.49 -13.77 -8.06
N ASN A 94 -0.78 -14.16 -8.20
CA ASN A 94 -1.25 -15.54 -8.20
C ASN A 94 -0.54 -16.42 -9.25
N GLN A 95 -0.21 -15.84 -10.42
CA GLN A 95 0.57 -16.52 -11.46
C GLN A 95 2.05 -16.63 -11.06
N ALA A 96 2.63 -15.55 -10.52
CA ALA A 96 4.04 -15.50 -10.11
C ALA A 96 4.37 -16.46 -8.96
N LEU A 97 3.48 -16.57 -7.96
CA LEU A 97 3.66 -17.47 -6.81
C LEU A 97 3.44 -18.96 -7.13
N LEU A 98 2.67 -19.24 -8.18
CA LEU A 98 2.38 -20.58 -8.69
C LEU A 98 3.43 -21.08 -9.70
N SER A 99 3.99 -20.18 -10.52
CA SER A 99 4.93 -20.48 -11.62
C SER A 99 6.40 -20.51 -11.15
N THR A 100 6.63 -21.06 -9.96
CA THR A 100 7.93 -21.19 -9.27
C THR A 100 8.74 -22.44 -9.67
N GLY A 101 8.47 -22.98 -10.87
CA GLY A 101 9.11 -24.18 -11.45
C GLY A 101 10.54 -23.95 -11.95
N ASP A 102 11.42 -23.47 -11.07
CA ASP A 102 12.82 -23.10 -11.31
C ASP A 102 13.03 -22.01 -12.39
N LEU A 103 14.29 -21.72 -12.73
CA LEU A 103 14.66 -20.87 -13.87
C LEU A 103 14.34 -21.58 -15.19
N ALA A 104 13.70 -20.82 -16.09
CA ALA A 104 13.40 -21.26 -17.45
C ALA A 104 13.21 -20.11 -18.48
N HIS A 105 13.80 -18.93 -18.23
CA HIS A 105 13.65 -17.74 -19.10
C HIS A 105 14.88 -16.82 -19.05
N ASP A 106 15.32 -16.42 -17.85
CA ASP A 106 16.47 -15.53 -17.60
C ASP A 106 17.83 -16.27 -17.71
N GLU A 107 17.98 -17.14 -18.71
CA GLU A 107 19.09 -18.08 -18.87
C GLU A 107 20.46 -17.42 -19.08
N PHE A 108 20.50 -16.28 -19.81
CA PHE A 108 21.72 -15.65 -20.31
C PHE A 108 21.73 -14.12 -20.10
N ALA A 1 15.45 -11.16 -14.73
CA ALA A 1 14.92 -9.96 -14.04
C ALA A 1 15.82 -9.55 -12.86
N VAL A 2 15.70 -8.29 -12.39
CA VAL A 2 16.44 -7.72 -11.23
C VAL A 2 15.50 -7.00 -10.25
N GLU A 3 15.97 -6.82 -9.01
CA GLU A 3 15.17 -6.40 -7.84
C GLU A 3 15.66 -5.08 -7.19
N VAL A 4 16.30 -4.21 -7.99
CA VAL A 4 17.06 -3.02 -7.51
C VAL A 4 16.18 -1.78 -7.22
N GLU A 5 14.90 -2.01 -6.89
CA GLU A 5 13.88 -1.00 -6.60
C GLU A 5 13.70 0.00 -7.76
N VAL A 6 13.78 -0.50 -9.00
CA VAL A 6 13.81 0.31 -10.23
C VAL A 6 12.49 1.07 -10.50
N PRO A 7 11.30 0.42 -10.53
CA PRO A 7 10.02 1.13 -10.72
C PRO A 7 9.49 1.75 -9.42
N GLY A 8 8.46 2.60 -9.57
CA GLY A 8 7.71 3.22 -8.46
C GLY A 8 7.13 4.59 -8.82
N LEU A 9 5.93 4.91 -8.29
CA LEU A 9 5.27 6.23 -8.47
C LEU A 9 4.48 6.71 -7.23
N LEU A 10 4.98 6.40 -6.02
CA LEU A 10 4.42 6.92 -4.77
C LEU A 10 4.48 8.46 -4.79
N THR A 11 3.31 9.09 -4.67
CA THR A 11 3.17 10.54 -4.54
C THR A 11 2.40 10.88 -3.26
N ASP A 12 2.83 11.94 -2.60
CA ASP A 12 2.19 12.55 -1.43
C ASP A 12 0.91 13.32 -1.81
N HIS A 13 -0.11 12.61 -2.31
CA HIS A 13 -1.46 13.16 -2.59
C HIS A 13 -2.27 13.32 -1.29
N THR A 14 -1.60 13.79 -0.23
CA THR A 14 -2.09 13.77 1.14
C THR A 14 -1.91 15.13 1.84
N VAL A 15 -2.99 15.66 2.44
CA VAL A 15 -3.08 17.06 2.93
C VAL A 15 -3.71 17.20 4.33
N SER A 16 -3.42 16.24 5.21
CA SER A 16 -3.89 16.22 6.62
C SER A 16 -2.78 15.80 7.58
N SER A 17 -2.88 16.13 8.87
CA SER A 17 -1.79 15.89 9.85
C SER A 17 -1.36 14.41 9.94
N ILE A 18 -2.35 13.50 9.92
CA ILE A 18 -2.16 12.04 9.89
C ILE A 18 -1.97 11.51 8.46
N GLY A 19 -2.72 11.98 7.47
CA GLY A 19 -2.58 11.47 6.09
C GLY A 19 -1.24 11.86 5.45
N HIS A 20 -0.68 13.01 5.83
CA HIS A 20 0.68 13.42 5.46
C HIS A 20 1.74 12.49 6.06
N ASP A 21 1.54 12.04 7.30
CA ASP A 21 2.45 11.09 7.96
C ASP A 21 2.28 9.67 7.40
N PHE A 22 1.06 9.25 7.03
CA PHE A 22 0.81 7.94 6.41
C PHE A 22 1.66 7.75 5.16
N TYR A 23 1.77 8.77 4.31
CA TYR A 23 2.63 8.73 3.12
C TYR A 23 4.07 8.33 3.47
N ARG A 24 4.69 9.07 4.41
CA ARG A 24 6.09 8.88 4.82
C ARG A 24 6.30 7.55 5.53
N ALA A 25 5.41 7.21 6.46
CA ALA A 25 5.46 5.96 7.22
C ALA A 25 5.24 4.74 6.31
N PHE A 26 4.28 4.79 5.38
CA PHE A 26 4.06 3.71 4.42
C PHE A 26 5.30 3.50 3.55
N SER A 27 5.82 4.55 2.92
CA SER A 27 6.96 4.44 1.99
C SER A 27 8.27 4.01 2.70
N ASP A 28 8.42 4.32 3.99
CA ASP A 28 9.55 3.87 4.82
C ASP A 28 9.59 2.34 5.03
N LYS A 29 8.42 1.66 5.07
CA LYS A 29 8.33 0.18 5.21
C LYS A 29 7.79 -0.56 3.96
N TRP A 30 7.48 0.16 2.88
CA TRP A 30 7.01 -0.42 1.62
C TRP A 30 8.05 -1.35 0.95
N GLU A 31 7.60 -2.53 0.52
CA GLU A 31 8.37 -3.56 -0.18
C GLU A 31 7.40 -4.46 -0.98
N SER A 32 7.71 -4.73 -2.25
CA SER A 32 6.83 -5.50 -3.14
C SER A 32 7.55 -6.31 -4.23
N ASP A 33 6.92 -7.42 -4.66
CA ASP A 33 7.44 -8.31 -5.72
C ASP A 33 6.98 -7.91 -7.14
N TYR A 34 5.79 -7.29 -7.26
CA TYR A 34 5.27 -6.75 -8.52
C TYR A 34 5.93 -5.40 -8.90
N THR A 35 5.41 -4.73 -9.93
CA THR A 35 6.00 -3.51 -10.54
C THR A 35 5.87 -2.26 -9.65
N GLY A 36 5.20 -2.33 -8.48
CA GLY A 36 5.23 -1.27 -7.47
C GLY A 36 4.64 0.07 -7.88
N ASN A 37 3.76 0.10 -8.88
CA ASN A 37 3.19 1.33 -9.43
C ASN A 37 1.97 1.81 -8.65
N LEU A 38 2.19 2.23 -7.40
CA LEU A 38 1.14 2.69 -6.47
C LEU A 38 1.34 4.13 -5.97
N THR A 39 0.24 4.78 -5.62
CA THR A 39 0.22 6.13 -5.00
C THR A 39 -0.80 6.22 -3.87
N ILE A 40 -0.64 7.20 -2.98
CA ILE A 40 -1.40 7.35 -1.72
C ILE A 40 -2.17 8.66 -1.78
N ASN A 41 -3.47 8.58 -1.51
CA ASN A 41 -4.41 9.69 -1.58
C ASN A 41 -5.10 9.82 -0.22
N GLU A 42 -5.36 11.04 0.28
CA GLU A 42 -6.24 11.24 1.43
C GLU A 42 -7.38 12.24 1.19
N ARG A 43 -8.49 12.06 1.93
CA ARG A 43 -9.58 13.02 2.04
C ARG A 43 -9.67 13.51 3.50
N PRO A 44 -9.51 14.82 3.74
CA PRO A 44 -9.57 15.40 5.07
C PRO A 44 -11.03 15.51 5.51
N SER A 45 -11.38 14.89 6.64
CA SER A 45 -12.78 14.69 7.09
C SER A 45 -12.88 15.00 8.58
N ALA A 46 -13.13 16.27 8.91
CA ALA A 46 -13.08 16.82 10.27
C ALA A 46 -14.08 16.21 11.27
N ARG A 47 -15.01 15.38 10.80
CA ARG A 47 -15.83 14.46 11.64
C ARG A 47 -14.97 13.58 12.56
N ALA A 48 -13.75 13.20 12.13
CA ALA A 48 -12.81 12.46 12.98
C ALA A 48 -11.32 12.54 12.55
N GLY A 49 -10.99 12.66 11.26
CA GLY A 49 -9.61 12.54 10.77
C GLY A 49 -9.47 12.53 9.24
N SER A 50 -8.96 11.45 8.66
CA SER A 50 -8.74 11.33 7.20
C SER A 50 -9.13 9.97 6.62
N TRP A 51 -9.69 9.98 5.41
CA TRP A 51 -9.88 8.78 4.60
C TRP A 51 -8.65 8.56 3.71
N ILE A 52 -7.95 7.45 3.89
CA ILE A 52 -6.76 7.06 3.11
C ILE A 52 -7.17 6.07 2.04
N THR A 53 -6.71 6.30 0.80
CA THR A 53 -7.03 5.48 -0.37
C THR A 53 -5.77 5.27 -1.20
N ILE A 54 -5.32 4.02 -1.32
CA ILE A 54 -4.16 3.66 -2.14
C ILE A 54 -4.62 3.10 -3.48
N THR A 55 -4.05 3.65 -4.55
CA THR A 55 -4.39 3.32 -5.94
C THR A 55 -3.17 2.76 -6.67
N VAL A 56 -3.35 1.73 -7.49
CA VAL A 56 -2.34 1.16 -8.40
C VAL A 56 -2.61 1.70 -9.80
N ASN A 57 -1.66 2.47 -10.33
CA ASN A 57 -1.75 3.31 -11.54
C ASN A 57 -2.92 4.32 -11.50
N GLN A 58 -4.15 3.82 -11.66
CA GLN A 58 -5.40 4.59 -11.68
C GLN A 58 -6.58 3.85 -10.99
N ASP A 59 -6.33 2.72 -10.34
CA ASP A 59 -7.35 1.81 -9.78
C ASP A 59 -7.20 1.68 -8.26
N VAL A 60 -8.28 1.86 -7.50
CA VAL A 60 -8.27 1.64 -6.04
C VAL A 60 -8.20 0.14 -5.71
N ILE A 61 -7.37 -0.20 -4.71
CA ILE A 61 -7.21 -1.58 -4.21
C ILE A 61 -7.36 -1.71 -2.70
N PHE A 62 -7.06 -0.65 -1.93
CA PHE A 62 -7.24 -0.65 -0.48
C PHE A 62 -7.52 0.78 0.02
N GLN A 63 -8.33 0.89 1.07
CA GLN A 63 -8.66 2.15 1.72
C GLN A 63 -9.08 1.96 3.19
N THR A 64 -8.76 2.93 4.04
CA THR A 64 -9.03 2.89 5.49
C THR A 64 -9.18 4.30 6.10
N PHE A 65 -9.83 4.41 7.25
CA PHE A 65 -10.08 5.67 7.95
C PHE A 65 -9.12 5.85 9.13
N LEU A 66 -8.28 6.89 9.08
CA LEU A 66 -7.29 7.23 10.10
C LEU A 66 -7.87 8.19 11.16
N PHE A 67 -7.37 8.04 12.40
CA PHE A 67 -7.70 8.87 13.55
C PHE A 67 -6.43 9.52 14.15
N PRO A 68 -6.45 10.83 14.48
CA PRO A 68 -5.30 11.56 15.02
C PRO A 68 -5.11 11.36 16.54
N LEU A 69 -6.22 11.20 17.29
CA LEU A 69 -6.22 11.05 18.76
C LEU A 69 -5.94 9.59 19.19
N LYS A 70 -6.43 8.61 18.40
CA LYS A 70 -6.26 7.17 18.66
C LYS A 70 -4.89 6.66 18.18
N ARG A 71 -4.35 5.65 18.87
CA ARG A 71 -2.97 5.12 18.68
C ARG A 71 -2.83 3.97 17.70
N ASP A 72 -3.80 3.79 16.78
CA ASP A 72 -3.75 2.76 15.73
C ASP A 72 -2.87 3.10 14.52
N PHE A 73 -2.51 4.38 14.33
CA PHE A 73 -1.86 4.87 13.09
C PHE A 73 -0.72 3.97 12.59
N GLU A 74 0.22 3.59 13.47
CA GLU A 74 1.35 2.73 13.10
C GLU A 74 0.91 1.35 12.62
N LYS A 75 -0.09 0.77 13.33
CA LYS A 75 -0.68 -0.53 13.03
C LYS A 75 -1.44 -0.48 11.70
N THR A 76 -2.22 0.57 11.48
CA THR A 76 -2.93 0.85 10.22
C THR A 76 -1.97 1.05 9.04
N VAL A 77 -0.83 1.72 9.23
CA VAL A 77 0.24 1.83 8.21
C VAL A 77 0.80 0.44 7.87
N VAL A 78 1.25 -0.33 8.88
CA VAL A 78 1.86 -1.66 8.65
C VAL A 78 0.87 -2.62 8.00
N ALA A 79 -0.41 -2.56 8.39
CA ALA A 79 -1.47 -3.40 7.85
C ALA A 79 -1.82 -3.02 6.41
N ALA A 80 -1.72 -1.74 6.03
CA ALA A 80 -1.93 -1.31 4.64
C ALA A 80 -0.88 -1.89 3.68
N LEU A 81 0.34 -2.17 4.16
CA LEU A 81 1.41 -2.76 3.33
C LEU A 81 0.99 -4.15 2.84
N ILE A 82 0.48 -4.98 3.78
CA ILE A 82 -0.01 -6.33 3.50
C ILE A 82 -1.29 -6.25 2.65
N GLN A 83 -2.24 -5.39 3.02
CA GLN A 83 -3.54 -5.31 2.33
C GLN A 83 -3.41 -4.74 0.90
N THR A 84 -2.37 -3.96 0.62
CA THR A 84 -2.00 -3.53 -0.73
C THR A 84 -1.60 -4.70 -1.61
N GLU A 85 -0.74 -5.62 -1.14
CA GLU A 85 -0.39 -6.80 -1.95
C GLU A 85 -1.53 -7.83 -1.98
N GLU A 86 -2.35 -7.96 -0.93
CA GLU A 86 -3.45 -8.93 -0.88
C GLU A 86 -4.54 -8.68 -1.93
N ALA A 87 -4.70 -7.42 -2.38
CA ALA A 87 -5.49 -7.09 -3.56
C ALA A 87 -4.88 -7.69 -4.83
N LEU A 88 -3.56 -7.54 -5.03
CA LEU A 88 -2.86 -7.92 -6.26
C LEU A 88 -2.51 -9.42 -6.28
N ASN A 89 -2.47 -10.06 -5.11
CA ASN A 89 -2.14 -11.46 -4.88
C ASN A 89 -3.15 -12.40 -5.53
N ARG A 90 -4.37 -11.92 -5.75
CA ARG A 90 -5.47 -12.61 -6.46
C ARG A 90 -5.89 -11.98 -7.80
N ARG A 91 -5.14 -10.96 -8.27
CA ARG A 91 -5.23 -10.36 -9.62
C ARG A 91 -4.19 -10.92 -10.59
N GLN A 92 -2.92 -10.83 -10.19
CA GLN A 92 -1.76 -11.07 -11.07
C GLN A 92 -0.63 -11.88 -10.42
N ILE A 93 -0.32 -11.64 -9.14
CA ILE A 93 0.79 -12.34 -8.45
C ILE A 93 0.44 -13.82 -8.23
N ASN A 94 -0.85 -14.19 -8.30
CA ASN A 94 -1.34 -15.57 -8.18
C ASN A 94 -0.73 -16.50 -9.24
N GLN A 95 -0.60 -16.03 -10.49
CA GLN A 95 0.06 -16.78 -11.57
C GLN A 95 1.57 -16.86 -11.37
N ALA A 96 2.20 -15.75 -10.94
CA ALA A 96 3.64 -15.69 -10.71
C ALA A 96 4.09 -16.63 -9.58
N LEU A 97 3.35 -16.65 -8.46
CA LEU A 97 3.67 -17.54 -7.33
C LEU A 97 3.40 -19.02 -7.63
N LEU A 98 2.33 -19.30 -8.39
CA LEU A 98 1.96 -20.66 -8.81
C LEU A 98 2.97 -21.26 -9.79
N SER A 99 3.62 -20.42 -10.60
CA SER A 99 4.76 -20.77 -11.46
C SER A 99 6.08 -20.84 -10.68
N THR A 100 6.03 -21.37 -9.45
CA THR A 100 7.16 -21.55 -8.52
C THR A 100 7.88 -20.23 -8.21
N GLY A 101 7.12 -19.25 -7.73
CA GLY A 101 7.57 -17.87 -7.48
C GLY A 101 7.30 -17.32 -6.07
N ASP A 102 7.11 -18.20 -5.08
CA ASP A 102 6.97 -17.80 -3.67
C ASP A 102 8.25 -17.19 -3.07
N LEU A 103 8.10 -16.47 -1.96
CA LEU A 103 9.20 -16.05 -1.09
C LEU A 103 9.88 -17.23 -0.36
N ALA A 104 11.07 -16.98 0.19
CA ALA A 104 11.83 -17.93 1.01
C ALA A 104 12.47 -17.25 2.24
N HIS A 105 11.82 -16.22 2.79
CA HIS A 105 12.43 -15.23 3.67
C HIS A 105 12.22 -15.56 5.15
N ASP A 106 13.30 -15.90 5.85
CA ASP A 106 13.36 -16.14 7.31
C ASP A 106 12.27 -17.11 7.83
N GLU A 107 12.02 -18.18 7.07
CA GLU A 107 10.84 -19.06 7.28
C GLU A 107 10.91 -19.92 8.55
N PHE A 108 12.13 -20.36 8.93
CA PHE A 108 12.40 -21.29 10.04
C PHE A 108 13.69 -20.91 10.81
N ALA A 1 18.12 -10.74 -13.86
CA ALA A 1 17.95 -10.47 -12.41
C ALA A 1 16.60 -9.81 -12.08
N VAL A 2 16.41 -8.52 -12.39
CA VAL A 2 15.21 -7.71 -12.03
C VAL A 2 14.93 -7.76 -10.51
N GLU A 3 15.97 -7.43 -9.73
CA GLU A 3 16.01 -7.57 -8.26
C GLU A 3 16.32 -6.23 -7.55
N VAL A 4 15.99 -5.10 -8.21
CA VAL A 4 16.28 -3.73 -7.77
C VAL A 4 15.01 -2.88 -7.80
N GLU A 5 14.91 -1.86 -6.93
CA GLU A 5 13.77 -0.92 -6.82
C GLU A 5 13.74 0.10 -7.98
N VAL A 6 13.72 -0.40 -9.22
CA VAL A 6 13.72 0.39 -10.46
C VAL A 6 12.39 1.12 -10.71
N PRO A 7 11.20 0.45 -10.72
CA PRO A 7 9.91 1.13 -10.87
C PRO A 7 9.41 1.76 -9.55
N GLY A 8 8.37 2.57 -9.67
CA GLY A 8 7.64 3.20 -8.55
C GLY A 8 7.08 4.58 -8.88
N LEU A 9 5.89 4.91 -8.36
CA LEU A 9 5.23 6.22 -8.53
C LEU A 9 4.44 6.71 -7.29
N LEU A 10 4.93 6.39 -6.07
CA LEU A 10 4.38 6.94 -4.83
C LEU A 10 4.47 8.48 -4.87
N THR A 11 3.32 9.13 -4.74
CA THR A 11 3.19 10.58 -4.66
C THR A 11 2.50 10.98 -3.36
N ASP A 12 3.01 12.02 -2.71
CA ASP A 12 2.44 12.66 -1.53
C ASP A 12 1.22 13.52 -1.88
N HIS A 13 0.12 12.87 -2.30
CA HIS A 13 -1.16 13.55 -2.59
C HIS A 13 -1.90 14.00 -1.32
N THR A 14 -1.32 13.74 -0.14
CA THR A 14 -1.98 13.80 1.16
C THR A 14 -1.81 15.17 1.85
N VAL A 15 -2.86 15.67 2.52
CA VAL A 15 -2.92 17.04 3.09
C VAL A 15 -3.57 17.10 4.50
N SER A 16 -3.29 16.07 5.31
CA SER A 16 -3.80 15.91 6.69
C SER A 16 -2.66 15.71 7.69
N SER A 17 -2.83 16.12 8.95
CA SER A 17 -1.80 15.95 10.00
C SER A 17 -1.40 14.47 10.22
N ILE A 18 -2.35 13.54 10.04
CA ILE A 18 -2.10 12.08 10.01
C ILE A 18 -1.87 11.57 8.58
N GLY A 19 -2.63 12.02 7.58
CA GLY A 19 -2.48 11.51 6.21
C GLY A 19 -1.15 11.86 5.54
N HIS A 20 -0.54 12.99 5.89
CA HIS A 20 0.81 13.39 5.48
C HIS A 20 1.87 12.46 6.08
N ASP A 21 1.68 12.01 7.33
CA ASP A 21 2.57 11.06 7.98
C ASP A 21 2.38 9.65 7.42
N PHE A 22 1.15 9.24 7.06
CA PHE A 22 0.90 7.94 6.43
C PHE A 22 1.75 7.76 5.17
N TYR A 23 1.86 8.78 4.32
CA TYR A 23 2.70 8.74 3.13
C TYR A 23 4.14 8.30 3.46
N ARG A 24 4.78 9.00 4.41
CA ARG A 24 6.18 8.78 4.80
C ARG A 24 6.37 7.44 5.51
N ALA A 25 5.46 7.13 6.45
CA ALA A 25 5.49 5.87 7.20
C ALA A 25 5.24 4.66 6.29
N PHE A 26 4.30 4.73 5.35
CA PHE A 26 4.04 3.66 4.39
C PHE A 26 5.28 3.44 3.51
N SER A 27 5.81 4.49 2.88
CA SER A 27 6.95 4.37 1.95
C SER A 27 8.24 3.90 2.65
N ASP A 28 8.42 4.21 3.93
CA ASP A 28 9.54 3.74 4.75
C ASP A 28 9.56 2.21 4.95
N LYS A 29 8.40 1.55 5.01
CA LYS A 29 8.29 0.07 5.13
C LYS A 29 7.73 -0.65 3.88
N TRP A 30 7.41 0.08 2.81
CA TRP A 30 6.92 -0.48 1.56
C TRP A 30 7.93 -1.42 0.88
N GLU A 31 7.45 -2.60 0.48
CA GLU A 31 8.18 -3.62 -0.29
C GLU A 31 7.16 -4.53 -1.00
N SER A 32 7.42 -4.91 -2.26
CA SER A 32 6.47 -5.69 -3.08
C SER A 32 7.15 -6.55 -4.16
N ASP A 33 6.42 -7.58 -4.65
CA ASP A 33 6.89 -8.55 -5.66
C ASP A 33 6.44 -8.23 -7.10
N TYR A 34 5.56 -7.23 -7.28
CA TYR A 34 5.06 -6.74 -8.57
C TYR A 34 5.79 -5.44 -8.99
N THR A 35 5.26 -4.73 -10.00
CA THR A 35 5.85 -3.52 -10.59
C THR A 35 5.77 -2.27 -9.69
N GLY A 36 5.09 -2.33 -8.54
CA GLY A 36 5.13 -1.27 -7.51
C GLY A 36 4.56 0.09 -7.93
N ASN A 37 3.67 0.12 -8.93
CA ASN A 37 3.12 1.36 -9.48
C ASN A 37 1.89 1.85 -8.69
N LEU A 38 2.12 2.28 -7.45
CA LEU A 38 1.09 2.75 -6.51
C LEU A 38 1.29 4.17 -6.00
N THR A 39 0.19 4.84 -5.63
CA THR A 39 0.19 6.17 -5.01
C THR A 39 -0.85 6.27 -3.86
N ILE A 40 -0.68 7.25 -2.99
CA ILE A 40 -1.45 7.41 -1.73
C ILE A 40 -2.24 8.72 -1.80
N ASN A 41 -3.53 8.63 -1.49
CA ASN A 41 -4.47 9.74 -1.57
C ASN A 41 -5.21 9.84 -0.23
N GLU A 42 -5.46 11.03 0.30
CA GLU A 42 -6.33 11.20 1.49
C GLU A 42 -7.44 12.23 1.30
N ARG A 43 -8.55 12.05 2.03
CA ARG A 43 -9.63 13.04 2.15
C ARG A 43 -9.73 13.51 3.61
N PRO A 44 -9.47 14.80 3.89
CA PRO A 44 -9.47 15.35 5.25
C PRO A 44 -10.92 15.60 5.70
N SER A 45 -11.29 15.01 6.83
CA SER A 45 -12.67 14.96 7.32
C SER A 45 -12.70 15.16 8.84
N ALA A 46 -12.75 16.42 9.27
CA ALA A 46 -12.54 16.83 10.67
C ALA A 46 -13.57 16.27 11.69
N ARG A 47 -14.66 15.65 11.20
CA ARG A 47 -15.56 14.79 11.99
C ARG A 47 -14.85 13.64 12.72
N ALA A 48 -13.72 13.14 12.17
CA ALA A 48 -12.99 12.00 12.71
C ALA A 48 -11.47 11.95 12.39
N GLY A 49 -10.99 12.53 11.28
CA GLY A 49 -9.59 12.44 10.85
C GLY A 49 -9.41 12.50 9.33
N SER A 50 -8.95 11.41 8.72
CA SER A 50 -8.79 11.31 7.25
C SER A 50 -9.24 9.94 6.70
N TRP A 51 -9.80 9.94 5.50
CA TRP A 51 -9.86 8.73 4.66
C TRP A 51 -8.52 8.57 3.96
N ILE A 52 -7.93 7.38 3.98
CA ILE A 52 -6.74 7.01 3.19
C ILE A 52 -7.16 6.03 2.10
N THR A 53 -6.73 6.29 0.87
CA THR A 53 -7.07 5.49 -0.32
C THR A 53 -5.82 5.30 -1.17
N ILE A 54 -5.38 4.06 -1.34
CA ILE A 54 -4.22 3.70 -2.16
C ILE A 54 -4.69 3.17 -3.51
N THR A 55 -4.11 3.73 -4.57
CA THR A 55 -4.44 3.42 -5.97
C THR A 55 -3.22 2.86 -6.70
N VAL A 56 -3.42 1.84 -7.55
CA VAL A 56 -2.42 1.27 -8.46
C VAL A 56 -2.68 1.81 -9.86
N ASN A 57 -1.72 2.58 -10.39
CA ASN A 57 -1.79 3.43 -11.59
C ASN A 57 -2.95 4.46 -11.55
N GLN A 58 -4.19 3.97 -11.72
CA GLN A 58 -5.44 4.74 -11.74
C GLN A 58 -6.63 4.01 -11.06
N ASP A 59 -6.39 2.87 -10.42
CA ASP A 59 -7.41 1.97 -9.87
C ASP A 59 -7.28 1.83 -8.35
N VAL A 60 -8.36 1.98 -7.59
CA VAL A 60 -8.35 1.74 -6.13
C VAL A 60 -8.29 0.25 -5.80
N ILE A 61 -7.47 -0.10 -4.80
CA ILE A 61 -7.33 -1.48 -4.31
C ILE A 61 -7.49 -1.63 -2.80
N PHE A 62 -7.19 -0.57 -2.02
CA PHE A 62 -7.39 -0.57 -0.57
C PHE A 62 -7.67 0.84 -0.07
N GLN A 63 -8.52 0.94 0.95
CA GLN A 63 -8.83 2.20 1.64
C GLN A 63 -9.28 1.96 3.09
N THR A 64 -8.95 2.89 3.99
CA THR A 64 -9.25 2.81 5.43
C THR A 64 -9.32 4.20 6.07
N PHE A 65 -9.89 4.30 7.27
CA PHE A 65 -9.98 5.55 8.03
C PHE A 65 -8.83 5.67 9.03
N LEU A 66 -8.15 6.82 9.04
CA LEU A 66 -7.16 7.20 10.05
C LEU A 66 -7.74 8.21 11.06
N PHE A 67 -7.34 8.07 12.32
CA PHE A 67 -7.77 8.93 13.44
C PHE A 67 -6.57 9.55 14.18
N PRO A 68 -6.57 10.86 14.47
CA PRO A 68 -5.44 11.57 15.07
C PRO A 68 -5.34 11.38 16.60
N LEU A 69 -6.47 11.17 17.29
CA LEU A 69 -6.54 11.01 18.75
C LEU A 69 -6.23 9.57 19.20
N LYS A 70 -6.46 8.59 18.31
CA LYS A 70 -6.20 7.15 18.54
C LYS A 70 -4.74 6.78 18.25
N ARG A 71 -4.31 5.61 18.74
CA ARG A 71 -2.94 5.07 18.59
C ARG A 71 -2.81 3.95 17.54
N ASP A 72 -3.82 3.76 16.70
CA ASP A 72 -3.80 2.74 15.63
C ASP A 72 -2.90 3.08 14.44
N PHE A 73 -2.49 4.35 14.26
CA PHE A 73 -1.82 4.84 13.03
C PHE A 73 -0.69 3.92 12.55
N GLU A 74 0.22 3.51 13.44
CA GLU A 74 1.35 2.64 13.09
C GLU A 74 0.88 1.26 12.61
N LYS A 75 -0.12 0.70 13.30
CA LYS A 75 -0.73 -0.60 13.00
C LYS A 75 -1.46 -0.53 11.65
N THR A 76 -2.23 0.52 11.42
CA THR A 76 -2.94 0.81 10.17
C THR A 76 -1.96 1.02 9.00
N VAL A 77 -0.81 1.68 9.20
CA VAL A 77 0.25 1.78 8.19
C VAL A 77 0.79 0.40 7.84
N VAL A 78 1.23 -0.39 8.82
CA VAL A 78 1.81 -1.73 8.59
C VAL A 78 0.80 -2.67 7.92
N ALA A 79 -0.47 -2.59 8.33
CA ALA A 79 -1.55 -3.40 7.79
C ALA A 79 -1.90 -3.00 6.34
N ALA A 80 -1.77 -1.72 5.97
CA ALA A 80 -2.00 -1.27 4.60
C ALA A 80 -0.96 -1.84 3.62
N LEU A 81 0.26 -2.16 4.08
CA LEU A 81 1.31 -2.77 3.26
C LEU A 81 0.85 -4.15 2.74
N ILE A 82 0.35 -4.97 3.66
CA ILE A 82 -0.17 -6.33 3.37
C ILE A 82 -1.45 -6.22 2.54
N GLN A 83 -2.39 -5.37 2.94
CA GLN A 83 -3.70 -5.24 2.27
C GLN A 83 -3.58 -4.66 0.84
N THR A 84 -2.52 -3.89 0.57
CA THR A 84 -2.18 -3.43 -0.79
C THR A 84 -1.79 -4.61 -1.68
N GLU A 85 -0.92 -5.52 -1.23
CA GLU A 85 -0.56 -6.68 -2.06
C GLU A 85 -1.67 -7.72 -2.11
N GLU A 86 -2.50 -7.88 -1.07
CA GLU A 86 -3.59 -8.86 -1.05
C GLU A 86 -4.65 -8.63 -2.15
N ALA A 87 -4.82 -7.38 -2.59
CA ALA A 87 -5.63 -7.05 -3.77
C ALA A 87 -5.01 -7.62 -5.06
N LEU A 88 -3.68 -7.50 -5.21
CA LEU A 88 -2.93 -7.87 -6.42
C LEU A 88 -2.58 -9.36 -6.46
N ASN A 89 -2.55 -10.01 -5.29
CA ASN A 89 -2.26 -11.43 -5.10
C ASN A 89 -3.28 -12.35 -5.80
N ARG A 90 -4.53 -11.90 -5.99
CA ARG A 90 -5.58 -12.60 -6.76
C ARG A 90 -5.72 -12.11 -8.21
N ARG A 91 -5.07 -10.99 -8.56
CA ARG A 91 -5.09 -10.37 -9.92
C ARG A 91 -4.00 -10.94 -10.83
N GLN A 92 -2.75 -10.87 -10.35
CA GLN A 92 -1.55 -11.11 -11.16
C GLN A 92 -0.41 -11.87 -10.47
N ILE A 93 -0.17 -11.62 -9.17
CA ILE A 93 0.95 -12.27 -8.45
C ILE A 93 0.66 -13.77 -8.24
N ASN A 94 -0.59 -14.21 -8.39
CA ASN A 94 -1.03 -15.60 -8.24
C ASN A 94 -0.26 -16.57 -9.15
N GLN A 95 0.04 -16.17 -10.40
CA GLN A 95 0.87 -16.96 -11.32
C GLN A 95 2.34 -16.96 -10.90
N ALA A 96 2.84 -15.79 -10.48
CA ALA A 96 4.23 -15.59 -10.09
C ALA A 96 4.61 -16.40 -8.84
N LEU A 97 3.75 -16.40 -7.81
CA LEU A 97 3.97 -17.14 -6.56
C LEU A 97 3.78 -18.67 -6.73
N LEU A 98 2.94 -19.08 -7.66
CA LEU A 98 2.67 -20.48 -7.99
C LEU A 98 3.79 -21.11 -8.82
N SER A 99 4.32 -20.37 -9.81
CA SER A 99 5.34 -20.90 -10.73
C SER A 99 6.27 -19.84 -11.37
N THR A 100 5.72 -18.75 -11.90
CA THR A 100 6.40 -17.98 -12.96
C THR A 100 7.34 -16.86 -12.50
N GLY A 101 7.36 -16.52 -11.20
CA GLY A 101 8.17 -15.42 -10.66
C GLY A 101 9.61 -15.83 -10.33
N ASP A 102 9.78 -16.98 -9.67
CA ASP A 102 11.03 -17.46 -9.07
C ASP A 102 11.07 -18.99 -8.93
N LEU A 103 12.26 -19.54 -8.63
CA LEU A 103 12.44 -20.93 -8.19
C LEU A 103 11.76 -21.21 -6.83
N ALA A 104 11.56 -22.50 -6.52
CA ALA A 104 10.97 -22.97 -5.26
C ALA A 104 11.62 -24.30 -4.76
N HIS A 105 12.92 -24.49 -5.02
CA HIS A 105 13.61 -25.78 -4.84
C HIS A 105 13.83 -26.17 -3.37
N ASP A 106 14.24 -25.22 -2.52
CA ASP A 106 14.64 -25.47 -1.12
C ASP A 106 14.38 -24.27 -0.19
N GLU A 107 13.28 -23.53 -0.42
CA GLU A 107 12.97 -22.30 0.33
C GLU A 107 12.57 -22.55 1.80
N PHE A 108 11.86 -23.66 2.07
CA PHE A 108 11.29 -24.04 3.37
C PHE A 108 11.36 -25.56 3.60
N ALA A 1 18.99 -13.22 -13.84
CA ALA A 1 17.88 -12.52 -13.14
C ALA A 1 18.36 -11.21 -12.46
N VAL A 2 17.43 -10.29 -12.17
CA VAL A 2 17.69 -9.01 -11.49
C VAL A 2 16.49 -8.60 -10.61
N GLU A 3 16.77 -7.99 -9.45
CA GLU A 3 15.75 -7.43 -8.55
C GLU A 3 16.27 -6.15 -7.88
N VAL A 4 15.78 -4.98 -8.33
CA VAL A 4 16.17 -3.63 -7.87
C VAL A 4 14.92 -2.74 -7.85
N GLU A 5 14.89 -1.73 -6.97
CA GLU A 5 13.78 -0.76 -6.82
C GLU A 5 13.76 0.30 -7.97
N VAL A 6 13.76 -0.18 -9.21
CA VAL A 6 13.74 0.64 -10.44
C VAL A 6 12.38 1.33 -10.67
N PRO A 7 11.23 0.62 -10.69
CA PRO A 7 9.91 1.26 -10.83
C PRO A 7 9.41 1.86 -9.50
N GLY A 8 8.32 2.65 -9.60
CA GLY A 8 7.61 3.24 -8.47
C GLY A 8 7.07 4.65 -8.77
N LEU A 9 5.88 4.98 -8.24
CA LEU A 9 5.24 6.30 -8.39
C LEU A 9 4.46 6.76 -7.14
N LEU A 10 4.97 6.42 -5.94
CA LEU A 10 4.40 6.89 -4.66
C LEU A 10 4.48 8.41 -4.59
N THR A 11 3.33 9.09 -4.67
CA THR A 11 3.22 10.54 -4.52
C THR A 11 2.49 10.88 -3.22
N ASP A 12 2.98 11.91 -2.54
CA ASP A 12 2.37 12.57 -1.39
C ASP A 12 1.13 13.40 -1.79
N HIS A 13 0.12 12.74 -2.37
CA HIS A 13 -1.21 13.32 -2.65
C HIS A 13 -2.06 13.38 -1.36
N THR A 14 -1.43 13.81 -0.26
CA THR A 14 -1.99 13.81 1.08
C THR A 14 -1.77 15.15 1.80
N VAL A 15 -2.82 15.68 2.46
CA VAL A 15 -2.85 17.07 3.03
C VAL A 15 -3.42 17.15 4.45
N SER A 16 -3.16 16.11 5.25
CA SER A 16 -3.66 15.94 6.64
C SER A 16 -2.52 15.73 7.63
N SER A 17 -2.67 16.13 8.89
CA SER A 17 -1.65 15.93 9.95
C SER A 17 -1.28 14.45 10.16
N ILE A 18 -2.25 13.53 9.99
CA ILE A 18 -2.03 12.08 9.95
C ILE A 18 -1.81 11.56 8.52
N GLY A 19 -2.56 12.02 7.52
CA GLY A 19 -2.44 11.50 6.15
C GLY A 19 -1.10 11.84 5.47
N HIS A 20 -0.49 12.97 5.83
CA HIS A 20 0.88 13.34 5.40
C HIS A 20 1.93 12.41 6.02
N ASP A 21 1.73 11.97 7.28
CA ASP A 21 2.62 11.02 7.93
C ASP A 21 2.41 9.60 7.39
N PHE A 22 1.18 9.20 7.02
CA PHE A 22 0.92 7.89 6.39
C PHE A 22 1.75 7.70 5.14
N TYR A 23 1.87 8.72 4.29
CA TYR A 23 2.73 8.67 3.09
C TYR A 23 4.16 8.22 3.44
N ARG A 24 4.80 8.91 4.39
CA ARG A 24 6.19 8.66 4.79
C ARG A 24 6.35 7.32 5.51
N ALA A 25 5.45 7.02 6.44
CA ALA A 25 5.45 5.78 7.20
C ALA A 25 5.19 4.56 6.30
N PHE A 26 4.26 4.64 5.36
CA PHE A 26 4.00 3.58 4.39
C PHE A 26 5.23 3.34 3.51
N SER A 27 5.79 4.40 2.90
CA SER A 27 6.93 4.27 1.97
C SER A 27 8.22 3.79 2.67
N ASP A 28 8.39 4.10 3.96
CA ASP A 28 9.51 3.62 4.79
C ASP A 28 9.53 2.09 4.96
N LYS A 29 8.35 1.43 5.00
CA LYS A 29 8.23 -0.05 5.09
C LYS A 29 7.65 -0.73 3.84
N TRP A 30 7.41 0.01 2.76
CA TRP A 30 6.88 -0.51 1.50
C TRP A 30 7.86 -1.41 0.75
N GLU A 31 7.40 -2.61 0.36
CA GLU A 31 8.04 -3.54 -0.54
C GLU A 31 6.98 -4.49 -1.15
N SER A 32 7.15 -4.89 -2.41
CA SER A 32 6.28 -5.87 -3.07
C SER A 32 6.97 -6.60 -4.24
N ASP A 33 6.36 -7.68 -4.72
CA ASP A 33 6.91 -8.52 -5.81
C ASP A 33 6.59 -7.98 -7.23
N TYR A 34 5.44 -7.32 -7.39
CA TYR A 34 5.01 -6.70 -8.66
C TYR A 34 5.73 -5.36 -8.94
N THR A 35 5.28 -4.64 -9.98
CA THR A 35 5.92 -3.42 -10.52
C THR A 35 5.81 -2.19 -9.62
N GLY A 36 5.07 -2.24 -8.50
CA GLY A 36 5.08 -1.18 -7.48
C GLY A 36 4.51 0.17 -7.91
N ASN A 37 3.65 0.20 -8.93
CA ASN A 37 3.09 1.44 -9.48
C ASN A 37 1.87 1.93 -8.69
N LEU A 38 2.09 2.32 -7.44
CA LEU A 38 1.06 2.78 -6.50
C LEU A 38 1.25 4.20 -5.97
N THR A 39 0.16 4.88 -5.63
CA THR A 39 0.15 6.20 -5.00
C THR A 39 -0.88 6.29 -3.86
N ILE A 40 -0.70 7.26 -2.96
CA ILE A 40 -1.46 7.40 -1.71
C ILE A 40 -2.23 8.72 -1.74
N ASN A 41 -3.53 8.64 -1.50
CA ASN A 41 -4.47 9.75 -1.56
C ASN A 41 -5.17 9.86 -0.19
N GLU A 42 -5.45 11.07 0.31
CA GLU A 42 -6.30 11.24 1.50
C GLU A 42 -7.41 12.28 1.32
N ARG A 43 -8.51 12.11 2.06
CA ARG A 43 -9.59 13.11 2.19
C ARG A 43 -9.68 13.58 3.65
N PRO A 44 -9.43 14.87 3.94
CA PRO A 44 -9.44 15.40 5.30
C PRO A 44 -10.89 15.67 5.73
N SER A 45 -11.30 15.08 6.85
CA SER A 45 -12.68 15.03 7.32
C SER A 45 -12.74 15.23 8.83
N ALA A 46 -12.92 16.48 9.27
CA ALA A 46 -12.79 16.89 10.68
C ALA A 46 -13.79 16.24 11.66
N ARG A 47 -14.81 15.54 11.14
CA ARG A 47 -15.66 14.60 11.90
C ARG A 47 -14.87 13.54 12.68
N ALA A 48 -13.71 13.11 12.16
CA ALA A 48 -12.91 12.02 12.75
C ALA A 48 -11.39 12.02 12.41
N GLY A 49 -10.94 12.60 11.30
CA GLY A 49 -9.53 12.53 10.86
C GLY A 49 -9.37 12.58 9.33
N SER A 50 -8.89 11.50 8.72
CA SER A 50 -8.75 11.37 7.26
C SER A 50 -9.21 10.02 6.72
N TRP A 51 -9.78 10.02 5.52
CA TRP A 51 -9.84 8.81 4.68
C TRP A 51 -8.50 8.64 3.98
N ILE A 52 -7.93 7.43 3.99
CA ILE A 52 -6.75 7.06 3.19
C ILE A 52 -7.17 6.08 2.11
N THR A 53 -6.73 6.33 0.87
CA THR A 53 -7.09 5.54 -0.31
C THR A 53 -5.83 5.34 -1.16
N ILE A 54 -5.40 4.08 -1.33
CA ILE A 54 -4.24 3.71 -2.15
C ILE A 54 -4.73 3.20 -3.50
N THR A 55 -4.14 3.76 -4.56
CA THR A 55 -4.47 3.45 -5.96
C THR A 55 -3.25 2.89 -6.69
N VAL A 56 -3.46 1.87 -7.55
CA VAL A 56 -2.45 1.32 -8.47
C VAL A 56 -2.72 1.89 -9.85
N ASN A 57 -1.76 2.66 -10.38
CA ASN A 57 -1.84 3.53 -11.57
C ASN A 57 -3.00 4.54 -11.53
N GLN A 58 -4.23 4.05 -11.70
CA GLN A 58 -5.48 4.83 -11.72
C GLN A 58 -6.67 4.09 -11.06
N ASP A 59 -6.43 2.95 -10.42
CA ASP A 59 -7.46 2.05 -9.86
C ASP A 59 -7.31 1.90 -8.34
N VAL A 60 -8.40 2.03 -7.58
CA VAL A 60 -8.38 1.78 -6.13
C VAL A 60 -8.31 0.29 -5.81
N ILE A 61 -7.49 -0.07 -4.81
CA ILE A 61 -7.35 -1.45 -4.31
C ILE A 61 -7.53 -1.59 -2.79
N PHE A 62 -7.23 -0.54 -2.03
CA PHE A 62 -7.45 -0.53 -0.58
C PHE A 62 -7.72 0.89 -0.07
N GLN A 63 -8.56 0.99 0.96
CA GLN A 63 -8.86 2.25 1.65
C GLN A 63 -9.32 2.02 3.09
N THR A 64 -8.98 2.95 3.99
CA THR A 64 -9.28 2.88 5.43
C THR A 64 -9.34 4.27 6.07
N PHE A 65 -9.90 4.38 7.27
CA PHE A 65 -9.97 5.62 8.03
C PHE A 65 -8.81 5.74 9.04
N LEU A 66 -8.14 6.89 9.06
CA LEU A 66 -7.13 7.26 10.07
C LEU A 66 -7.69 8.28 11.07
N PHE A 67 -7.26 8.14 12.33
CA PHE A 67 -7.68 8.98 13.46
C PHE A 67 -6.46 9.59 14.19
N PRO A 68 -6.46 10.91 14.48
CA PRO A 68 -5.31 11.62 15.05
C PRO A 68 -5.14 11.44 16.57
N LEU A 69 -6.24 11.27 17.32
CA LEU A 69 -6.23 11.10 18.78
C LEU A 69 -6.00 9.63 19.21
N LYS A 70 -6.27 8.67 18.31
CA LYS A 70 -6.11 7.22 18.54
C LYS A 70 -4.72 6.74 18.11
N ARG A 71 -4.22 5.67 18.73
CA ARG A 71 -2.86 5.12 18.54
C ARG A 71 -2.78 3.93 17.56
N ASP A 72 -3.78 3.78 16.68
CA ASP A 72 -3.79 2.74 15.64
C ASP A 72 -2.89 3.06 14.43
N PHE A 73 -2.48 4.33 14.24
CA PHE A 73 -1.82 4.80 13.01
C PHE A 73 -0.70 3.87 12.52
N GLU A 74 0.21 3.46 13.40
CA GLU A 74 1.33 2.56 13.04
C GLU A 74 0.83 1.19 12.57
N LYS A 75 -0.17 0.65 13.26
CA LYS A 75 -0.80 -0.64 12.96
C LYS A 75 -1.55 -0.57 11.63
N THR A 76 -2.31 0.50 11.40
CA THR A 76 -3.01 0.80 10.14
C THR A 76 -2.05 1.00 8.97
N VAL A 77 -0.89 1.63 9.18
CA VAL A 77 0.19 1.72 8.15
C VAL A 77 0.69 0.32 7.81
N VAL A 78 1.12 -0.47 8.79
CA VAL A 78 1.69 -1.82 8.55
C VAL A 78 0.67 -2.73 7.88
N ALA A 79 -0.60 -2.64 8.28
CA ALA A 79 -1.68 -3.44 7.72
C ALA A 79 -2.02 -3.04 6.29
N ALA A 80 -1.88 -1.77 5.91
CA ALA A 80 -2.08 -1.32 4.53
C ALA A 80 -1.04 -1.90 3.58
N LEU A 81 0.17 -2.22 4.06
CA LEU A 81 1.23 -2.84 3.22
C LEU A 81 0.77 -4.21 2.71
N ILE A 82 0.24 -5.03 3.64
CA ILE A 82 -0.29 -6.37 3.35
C ILE A 82 -1.56 -6.25 2.49
N GLN A 83 -2.49 -5.37 2.87
CA GLN A 83 -3.78 -5.24 2.16
C GLN A 83 -3.62 -4.66 0.74
N THR A 84 -2.55 -3.91 0.48
CA THR A 84 -2.16 -3.48 -0.87
C THR A 84 -1.77 -4.67 -1.75
N GLU A 85 -0.92 -5.59 -1.27
CA GLU A 85 -0.58 -6.77 -2.09
C GLU A 85 -1.73 -7.78 -2.16
N GLU A 86 -2.58 -7.91 -1.14
CA GLU A 86 -3.68 -8.87 -1.13
C GLU A 86 -4.74 -8.62 -2.22
N ALA A 87 -4.90 -7.36 -2.66
CA ALA A 87 -5.68 -7.03 -3.84
C ALA A 87 -5.05 -7.60 -5.12
N LEU A 88 -3.72 -7.49 -5.26
CA LEU A 88 -2.96 -7.87 -6.45
C LEU A 88 -2.61 -9.36 -6.48
N ASN A 89 -2.60 -10.01 -5.31
CA ASN A 89 -2.29 -11.42 -5.09
C ASN A 89 -3.27 -12.34 -5.81
N ARG A 90 -4.52 -11.90 -5.97
CA ARG A 90 -5.58 -12.62 -6.72
C ARG A 90 -5.78 -12.10 -8.16
N ARG A 91 -5.13 -10.99 -8.53
CA ARG A 91 -5.13 -10.42 -9.90
C ARG A 91 -4.05 -11.04 -10.78
N GLN A 92 -2.82 -11.06 -10.26
CA GLN A 92 -1.62 -11.40 -11.05
C GLN A 92 -0.50 -12.14 -10.31
N ILE A 93 -0.23 -11.82 -9.04
CA ILE A 93 0.98 -12.32 -8.35
C ILE A 93 0.90 -13.84 -8.12
N ASN A 94 -0.30 -14.43 -8.16
CA ASN A 94 -0.52 -15.89 -8.17
C ASN A 94 0.35 -16.63 -9.21
N GLN A 95 0.53 -16.05 -10.40
CA GLN A 95 1.36 -16.61 -11.48
C GLN A 95 2.83 -16.79 -11.04
N ALA A 96 3.36 -15.83 -10.26
CA ALA A 96 4.72 -15.87 -9.74
C ALA A 96 4.84 -16.78 -8.49
N LEU A 97 3.98 -16.57 -7.48
CA LEU A 97 4.05 -17.28 -6.20
C LEU A 97 3.78 -18.80 -6.30
N LEU A 98 3.10 -19.23 -7.37
CA LEU A 98 2.90 -20.63 -7.74
C LEU A 98 4.21 -21.36 -8.14
N SER A 99 5.27 -20.64 -8.52
CA SER A 99 6.57 -21.17 -8.95
C SER A 99 6.49 -22.08 -10.20
N THR A 100 5.66 -21.70 -11.19
CA THR A 100 5.42 -22.45 -12.44
C THR A 100 5.46 -21.47 -13.62
N GLY A 101 6.68 -21.06 -13.98
CA GLY A 101 6.98 -20.19 -15.13
C GLY A 101 7.75 -18.89 -14.82
N ASP A 102 8.00 -18.63 -13.54
CA ASP A 102 8.77 -17.48 -13.03
C ASP A 102 9.81 -17.89 -11.98
N LEU A 103 10.74 -16.97 -11.66
CA LEU A 103 11.72 -17.13 -10.58
C LEU A 103 11.08 -17.24 -9.19
N ALA A 104 11.83 -17.80 -8.24
CA ALA A 104 11.38 -17.99 -6.86
C ALA A 104 12.52 -17.89 -5.81
N HIS A 105 13.58 -17.12 -6.11
CA HIS A 105 14.81 -17.05 -5.30
C HIS A 105 14.66 -16.16 -4.05
N ASP A 106 14.11 -14.95 -4.21
CA ASP A 106 14.06 -13.90 -3.18
C ASP A 106 12.79 -13.02 -3.28
N GLU A 107 11.64 -13.62 -3.61
CA GLU A 107 10.36 -12.92 -3.83
C GLU A 107 9.86 -12.13 -2.60
N PHE A 108 10.00 -12.73 -1.40
CA PHE A 108 9.47 -12.24 -0.12
C PHE A 108 10.43 -12.55 1.05
N ALA A 1 22.11 -13.24 -9.91
CA ALA A 1 21.47 -11.91 -10.10
C ALA A 1 20.41 -11.63 -9.02
N VAL A 2 20.07 -10.35 -8.79
CA VAL A 2 19.04 -9.89 -7.83
C VAL A 2 18.12 -8.82 -8.45
N GLU A 3 16.90 -8.70 -7.92
CA GLU A 3 15.95 -7.63 -8.27
C GLU A 3 16.32 -6.28 -7.61
N VAL A 4 15.88 -5.16 -8.20
CA VAL A 4 16.19 -3.79 -7.76
C VAL A 4 14.90 -2.94 -7.79
N GLU A 5 14.79 -1.93 -6.92
CA GLU A 5 13.63 -1.03 -6.81
C GLU A 5 13.59 0.03 -7.94
N VAL A 6 13.61 -0.44 -9.18
CA VAL A 6 13.63 0.37 -10.42
C VAL A 6 12.30 1.10 -10.68
N PRO A 7 11.12 0.43 -10.72
CA PRO A 7 9.84 1.12 -10.88
C PRO A 7 9.32 1.75 -9.57
N GLY A 8 8.27 2.57 -9.71
CA GLY A 8 7.54 3.19 -8.59
C GLY A 8 7.00 4.59 -8.92
N LEU A 9 5.82 4.94 -8.40
CA LEU A 9 5.19 6.26 -8.54
C LEU A 9 4.42 6.74 -7.29
N LEU A 10 4.92 6.39 -6.09
CA LEU A 10 4.38 6.91 -4.83
C LEU A 10 4.51 8.45 -4.83
N THR A 11 3.37 9.11 -4.64
CA THR A 11 3.28 10.57 -4.50
C THR A 11 2.53 10.94 -3.22
N ASP A 12 3.01 11.98 -2.55
CA ASP A 12 2.41 12.61 -1.37
C ASP A 12 1.16 13.44 -1.74
N HIS A 13 0.14 12.79 -2.32
CA HIS A 13 -1.18 13.37 -2.60
C HIS A 13 -2.03 13.40 -1.31
N THR A 14 -1.42 13.82 -0.20
CA THR A 14 -2.00 13.81 1.14
C THR A 14 -1.81 15.14 1.89
N VAL A 15 -2.86 15.65 2.54
CA VAL A 15 -2.92 17.03 3.12
C VAL A 15 -3.49 17.08 4.56
N SER A 16 -3.23 16.03 5.34
CA SER A 16 -3.74 15.83 6.71
C SER A 16 -2.60 15.66 7.73
N SER A 17 -2.81 16.04 8.99
CA SER A 17 -1.81 15.89 10.08
C SER A 17 -1.39 14.43 10.32
N ILE A 18 -2.29 13.48 10.11
CA ILE A 18 -2.03 12.02 10.08
C ILE A 18 -1.78 11.52 8.64
N GLY A 19 -2.55 11.96 7.64
CA GLY A 19 -2.44 11.45 6.27
C GLY A 19 -1.12 11.83 5.57
N HIS A 20 -0.50 12.95 5.95
CA HIS A 20 0.85 13.35 5.51
C HIS A 20 1.93 12.41 6.09
N ASP A 21 1.75 11.96 7.34
CA ASP A 21 2.64 10.97 7.96
C ASP A 21 2.41 9.56 7.41
N PHE A 22 1.17 9.18 7.05
CA PHE A 22 0.88 7.88 6.41
C PHE A 22 1.71 7.70 5.15
N TYR A 23 1.83 8.72 4.30
CA TYR A 23 2.67 8.68 3.10
C TYR A 23 4.10 8.21 3.42
N ARG A 24 4.76 8.90 4.36
CA ARG A 24 6.16 8.69 4.73
C ARG A 24 6.37 7.37 5.46
N ALA A 25 5.47 7.05 6.40
CA ALA A 25 5.48 5.79 7.14
C ALA A 25 5.23 4.58 6.22
N PHE A 26 4.28 4.67 5.29
CA PHE A 26 4.02 3.61 4.32
C PHE A 26 5.25 3.39 3.42
N SER A 27 5.78 4.45 2.81
CA SER A 27 6.91 4.34 1.87
C SER A 27 8.21 3.87 2.54
N ASP A 28 8.40 4.15 3.83
CA ASP A 28 9.52 3.68 4.64
C ASP A 28 9.54 2.14 4.81
N LYS A 29 8.37 1.48 4.86
CA LYS A 29 8.26 0.00 4.95
C LYS A 29 7.69 -0.69 3.70
N TRP A 30 7.39 0.05 2.63
CA TRP A 30 6.86 -0.50 1.38
C TRP A 30 7.85 -1.42 0.65
N GLU A 31 7.36 -2.60 0.27
CA GLU A 31 8.05 -3.61 -0.55
C GLU A 31 6.99 -4.57 -1.13
N SER A 32 7.04 -4.85 -2.44
CA SER A 32 6.14 -5.81 -3.10
C SER A 32 6.78 -6.51 -4.31
N ASP A 33 6.19 -7.64 -4.73
CA ASP A 33 6.72 -8.51 -5.80
C ASP A 33 6.41 -8.01 -7.22
N TYR A 34 5.29 -7.30 -7.40
CA TYR A 34 4.86 -6.71 -8.68
C TYR A 34 5.59 -5.39 -9.00
N THR A 35 5.13 -4.67 -10.03
CA THR A 35 5.77 -3.47 -10.60
C THR A 35 5.67 -2.21 -9.72
N GLY A 36 4.95 -2.26 -8.58
CA GLY A 36 4.98 -1.20 -7.57
C GLY A 36 4.43 0.17 -7.99
N ASN A 37 3.56 0.19 -9.00
CA ASN A 37 3.01 1.44 -9.55
C ASN A 37 1.80 1.94 -8.76
N LEU A 38 2.02 2.34 -7.51
CA LEU A 38 1.00 2.82 -6.57
C LEU A 38 1.22 4.24 -6.05
N THR A 39 0.13 4.93 -5.69
CA THR A 39 0.15 6.24 -5.02
C THR A 39 -0.87 6.32 -3.88
N ILE A 40 -0.69 7.28 -2.98
CA ILE A 40 -1.43 7.41 -1.72
C ILE A 40 -2.20 8.73 -1.75
N ASN A 41 -3.51 8.65 -1.53
CA ASN A 41 -4.44 9.78 -1.57
C ASN A 41 -5.12 9.88 -0.20
N GLU A 42 -5.43 11.08 0.30
CA GLU A 42 -6.30 11.23 1.47
C GLU A 42 -7.41 12.29 1.29
N ARG A 43 -8.55 12.05 1.94
CA ARG A 43 -9.66 13.01 2.08
C ARG A 43 -9.74 13.49 3.53
N PRO A 44 -9.50 14.79 3.79
CA PRO A 44 -9.56 15.34 5.14
C PRO A 44 -11.04 15.52 5.55
N SER A 45 -11.40 14.93 6.70
CA SER A 45 -12.77 14.88 7.21
C SER A 45 -12.79 15.20 8.70
N ALA A 46 -12.97 16.48 9.02
CA ALA A 46 -12.79 17.03 10.37
C ALA A 46 -13.72 16.47 11.47
N ARG A 47 -14.73 15.68 11.07
CA ARG A 47 -15.51 14.80 11.95
C ARG A 47 -14.64 13.87 12.82
N ALA A 48 -13.48 13.44 12.30
CA ALA A 48 -12.51 12.64 13.08
C ALA A 48 -11.05 12.67 12.57
N GLY A 49 -10.78 12.72 11.25
CA GLY A 49 -9.43 12.52 10.72
C GLY A 49 -9.34 12.50 9.19
N SER A 50 -8.71 11.46 8.62
CA SER A 50 -8.43 11.35 7.18
C SER A 50 -8.83 10.00 6.58
N TRP A 51 -9.52 10.04 5.44
CA TRP A 51 -9.84 8.84 4.65
C TRP A 51 -8.71 8.56 3.67
N ILE A 52 -7.91 7.52 3.94
CA ILE A 52 -6.76 7.11 3.14
C ILE A 52 -7.22 6.15 2.04
N THR A 53 -6.77 6.39 0.82
CA THR A 53 -7.12 5.60 -0.37
C THR A 53 -5.86 5.38 -1.22
N ILE A 54 -5.43 4.13 -1.35
CA ILE A 54 -4.27 3.76 -2.18
C ILE A 54 -4.75 3.26 -3.53
N THR A 55 -4.18 3.82 -4.59
CA THR A 55 -4.52 3.52 -5.99
C THR A 55 -3.31 2.96 -6.74
N VAL A 56 -3.52 1.95 -7.58
CA VAL A 56 -2.52 1.38 -8.51
C VAL A 56 -2.80 1.94 -9.91
N ASN A 57 -1.85 2.72 -10.42
CA ASN A 57 -1.93 3.57 -11.63
C ASN A 57 -3.10 4.58 -11.60
N GLN A 58 -4.33 4.08 -11.75
CA GLN A 58 -5.59 4.85 -11.79
C GLN A 58 -6.77 4.12 -11.11
N ASP A 59 -6.52 2.99 -10.43
CA ASP A 59 -7.54 2.10 -9.86
C ASP A 59 -7.38 1.96 -8.34
N VAL A 60 -8.47 2.11 -7.57
CA VAL A 60 -8.43 1.86 -6.12
C VAL A 60 -8.37 0.36 -5.81
N ILE A 61 -7.55 0.00 -4.82
CA ILE A 61 -7.41 -1.38 -4.33
C ILE A 61 -7.56 -1.54 -2.82
N PHE A 62 -7.25 -0.49 -2.03
CA PHE A 62 -7.43 -0.50 -0.57
C PHE A 62 -7.68 0.91 -0.05
N GLN A 63 -8.47 1.02 1.01
CA GLN A 63 -8.79 2.28 1.67
C GLN A 63 -9.22 2.08 3.14
N THR A 64 -8.89 3.03 4.01
CA THR A 64 -9.18 2.99 5.46
C THR A 64 -9.24 4.39 6.08
N PHE A 65 -9.94 4.54 7.21
CA PHE A 65 -10.09 5.81 7.92
C PHE A 65 -9.10 5.90 9.10
N LEU A 66 -8.20 6.88 9.06
CA LEU A 66 -7.20 7.15 10.11
C LEU A 66 -7.77 8.08 11.21
N PHE A 67 -7.28 7.88 12.44
CA PHE A 67 -7.64 8.69 13.62
C PHE A 67 -6.38 9.28 14.30
N PRO A 68 -6.38 10.59 14.64
CA PRO A 68 -5.22 11.29 15.21
C PRO A 68 -5.04 11.10 16.73
N LEU A 69 -6.16 10.94 17.48
CA LEU A 69 -6.12 10.75 18.95
C LEU A 69 -5.85 9.29 19.36
N LYS A 70 -6.19 8.33 18.49
CA LYS A 70 -5.92 6.90 18.68
C LYS A 70 -4.49 6.51 18.23
N ARG A 71 -4.01 5.37 18.73
CA ARG A 71 -2.65 4.83 18.48
C ARG A 71 -2.59 3.73 17.41
N ASP A 72 -3.66 3.54 16.64
CA ASP A 72 -3.72 2.54 15.56
C ASP A 72 -2.86 2.92 14.34
N PHE A 73 -2.47 4.19 14.16
CA PHE A 73 -1.80 4.69 12.95
C PHE A 73 -0.67 3.79 12.46
N GLU A 74 0.25 3.36 13.35
CA GLU A 74 1.38 2.49 12.97
C GLU A 74 0.91 1.11 12.49
N LYS A 75 -0.08 0.55 13.19
CA LYS A 75 -0.70 -0.75 12.88
C LYS A 75 -1.44 -0.68 11.54
N THR A 76 -2.21 0.38 11.33
CA THR A 76 -2.93 0.70 10.08
C THR A 76 -1.97 0.91 8.91
N VAL A 77 -0.83 1.57 9.10
CA VAL A 77 0.23 1.69 8.08
C VAL A 77 0.78 0.30 7.72
N VAL A 78 1.22 -0.50 8.68
CA VAL A 78 1.81 -1.83 8.44
C VAL A 78 0.78 -2.76 7.78
N ALA A 79 -0.48 -2.68 8.20
CA ALA A 79 -1.56 -3.48 7.65
C ALA A 79 -1.93 -3.06 6.21
N ALA A 80 -1.80 -1.78 5.86
CA ALA A 80 -2.03 -1.31 4.50
C ALA A 80 -1.01 -1.87 3.50
N LEU A 81 0.22 -2.21 3.96
CA LEU A 81 1.25 -2.80 3.11
C LEU A 81 0.78 -4.18 2.59
N ILE A 82 0.29 -5.01 3.50
CA ILE A 82 -0.24 -6.35 3.21
C ILE A 82 -1.55 -6.24 2.40
N GLN A 83 -2.48 -5.38 2.82
CA GLN A 83 -3.78 -5.24 2.14
C GLN A 83 -3.66 -4.65 0.73
N THR A 84 -2.60 -3.87 0.46
CA THR A 84 -2.26 -3.41 -0.90
C THR A 84 -1.89 -4.58 -1.80
N GLU A 85 -1.02 -5.51 -1.36
CA GLU A 85 -0.67 -6.66 -2.19
C GLU A 85 -1.80 -7.70 -2.25
N GLU A 86 -2.62 -7.86 -1.21
CA GLU A 86 -3.73 -8.82 -1.19
C GLU A 86 -4.77 -8.58 -2.29
N ALA A 87 -4.97 -7.32 -2.71
CA ALA A 87 -5.76 -6.98 -3.88
C ALA A 87 -5.14 -7.54 -5.18
N LEU A 88 -3.82 -7.45 -5.31
CA LEU A 88 -3.07 -7.81 -6.52
C LEU A 88 -2.72 -9.31 -6.56
N ASN A 89 -2.73 -9.97 -5.40
CA ASN A 89 -2.43 -11.39 -5.22
C ASN A 89 -3.44 -12.28 -5.95
N ARG A 90 -4.69 -11.83 -6.10
CA ARG A 90 -5.75 -12.51 -6.86
C ARG A 90 -5.91 -12.01 -8.31
N ARG A 91 -5.24 -10.90 -8.67
CA ARG A 91 -5.20 -10.33 -10.03
C ARG A 91 -4.11 -10.96 -10.88
N GLN A 92 -2.89 -11.00 -10.33
CA GLN A 92 -1.68 -11.38 -11.08
C GLN A 92 -0.62 -12.18 -10.32
N ILE A 93 -0.36 -11.88 -9.03
CA ILE A 93 0.83 -12.44 -8.32
C ILE A 93 0.69 -13.97 -8.12
N ASN A 94 -0.53 -14.51 -8.21
CA ASN A 94 -0.79 -15.97 -8.22
C ASN A 94 0.07 -16.74 -9.24
N GLN A 95 0.33 -16.14 -10.40
CA GLN A 95 1.21 -16.71 -11.44
C GLN A 95 2.66 -16.86 -10.93
N ALA A 96 3.18 -15.83 -10.28
CA ALA A 96 4.54 -15.81 -9.74
C ALA A 96 4.69 -16.72 -8.52
N LEU A 97 3.77 -16.64 -7.54
CA LEU A 97 3.83 -17.46 -6.31
C LEU A 97 3.62 -18.97 -6.58
N LEU A 98 2.89 -19.31 -7.64
CA LEU A 98 2.79 -20.67 -8.15
C LEU A 98 4.10 -21.11 -8.82
N SER A 99 4.69 -20.24 -9.66
CA SER A 99 5.93 -20.53 -10.39
C SER A 99 7.12 -20.76 -9.44
N THR A 100 7.17 -20.07 -8.30
CA THR A 100 8.19 -20.24 -7.26
C THR A 100 7.87 -21.39 -6.29
N GLY A 101 6.60 -21.55 -5.91
CA GLY A 101 6.12 -22.63 -5.05
C GLY A 101 6.52 -22.53 -3.57
N ASP A 102 7.00 -21.36 -3.12
CA ASP A 102 7.40 -21.11 -1.73
C ASP A 102 6.20 -21.01 -0.76
N LEU A 103 6.48 -21.21 0.54
CA LEU A 103 5.47 -21.22 1.62
C LEU A 103 4.87 -19.82 1.88
N ALA A 104 3.55 -19.81 2.10
CA ALA A 104 2.81 -18.69 2.67
C ALA A 104 1.46 -19.17 3.26
N HIS A 105 1.47 -19.61 4.53
CA HIS A 105 0.29 -20.18 5.20
C HIS A 105 -0.26 -19.33 6.36
N ASP A 106 0.62 -18.93 7.31
CA ASP A 106 0.24 -18.20 8.53
C ASP A 106 1.34 -17.21 8.98
N GLU A 107 2.01 -16.59 8.00
CA GLU A 107 3.21 -15.76 8.23
C GLU A 107 2.91 -14.39 8.90
N PHE A 108 1.71 -13.85 8.67
CA PHE A 108 1.21 -12.56 9.18
C PHE A 108 -0.25 -12.66 9.65
N ALA A 1 19.13 -10.63 -4.30
CA ALA A 1 17.89 -10.07 -4.91
C ALA A 1 17.97 -10.04 -6.45
N VAL A 2 16.81 -10.02 -7.13
CA VAL A 2 16.71 -10.05 -8.62
C VAL A 2 16.34 -8.71 -9.27
N GLU A 3 16.10 -7.66 -8.47
CA GLU A 3 15.72 -6.31 -8.92
C GLU A 3 16.38 -5.22 -8.05
N VAL A 4 16.65 -4.05 -8.64
CA VAL A 4 17.39 -2.91 -8.00
C VAL A 4 16.43 -1.79 -7.55
N GLU A 5 15.18 -2.16 -7.25
CA GLU A 5 14.07 -1.26 -6.85
C GLU A 5 13.81 -0.13 -7.88
N VAL A 6 13.90 -0.49 -9.17
CA VAL A 6 13.85 0.46 -10.30
C VAL A 6 12.47 1.15 -10.47
N PRO A 7 11.32 0.44 -10.52
CA PRO A 7 10.01 1.09 -10.70
C PRO A 7 9.46 1.70 -9.41
N GLY A 8 8.40 2.50 -9.56
CA GLY A 8 7.64 3.14 -8.47
C GLY A 8 7.08 4.52 -8.83
N LEU A 9 5.89 4.85 -8.32
CA LEU A 9 5.26 6.17 -8.49
C LEU A 9 4.48 6.65 -7.24
N LEU A 10 4.97 6.32 -6.04
CA LEU A 10 4.44 6.85 -4.78
C LEU A 10 4.55 8.39 -4.80
N THR A 11 3.39 9.05 -4.65
CA THR A 11 3.29 10.49 -4.52
C THR A 11 2.53 10.87 -3.25
N ASP A 12 3.00 11.93 -2.60
CA ASP A 12 2.38 12.58 -1.45
C ASP A 12 1.14 13.39 -1.86
N HIS A 13 0.12 12.72 -2.43
CA HIS A 13 -1.20 13.28 -2.72
C HIS A 13 -2.06 13.35 -1.44
N THR A 14 -1.44 13.80 -0.34
CA THR A 14 -2.00 13.80 1.00
C THR A 14 -1.80 15.14 1.72
N VAL A 15 -2.84 15.67 2.38
CA VAL A 15 -2.90 17.04 2.94
C VAL A 15 -3.45 17.12 4.38
N SER A 16 -3.15 16.10 5.17
CA SER A 16 -3.64 15.91 6.55
C SER A 16 -2.49 15.73 7.55
N SER A 17 -2.67 16.10 8.82
CA SER A 17 -1.64 15.91 9.87
C SER A 17 -1.25 14.43 10.07
N ILE A 18 -2.22 13.52 9.94
CA ILE A 18 -2.01 12.06 9.92
C ILE A 18 -1.81 11.53 8.49
N GLY A 19 -2.56 12.01 7.49
CA GLY A 19 -2.44 11.49 6.12
C GLY A 19 -1.11 11.84 5.43
N HIS A 20 -0.48 12.96 5.79
CA HIS A 20 0.88 13.31 5.37
C HIS A 20 1.92 12.37 6.01
N ASP A 21 1.71 11.97 7.26
CA ASP A 21 2.60 11.03 7.95
C ASP A 21 2.41 9.61 7.41
N PHE A 22 1.18 9.20 7.04
CA PHE A 22 0.93 7.90 6.41
C PHE A 22 1.77 7.72 5.16
N TYR A 23 1.88 8.74 4.30
CA TYR A 23 2.73 8.69 3.11
C TYR A 23 4.17 8.27 3.45
N ARG A 24 4.81 8.99 4.39
CA ARG A 24 6.21 8.76 4.79
C ARG A 24 6.40 7.42 5.49
N ALA A 25 5.50 7.11 6.43
CA ALA A 25 5.53 5.86 7.18
C ALA A 25 5.28 4.64 6.28
N PHE A 26 4.33 4.70 5.36
CA PHE A 26 4.07 3.63 4.40
C PHE A 26 5.30 3.40 3.51
N SER A 27 5.83 4.44 2.88
CA SER A 27 6.98 4.33 1.95
C SER A 27 8.27 3.86 2.64
N ASP A 28 8.45 4.17 3.93
CA ASP A 28 9.57 3.70 4.75
C ASP A 28 9.58 2.16 4.95
N LYS A 29 8.41 1.51 5.00
CA LYS A 29 8.29 0.03 5.13
C LYS A 29 7.73 -0.69 3.89
N TRP A 30 7.43 0.04 2.81
CA TRP A 30 6.89 -0.51 1.56
C TRP A 30 7.86 -1.47 0.85
N GLU A 31 7.35 -2.65 0.48
CA GLU A 31 8.02 -3.65 -0.36
C GLU A 31 6.94 -4.58 -0.96
N SER A 32 7.07 -4.92 -2.25
CA SER A 32 6.16 -5.86 -2.93
C SER A 32 6.84 -6.63 -4.08
N ASP A 33 6.20 -7.71 -4.55
CA ASP A 33 6.74 -8.61 -5.58
C ASP A 33 6.47 -8.15 -7.03
N TYR A 34 5.40 -7.38 -7.23
CA TYR A 34 5.02 -6.78 -8.52
C TYR A 34 5.78 -5.47 -8.81
N THR A 35 5.36 -4.74 -9.85
CA THR A 35 6.03 -3.54 -10.41
C THR A 35 5.91 -2.30 -9.51
N GLY A 36 5.15 -2.34 -8.40
CA GLY A 36 5.15 -1.27 -7.38
C GLY A 36 4.58 0.07 -7.84
N ASN A 37 3.73 0.09 -8.87
CA ASN A 37 3.18 1.32 -9.44
C ASN A 37 1.94 1.82 -8.67
N LEU A 38 2.15 2.24 -7.43
CA LEU A 38 1.11 2.71 -6.50
C LEU A 38 1.31 4.14 -5.99
N THR A 39 0.21 4.82 -5.65
CA THR A 39 0.22 6.14 -5.00
C THR A 39 -0.81 6.22 -3.87
N ILE A 40 -0.67 7.22 -2.98
CA ILE A 40 -1.42 7.35 -1.73
C ILE A 40 -2.20 8.67 -1.77
N ASN A 41 -3.51 8.59 -1.53
CA ASN A 41 -4.44 9.70 -1.59
C ASN A 41 -5.15 9.81 -0.23
N GLU A 42 -5.44 11.02 0.26
CA GLU A 42 -6.29 11.19 1.45
C GLU A 42 -7.40 12.23 1.28
N ARG A 43 -8.50 12.07 2.03
CA ARG A 43 -9.58 13.07 2.14
C ARG A 43 -9.75 13.51 3.60
N PRO A 44 -9.48 14.78 3.93
CA PRO A 44 -9.53 15.28 5.30
C PRO A 44 -10.96 15.63 5.72
N SER A 45 -11.38 15.24 6.93
CA SER A 45 -12.72 15.54 7.47
C SER A 45 -12.73 15.56 9.00
N ALA A 46 -13.16 16.69 9.58
CA ALA A 46 -13.13 16.94 11.03
C ALA A 46 -14.08 16.05 11.84
N ARG A 47 -14.96 15.29 11.18
CA ARG A 47 -15.77 14.20 11.77
C ARG A 47 -14.94 13.15 12.52
N ALA A 48 -13.71 12.88 12.06
CA ALA A 48 -12.85 11.81 12.59
C ALA A 48 -11.34 11.93 12.29
N GLY A 49 -10.90 12.58 11.21
CA GLY A 49 -9.50 12.55 10.76
C GLY A 49 -9.36 12.59 9.24
N SER A 50 -8.88 11.49 8.63
CA SER A 50 -8.70 11.35 7.18
C SER A 50 -9.15 9.99 6.64
N TRP A 51 -9.77 9.98 5.45
CA TRP A 51 -9.80 8.77 4.64
C TRP A 51 -8.44 8.61 3.96
N ILE A 52 -7.88 7.40 3.97
CA ILE A 52 -6.70 7.02 3.18
C ILE A 52 -7.12 6.04 2.09
N THR A 53 -6.69 6.29 0.86
CA THR A 53 -7.05 5.50 -0.33
C THR A 53 -5.80 5.29 -1.18
N ILE A 54 -5.35 4.05 -1.34
CA ILE A 54 -4.19 3.68 -2.15
C ILE A 54 -4.68 3.16 -3.51
N THR A 55 -4.09 3.73 -4.57
CA THR A 55 -4.42 3.42 -5.96
C THR A 55 -3.20 2.86 -6.69
N VAL A 56 -3.39 1.83 -7.53
CA VAL A 56 -2.37 1.27 -8.43
C VAL A 56 -2.64 1.80 -9.84
N ASN A 57 -1.68 2.56 -10.38
CA ASN A 57 -1.75 3.39 -11.59
C ASN A 57 -2.92 4.41 -11.57
N GLN A 58 -4.15 3.93 -11.74
CA GLN A 58 -5.40 4.70 -11.75
C GLN A 58 -6.58 3.97 -11.07
N ASP A 59 -6.34 2.82 -10.43
CA ASP A 59 -7.37 1.93 -9.87
C ASP A 59 -7.24 1.82 -8.34
N VAL A 60 -8.33 1.99 -7.59
CA VAL A 60 -8.32 1.76 -6.14
C VAL A 60 -8.28 0.27 -5.80
N ILE A 61 -7.46 -0.09 -4.79
CA ILE A 61 -7.33 -1.46 -4.30
C ILE A 61 -7.49 -1.61 -2.78
N PHE A 62 -7.19 -0.57 -2.01
CA PHE A 62 -7.40 -0.55 -0.57
C PHE A 62 -7.67 0.87 -0.05
N GLN A 63 -8.52 0.97 0.97
CA GLN A 63 -8.82 2.23 1.65
C GLN A 63 -9.29 2.00 3.10
N THR A 64 -8.95 2.94 3.99
CA THR A 64 -9.26 2.87 5.44
C THR A 64 -9.32 4.27 6.06
N PHE A 65 -9.90 4.39 7.26
CA PHE A 65 -9.99 5.66 7.99
C PHE A 65 -8.86 5.77 9.04
N LEU A 66 -8.13 6.89 9.02
CA LEU A 66 -7.14 7.26 10.04
C LEU A 66 -7.70 8.27 11.05
N PHE A 67 -7.30 8.12 12.31
CA PHE A 67 -7.70 8.98 13.43
C PHE A 67 -6.46 9.60 14.12
N PRO A 68 -6.46 10.92 14.42
CA PRO A 68 -5.31 11.61 15.02
C PRO A 68 -5.20 11.41 16.55
N LEU A 69 -6.33 11.21 17.24
CA LEU A 69 -6.39 11.06 18.71
C LEU A 69 -6.10 9.61 19.16
N LYS A 70 -6.38 8.63 18.28
CA LYS A 70 -6.17 7.19 18.53
C LYS A 70 -4.72 6.75 18.25
N ARG A 71 -4.34 5.58 18.75
CA ARG A 71 -2.98 4.99 18.65
C ARG A 71 -2.83 3.94 17.54
N ASP A 72 -3.84 3.76 16.69
CA ASP A 72 -3.82 2.75 15.61
C ASP A 72 -2.90 3.11 14.43
N PHE A 73 -2.49 4.37 14.26
CA PHE A 73 -1.81 4.86 13.04
C PHE A 73 -0.68 3.94 12.56
N GLU A 74 0.23 3.53 13.45
CA GLU A 74 1.36 2.65 13.09
C GLU A 74 0.88 1.27 12.61
N LYS A 75 -0.12 0.71 13.31
CA LYS A 75 -0.74 -0.57 13.01
C LYS A 75 -1.46 -0.52 11.66
N THR A 76 -2.23 0.55 11.42
CA THR A 76 -2.93 0.83 10.16
C THR A 76 -1.95 1.03 8.99
N VAL A 77 -0.81 1.69 9.20
CA VAL A 77 0.27 1.79 8.19
C VAL A 77 0.81 0.40 7.84
N VAL A 78 1.23 -0.39 8.83
CA VAL A 78 1.81 -1.73 8.60
C VAL A 78 0.79 -2.67 7.94
N ALA A 79 -0.48 -2.58 8.35
CA ALA A 79 -1.56 -3.40 7.81
C ALA A 79 -1.90 -3.00 6.36
N ALA A 80 -1.78 -1.72 5.98
CA ALA A 80 -2.00 -1.28 4.61
C ALA A 80 -0.96 -1.86 3.64
N LEU A 81 0.25 -2.18 4.10
CA LEU A 81 1.30 -2.79 3.26
C LEU A 81 0.84 -4.17 2.75
N ILE A 82 0.33 -4.99 3.68
CA ILE A 82 -0.20 -6.34 3.40
C ILE A 82 -1.49 -6.24 2.56
N GLN A 83 -2.42 -5.37 2.96
CA GLN A 83 -3.72 -5.24 2.28
C GLN A 83 -3.60 -4.66 0.87
N THR A 84 -2.54 -3.89 0.59
CA THR A 84 -2.20 -3.44 -0.76
C THR A 84 -1.81 -4.62 -1.66
N GLU A 85 -0.95 -5.53 -1.20
CA GLU A 85 -0.59 -6.70 -2.03
C GLU A 85 -1.71 -7.74 -2.09
N GLU A 86 -2.54 -7.88 -1.06
CA GLU A 86 -3.64 -8.87 -1.04
C GLU A 86 -4.68 -8.63 -2.15
N ALA A 87 -4.87 -7.38 -2.58
CA ALA A 87 -5.66 -7.04 -3.76
C ALA A 87 -5.03 -7.61 -5.05
N LEU A 88 -3.70 -7.49 -5.19
CA LEU A 88 -2.94 -7.86 -6.38
C LEU A 88 -2.60 -9.35 -6.41
N ASN A 89 -2.61 -10.01 -5.25
CA ASN A 89 -2.33 -11.43 -5.07
C ASN A 89 -3.34 -12.32 -5.80
N ARG A 90 -4.59 -11.85 -5.97
CA ARG A 90 -5.65 -12.53 -6.74
C ARG A 90 -5.77 -12.03 -8.19
N ARG A 91 -5.11 -10.92 -8.54
CA ARG A 91 -5.07 -10.34 -9.90
C ARG A 91 -3.96 -10.97 -10.75
N GLN A 92 -2.75 -10.99 -10.20
CA GLN A 92 -1.53 -11.36 -10.93
C GLN A 92 -0.48 -12.15 -10.15
N ILE A 93 -0.23 -11.85 -8.87
CA ILE A 93 0.96 -12.42 -8.16
C ILE A 93 0.82 -13.95 -8.00
N ASN A 94 -0.40 -14.49 -8.09
CA ASN A 94 -0.64 -15.94 -8.20
C ASN A 94 0.20 -16.63 -9.28
N GLN A 95 0.40 -15.98 -10.43
CA GLN A 95 1.21 -16.50 -11.54
C GLN A 95 2.69 -16.70 -11.16
N ALA A 96 3.22 -15.84 -10.26
CA ALA A 96 4.59 -15.93 -9.75
C ALA A 96 4.71 -16.90 -8.56
N LEU A 97 3.82 -16.81 -7.57
CA LEU A 97 3.88 -17.64 -6.34
C LEU A 97 3.56 -19.12 -6.57
N LEU A 98 2.84 -19.43 -7.66
CA LEU A 98 2.55 -20.79 -8.14
C LEU A 98 3.78 -21.49 -8.76
N SER A 99 4.85 -20.76 -9.09
CA SER A 99 6.09 -21.30 -9.68
C SER A 99 5.87 -22.19 -10.92
N THR A 100 4.99 -21.73 -11.83
CA THR A 100 4.65 -22.41 -13.11
C THR A 100 4.11 -23.85 -12.91
N GLY A 101 3.34 -24.07 -11.83
CA GLY A 101 2.60 -25.32 -11.58
C GLY A 101 1.45 -25.60 -12.56
N ASP A 102 1.03 -24.59 -13.33
CA ASP A 102 0.08 -24.67 -14.45
C ASP A 102 0.63 -23.92 -15.69
N LEU A 103 0.00 -24.14 -16.85
CA LEU A 103 0.36 -23.47 -18.11
C LEU A 103 0.22 -21.94 -18.06
N ALA A 104 1.00 -21.25 -18.90
CA ALA A 104 1.01 -19.79 -19.01
C ALA A 104 1.46 -19.27 -20.40
N HIS A 105 1.31 -20.12 -21.42
CA HIS A 105 2.03 -20.00 -22.70
C HIS A 105 1.51 -18.89 -23.63
N ASP A 106 0.19 -18.62 -23.58
CA ASP A 106 -0.47 -17.57 -24.37
C ASP A 106 -1.56 -16.83 -23.56
N GLU A 107 -1.44 -16.83 -22.23
CA GLU A 107 -2.47 -16.32 -21.31
C GLU A 107 -2.42 -14.79 -21.12
N PHE A 108 -1.21 -14.22 -21.10
CA PHE A 108 -0.89 -12.79 -20.90
C PHE A 108 0.27 -12.32 -21.79
N ALA A 1 14.65 -12.00 -8.44
CA ALA A 1 14.96 -12.20 -9.89
C ALA A 1 15.22 -10.85 -10.60
N VAL A 2 16.46 -10.35 -10.57
CA VAL A 2 16.92 -9.10 -11.21
C VAL A 2 16.07 -7.88 -10.77
N GLU A 3 16.07 -7.60 -9.47
CA GLU A 3 15.31 -6.52 -8.82
C GLU A 3 16.25 -5.53 -8.11
N VAL A 4 16.14 -4.23 -8.46
CA VAL A 4 17.02 -3.14 -7.97
C VAL A 4 16.22 -1.88 -7.58
N GLU A 5 14.94 -2.07 -7.23
CA GLU A 5 13.97 -1.02 -6.86
C GLU A 5 13.78 0.05 -7.96
N VAL A 6 13.78 -0.41 -9.22
CA VAL A 6 13.75 0.46 -10.41
C VAL A 6 12.38 1.17 -10.61
N PRO A 7 11.23 0.48 -10.64
CA PRO A 7 9.92 1.13 -10.81
C PRO A 7 9.38 1.75 -9.50
N GLY A 8 8.33 2.55 -9.64
CA GLY A 8 7.59 3.17 -8.53
C GLY A 8 7.02 4.55 -8.88
N LEU A 9 5.83 4.88 -8.35
CA LEU A 9 5.18 6.20 -8.50
C LEU A 9 4.44 6.67 -7.24
N LEU A 10 4.95 6.32 -6.06
CA LEU A 10 4.43 6.84 -4.78
C LEU A 10 4.55 8.37 -4.77
N THR A 11 3.41 9.03 -4.61
CA THR A 11 3.32 10.48 -4.47
C THR A 11 2.56 10.85 -3.19
N ASP A 12 3.04 11.89 -2.53
CA ASP A 12 2.42 12.52 -1.36
C ASP A 12 1.19 13.37 -1.76
N HIS A 13 0.18 12.72 -2.35
CA HIS A 13 -1.14 13.31 -2.64
C HIS A 13 -2.00 13.35 -1.36
N THR A 14 -1.39 13.79 -0.25
CA THR A 14 -1.96 13.78 1.09
C THR A 14 -1.76 15.12 1.82
N VAL A 15 -2.81 15.65 2.45
CA VAL A 15 -2.87 17.03 3.01
C VAL A 15 -3.45 17.11 4.44
N SER A 16 -3.19 16.08 5.24
CA SER A 16 -3.68 15.89 6.61
C SER A 16 -2.53 15.71 7.61
N SER A 17 -2.71 16.09 8.88
CA SER A 17 -1.70 15.90 9.94
C SER A 17 -1.30 14.43 10.14
N ILE A 18 -2.26 13.50 10.01
CA ILE A 18 -2.03 12.05 9.99
C ILE A 18 -1.82 11.53 8.56
N GLY A 19 -2.58 12.00 7.56
CA GLY A 19 -2.46 11.49 6.19
C GLY A 19 -1.14 11.83 5.50
N HIS A 20 -0.50 12.95 5.87
CA HIS A 20 0.87 13.29 5.45
C HIS A 20 1.88 12.28 6.01
N ASP A 21 1.72 11.87 7.28
CA ASP A 21 2.62 10.90 7.90
C ASP A 21 2.36 9.47 7.42
N PHE A 22 1.12 9.10 7.06
CA PHE A 22 0.86 7.80 6.41
C PHE A 22 1.74 7.63 5.18
N TYR A 23 1.87 8.66 4.34
CA TYR A 23 2.77 8.62 3.18
C TYR A 23 4.22 8.30 3.60
N ARG A 24 4.78 9.07 4.55
CA ARG A 24 6.18 8.95 4.99
C ARG A 24 6.46 7.59 5.65
N ALA A 25 5.51 7.11 6.46
CA ALA A 25 5.61 5.84 7.16
C ALA A 25 5.38 4.64 6.23
N PHE A 26 4.39 4.68 5.34
CA PHE A 26 4.12 3.59 4.39
C PHE A 26 5.34 3.36 3.49
N SER A 27 5.86 4.41 2.85
CA SER A 27 7.00 4.28 1.92
C SER A 27 8.30 3.80 2.61
N ASP A 28 8.48 4.08 3.91
CA ASP A 28 9.60 3.60 4.71
C ASP A 28 9.59 2.07 4.94
N LYS A 29 8.40 1.44 5.02
CA LYS A 29 8.25 -0.03 5.15
C LYS A 29 7.68 -0.76 3.92
N TRP A 30 7.38 -0.03 2.83
CA TRP A 30 6.87 -0.60 1.58
C TRP A 30 7.87 -1.56 0.91
N GLU A 31 7.36 -2.69 0.41
CA GLU A 31 8.07 -3.69 -0.37
C GLU A 31 7.06 -4.50 -1.21
N SER A 32 7.42 -4.91 -2.43
CA SER A 32 6.50 -5.58 -3.35
C SER A 32 7.17 -6.48 -4.41
N ASP A 33 6.48 -7.58 -4.77
CA ASP A 33 6.92 -8.51 -5.82
C ASP A 33 6.56 -8.06 -7.25
N TYR A 34 5.42 -7.36 -7.40
CA TYR A 34 4.96 -6.77 -8.66
C TYR A 34 5.72 -5.45 -9.00
N THR A 35 5.27 -4.74 -10.04
CA THR A 35 5.91 -3.53 -10.59
C THR A 35 5.79 -2.29 -9.68
N GLY A 36 5.08 -2.36 -8.55
CA GLY A 36 5.10 -1.32 -7.51
C GLY A 36 4.53 0.04 -7.91
N ASN A 37 3.66 0.09 -8.93
CA ASN A 37 3.12 1.32 -9.48
C ASN A 37 1.90 1.84 -8.69
N LEU A 38 2.12 2.24 -7.45
CA LEU A 38 1.09 2.72 -6.51
C LEU A 38 1.30 4.15 -6.01
N THR A 39 0.20 4.84 -5.67
CA THR A 39 0.21 6.16 -5.02
C THR A 39 -0.81 6.24 -3.89
N ILE A 40 -0.65 7.21 -2.99
CA ILE A 40 -1.41 7.35 -1.74
C ILE A 40 -2.17 8.67 -1.77
N ASN A 41 -3.48 8.59 -1.51
CA ASN A 41 -4.40 9.71 -1.57
C ASN A 41 -5.11 9.82 -0.21
N GLU A 42 -5.41 11.02 0.29
CA GLU A 42 -6.27 11.18 1.46
C GLU A 42 -7.38 12.22 1.27
N ARG A 43 -8.50 12.05 2.00
CA ARG A 43 -9.56 13.06 2.12
C ARG A 43 -9.67 13.52 3.59
N PRO A 44 -9.42 14.81 3.87
CA PRO A 44 -9.45 15.35 5.22
C PRO A 44 -10.92 15.59 5.64
N SER A 45 -11.31 15.00 6.77
CA SER A 45 -12.71 14.93 7.22
C SER A 45 -12.78 15.13 8.74
N ALA A 46 -12.99 16.38 9.17
CA ALA A 46 -12.86 16.81 10.57
C ALA A 46 -13.85 16.15 11.56
N ARG A 47 -14.86 15.43 11.04
CA ARG A 47 -15.71 14.49 11.80
C ARG A 47 -14.92 13.43 12.57
N ALA A 48 -13.75 13.02 12.07
CA ALA A 48 -12.95 11.93 12.65
C ALA A 48 -11.43 11.95 12.34
N GLY A 49 -10.96 12.55 11.23
CA GLY A 49 -9.56 12.50 10.81
C GLY A 49 -9.39 12.55 9.29
N SER A 50 -8.90 11.47 8.68
CA SER A 50 -8.72 11.34 7.23
C SER A 50 -9.18 9.98 6.69
N TRP A 51 -9.75 9.97 5.48
CA TRP A 51 -9.80 8.76 4.66
C TRP A 51 -8.47 8.59 3.96
N ILE A 52 -7.87 7.40 3.99
CA ILE A 52 -6.69 7.02 3.21
C ILE A 52 -7.11 6.05 2.11
N THR A 53 -6.67 6.30 0.88
CA THR A 53 -7.03 5.53 -0.31
C THR A 53 -5.78 5.32 -1.18
N ILE A 54 -5.36 4.07 -1.34
CA ILE A 54 -4.19 3.69 -2.16
C ILE A 54 -4.68 3.19 -3.51
N THR A 55 -4.10 3.75 -4.57
CA THR A 55 -4.43 3.44 -5.97
C THR A 55 -3.22 2.87 -6.71
N VAL A 56 -3.42 1.84 -7.53
CA VAL A 56 -2.41 1.28 -8.46
C VAL A 56 -2.68 1.81 -9.86
N ASN A 57 -1.72 2.57 -10.39
CA ASN A 57 -1.80 3.40 -11.60
C ASN A 57 -2.97 4.42 -11.58
N GLN A 58 -4.20 3.93 -11.75
CA GLN A 58 -5.45 4.70 -11.77
C GLN A 58 -6.64 3.98 -11.09
N ASP A 59 -6.38 2.84 -10.44
CA ASP A 59 -7.41 1.95 -9.86
C ASP A 59 -7.27 1.85 -8.35
N VAL A 60 -8.36 2.04 -7.59
CA VAL A 60 -8.34 1.82 -6.13
C VAL A 60 -8.30 0.33 -5.79
N ILE A 61 -7.48 -0.04 -4.80
CA ILE A 61 -7.35 -1.42 -4.32
C ILE A 61 -7.49 -1.58 -2.80
N PHE A 62 -7.19 -0.54 -2.02
CA PHE A 62 -7.39 -0.55 -0.57
C PHE A 62 -7.66 0.87 -0.06
N GLN A 63 -8.50 0.97 0.96
CA GLN A 63 -8.80 2.23 1.65
C GLN A 63 -9.26 1.99 3.10
N THR A 64 -8.93 2.92 3.99
CA THR A 64 -9.22 2.84 5.44
C THR A 64 -9.29 4.24 6.07
N PHE A 65 -9.88 4.35 7.26
CA PHE A 65 -9.97 5.60 8.02
C PHE A 65 -8.82 5.71 9.03
N LEU A 66 -8.12 6.86 9.05
CA LEU A 66 -7.14 7.23 10.06
C LEU A 66 -7.71 8.24 11.08
N PHE A 67 -7.31 8.08 12.33
CA PHE A 67 -7.74 8.92 13.46
C PHE A 67 -6.52 9.55 14.18
N PRO A 68 -6.53 10.86 14.46
CA PRO A 68 -5.39 11.58 15.07
C PRO A 68 -5.30 11.39 16.59
N LEU A 69 -6.43 11.18 17.28
CA LEU A 69 -6.50 11.03 18.74
C LEU A 69 -6.16 9.60 19.21
N LYS A 70 -6.36 8.60 18.34
CA LYS A 70 -6.12 7.17 18.60
C LYS A 70 -4.69 6.75 18.22
N ARG A 71 -4.25 5.60 18.77
CA ARG A 71 -2.88 5.05 18.60
C ARG A 71 -2.75 3.94 17.54
N ASP A 72 -3.78 3.72 16.72
CA ASP A 72 -3.77 2.70 15.66
C ASP A 72 -2.89 3.05 14.45
N PHE A 73 -2.51 4.32 14.27
CA PHE A 73 -1.84 4.81 13.06
C PHE A 73 -0.70 3.91 12.56
N GLU A 74 0.21 3.49 13.45
CA GLU A 74 1.34 2.62 13.07
C GLU A 74 0.88 1.24 12.59
N LYS A 75 -0.12 0.68 13.29
CA LYS A 75 -0.74 -0.61 12.97
C LYS A 75 -1.48 -0.54 11.63
N THR A 76 -2.24 0.52 11.41
CA THR A 76 -2.95 0.81 10.16
C THR A 76 -1.99 1.01 8.98
N VAL A 77 -0.84 1.67 9.18
CA VAL A 77 0.23 1.78 8.15
C VAL A 77 0.77 0.39 7.80
N VAL A 78 1.20 -0.40 8.80
CA VAL A 78 1.79 -1.74 8.56
C VAL A 78 0.77 -2.68 7.91
N ALA A 79 -0.49 -2.60 8.31
CA ALA A 79 -1.57 -3.42 7.77
C ALA A 79 -1.93 -3.04 6.33
N ALA A 80 -1.80 -1.77 5.95
CA ALA A 80 -2.02 -1.32 4.58
C ALA A 80 -0.99 -1.91 3.61
N LEU A 81 0.23 -2.22 4.07
CA LEU A 81 1.28 -2.82 3.23
C LEU A 81 0.83 -4.20 2.72
N ILE A 82 0.32 -5.03 3.64
CA ILE A 82 -0.19 -6.38 3.35
C ILE A 82 -1.48 -6.27 2.52
N GLN A 83 -2.42 -5.40 2.91
CA GLN A 83 -3.71 -5.28 2.23
C GLN A 83 -3.60 -4.71 0.82
N THR A 84 -2.54 -3.93 0.53
CA THR A 84 -2.19 -3.49 -0.82
C THR A 84 -1.82 -4.66 -1.72
N GLU A 85 -0.96 -5.60 -1.26
CA GLU A 85 -0.65 -6.77 -2.08
C GLU A 85 -1.81 -7.77 -2.14
N GLU A 86 -2.64 -7.87 -1.10
CA GLU A 86 -3.76 -8.83 -1.06
C GLU A 86 -4.86 -8.54 -2.08
N ALA A 87 -4.96 -7.30 -2.57
CA ALA A 87 -5.76 -6.97 -3.75
C ALA A 87 -5.16 -7.55 -5.03
N LEU A 88 -3.83 -7.45 -5.19
CA LEU A 88 -3.10 -7.84 -6.41
C LEU A 88 -2.79 -9.34 -6.45
N ASN A 89 -2.80 -10.00 -5.30
CA ASN A 89 -2.52 -11.42 -5.12
C ASN A 89 -3.50 -12.34 -5.87
N ARG A 90 -4.76 -11.91 -6.03
CA ARG A 90 -5.78 -12.58 -6.88
C ARG A 90 -5.88 -12.02 -8.31
N ARG A 91 -5.26 -10.88 -8.60
CA ARG A 91 -5.26 -10.24 -9.95
C ARG A 91 -4.19 -10.84 -10.85
N GLN A 92 -2.95 -10.88 -10.32
CA GLN A 92 -1.76 -11.22 -11.11
C GLN A 92 -0.64 -11.98 -10.38
N ILE A 93 -0.40 -11.70 -9.10
CA ILE A 93 0.80 -12.22 -8.38
C ILE A 93 0.71 -13.74 -8.17
N ASN A 94 -0.49 -14.32 -8.28
CA ASN A 94 -0.70 -15.79 -8.33
C ASN A 94 0.22 -16.50 -9.33
N GLN A 95 0.49 -15.88 -10.48
CA GLN A 95 1.41 -16.40 -11.51
C GLN A 95 2.85 -16.59 -10.98
N ALA A 96 3.28 -15.74 -10.04
CA ALA A 96 4.60 -15.78 -9.41
C ALA A 96 4.63 -16.61 -8.11
N LEU A 97 3.68 -16.37 -7.19
CA LEU A 97 3.66 -17.00 -5.85
C LEU A 97 3.35 -18.52 -5.86
N LEU A 98 2.76 -19.00 -6.96
CA LEU A 98 2.55 -20.42 -7.26
C LEU A 98 3.88 -21.20 -7.48
N SER A 99 4.97 -20.50 -7.82
CA SER A 99 6.31 -21.06 -8.11
C SER A 99 6.26 -22.14 -9.22
N THR A 100 6.07 -21.69 -10.46
CA THR A 100 5.98 -22.58 -11.65
C THR A 100 7.26 -23.41 -11.89
N GLY A 101 8.43 -22.90 -11.49
CA GLY A 101 9.73 -23.59 -11.52
C GLY A 101 9.94 -24.60 -10.37
N ASP A 102 8.88 -25.31 -9.98
CA ASP A 102 8.77 -26.18 -8.79
C ASP A 102 9.09 -25.45 -7.45
N LEU A 103 9.18 -26.21 -6.34
CA LEU A 103 9.51 -25.66 -5.03
C LEU A 103 10.93 -25.07 -5.02
N ALA A 104 11.02 -23.82 -4.55
CA ALA A 104 12.26 -23.02 -4.61
C ALA A 104 12.26 -21.74 -3.75
N HIS A 105 11.43 -21.66 -2.69
CA HIS A 105 11.16 -20.40 -1.97
C HIS A 105 10.98 -20.54 -0.46
N ASP A 106 9.97 -21.30 -0.02
CA ASP A 106 9.58 -21.40 1.40
C ASP A 106 8.90 -22.75 1.70
N GLU A 107 9.70 -23.70 2.18
CA GLU A 107 9.29 -25.10 2.36
C GLU A 107 8.27 -25.32 3.51
N PHE A 108 8.51 -24.70 4.67
CA PHE A 108 7.74 -24.87 5.92
C PHE A 108 7.66 -23.57 6.75
N ALA A 1 22.63 -6.22 -12.52
CA ALA A 1 21.94 -6.38 -11.21
C ALA A 1 20.56 -7.04 -11.34
N VAL A 2 20.04 -7.62 -10.25
CA VAL A 2 18.75 -8.34 -10.19
C VAL A 2 17.91 -7.85 -9.00
N GLU A 3 16.59 -7.77 -9.15
CA GLU A 3 15.62 -7.41 -8.10
C GLU A 3 15.93 -6.05 -7.43
N VAL A 4 16.01 -4.99 -8.26
CA VAL A 4 16.32 -3.61 -7.84
C VAL A 4 15.04 -2.77 -7.83
N GLU A 5 14.95 -1.78 -6.93
CA GLU A 5 13.84 -0.82 -6.79
C GLU A 5 13.79 0.24 -7.91
N VAL A 6 13.87 -0.21 -9.16
CA VAL A 6 13.85 0.60 -10.39
C VAL A 6 12.49 1.28 -10.64
N PRO A 7 11.33 0.58 -10.65
CA PRO A 7 10.02 1.21 -10.81
C PRO A 7 9.50 1.82 -9.49
N GLY A 8 8.42 2.60 -9.63
CA GLY A 8 7.68 3.22 -8.51
C GLY A 8 7.12 4.61 -8.84
N LEU A 9 5.92 4.94 -8.32
CA LEU A 9 5.28 6.25 -8.48
C LEU A 9 4.49 6.71 -7.23
N LEU A 10 4.98 6.38 -6.03
CA LEU A 10 4.43 6.91 -4.77
C LEU A 10 4.53 8.44 -4.79
N THR A 11 3.37 9.09 -4.64
CA THR A 11 3.25 10.54 -4.51
C THR A 11 2.49 10.91 -3.24
N ASP A 12 2.95 11.97 -2.58
CA ASP A 12 2.31 12.61 -1.44
C ASP A 12 1.05 13.41 -1.85
N HIS A 13 0.05 12.71 -2.43
CA HIS A 13 -1.28 13.26 -2.72
C HIS A 13 -2.13 13.31 -1.44
N THR A 14 -1.53 13.76 -0.33
CA THR A 14 -2.08 13.76 1.01
C THR A 14 -1.89 15.11 1.72
N VAL A 15 -2.95 15.63 2.38
CA VAL A 15 -3.00 17.01 2.93
C VAL A 15 -3.55 17.09 4.36
N SER A 16 -3.25 16.08 5.17
CA SER A 16 -3.76 15.91 6.55
C SER A 16 -2.60 15.71 7.55
N SER A 17 -2.78 16.13 8.81
CA SER A 17 -1.77 15.95 9.87
C SER A 17 -1.39 14.47 10.10
N ILE A 18 -2.36 13.54 9.94
CA ILE A 18 -2.12 12.09 9.91
C ILE A 18 -1.90 11.56 8.49
N GLY A 19 -2.65 12.00 7.48
CA GLY A 19 -2.52 11.47 6.11
C GLY A 19 -1.19 11.81 5.42
N HIS A 20 -0.58 12.95 5.77
CA HIS A 20 0.79 13.31 5.36
C HIS A 20 1.83 12.39 6.01
N ASP A 21 1.63 11.99 7.26
CA ASP A 21 2.51 11.06 7.96
C ASP A 21 2.34 9.64 7.44
N PHE A 22 1.11 9.21 7.07
CA PHE A 22 0.88 7.90 6.44
C PHE A 22 1.73 7.74 5.18
N TYR A 23 1.83 8.76 4.33
CA TYR A 23 2.67 8.72 3.13
C TYR A 23 4.12 8.33 3.46
N ARG A 24 4.75 9.05 4.40
CA ARG A 24 6.16 8.85 4.79
C ARG A 24 6.37 7.51 5.51
N ALA A 25 5.47 7.18 6.43
CA ALA A 25 5.52 5.94 7.19
C ALA A 25 5.29 4.70 6.30
N PHE A 26 4.33 4.76 5.36
CA PHE A 26 4.09 3.69 4.40
C PHE A 26 5.32 3.47 3.52
N SER A 27 5.84 4.53 2.89
CA SER A 27 6.98 4.42 1.96
C SER A 27 8.28 3.98 2.65
N ASP A 28 8.45 4.28 3.94
CA ASP A 28 9.57 3.81 4.75
C ASP A 28 9.61 2.28 4.94
N LYS A 29 8.44 1.61 5.01
CA LYS A 29 8.34 0.13 5.12
C LYS A 29 7.78 -0.59 3.88
N TRP A 30 7.47 0.14 2.81
CA TRP A 30 6.95 -0.42 1.55
C TRP A 30 7.96 -1.36 0.85
N GLU A 31 7.48 -2.54 0.48
CA GLU A 31 8.19 -3.54 -0.35
C GLU A 31 7.13 -4.51 -0.93
N SER A 32 7.24 -4.84 -2.23
CA SER A 32 6.36 -5.81 -2.89
C SER A 32 7.03 -6.55 -4.06
N ASP A 33 6.41 -7.64 -4.53
CA ASP A 33 6.96 -8.53 -5.57
C ASP A 33 6.70 -8.04 -7.01
N TYR A 34 5.63 -7.26 -7.20
CA TYR A 34 5.22 -6.69 -8.49
C TYR A 34 5.95 -5.35 -8.81
N THR A 35 5.47 -4.64 -9.84
CA THR A 35 6.10 -3.43 -10.41
C THR A 35 5.97 -2.18 -9.53
N GLY A 36 5.22 -2.23 -8.41
CA GLY A 36 5.20 -1.16 -7.40
C GLY A 36 4.62 0.18 -7.87
N ASN A 37 3.76 0.17 -8.89
CA ASN A 37 3.19 1.39 -9.46
C ASN A 37 1.95 1.87 -8.68
N LEU A 38 2.16 2.30 -7.43
CA LEU A 38 1.12 2.75 -6.50
C LEU A 38 1.30 4.19 -5.99
N THR A 39 0.21 4.86 -5.65
CA THR A 39 0.20 6.17 -5.00
C THR A 39 -0.83 6.24 -3.86
N ILE A 40 -0.68 7.21 -2.96
CA ILE A 40 -1.44 7.34 -1.71
C ILE A 40 -2.23 8.65 -1.75
N ASN A 41 -3.53 8.55 -1.52
CA ASN A 41 -4.48 9.65 -1.58
C ASN A 41 -5.17 9.76 -0.21
N GLU A 42 -5.49 10.97 0.27
CA GLU A 42 -6.35 11.12 1.46
C GLU A 42 -7.47 12.15 1.27
N ARG A 43 -8.58 11.96 1.99
CA ARG A 43 -9.66 12.96 2.11
C ARG A 43 -9.77 13.43 3.57
N PRO A 44 -9.53 14.73 3.84
CA PRO A 44 -9.57 15.27 5.19
C PRO A 44 -11.03 15.50 5.62
N SER A 45 -11.42 14.89 6.74
CA SER A 45 -12.81 14.80 7.19
C SER A 45 -12.90 15.01 8.70
N ALA A 46 -13.14 16.25 9.13
CA ALA A 46 -13.06 16.69 10.53
C ALA A 46 -14.06 16.01 11.50
N ARG A 47 -15.01 15.25 10.96
CA ARG A 47 -15.85 14.29 11.72
C ARG A 47 -15.02 13.29 12.56
N ALA A 48 -13.83 12.90 12.07
CA ALA A 48 -12.98 11.90 12.75
C ALA A 48 -11.48 11.93 12.40
N GLY A 49 -11.05 12.47 11.25
CA GLY A 49 -9.63 12.43 10.81
C GLY A 49 -9.48 12.47 9.29
N SER A 50 -8.96 11.40 8.69
CA SER A 50 -8.80 11.27 7.23
C SER A 50 -9.24 9.90 6.69
N TRP A 51 -9.81 9.89 5.49
CA TRP A 51 -9.85 8.67 4.67
C TRP A 51 -8.51 8.52 3.97
N ILE A 52 -7.92 7.32 3.98
CA ILE A 52 -6.74 6.96 3.19
C ILE A 52 -7.14 5.98 2.10
N THR A 53 -6.72 6.24 0.86
CA THR A 53 -7.06 5.44 -0.33
C THR A 53 -5.81 5.26 -1.17
N ILE A 54 -5.36 4.01 -1.33
CA ILE A 54 -4.19 3.66 -2.16
C ILE A 54 -4.67 3.14 -3.51
N THR A 55 -4.09 3.70 -4.56
CA THR A 55 -4.42 3.39 -5.96
C THR A 55 -3.20 2.85 -6.70
N VAL A 56 -3.38 1.82 -7.54
CA VAL A 56 -2.36 1.27 -8.45
C VAL A 56 -2.63 1.81 -9.85
N ASN A 57 -1.68 2.59 -10.37
CA ASN A 57 -1.77 3.44 -11.58
C ASN A 57 -2.94 4.44 -11.56
N GLN A 58 -4.17 3.94 -11.72
CA GLN A 58 -5.42 4.70 -11.74
C GLN A 58 -6.60 3.96 -11.07
N ASP A 59 -6.34 2.82 -10.41
CA ASP A 59 -7.37 1.91 -9.86
C ASP A 59 -7.23 1.79 -8.34
N VAL A 60 -8.32 1.93 -7.58
CA VAL A 60 -8.31 1.71 -6.12
C VAL A 60 -8.23 0.21 -5.80
N ILE A 61 -7.42 -0.15 -4.80
CA ILE A 61 -7.26 -1.53 -4.31
C ILE A 61 -7.42 -1.67 -2.79
N PHE A 62 -7.13 -0.62 -2.02
CA PHE A 62 -7.34 -0.62 -0.57
C PHE A 62 -7.63 0.79 -0.06
N GLN A 63 -8.47 0.87 0.97
CA GLN A 63 -8.77 2.13 1.66
C GLN A 63 -9.23 1.89 3.11
N THR A 64 -8.90 2.82 4.00
CA THR A 64 -9.20 2.76 5.45
C THR A 64 -9.27 4.14 6.08
N PHE A 65 -9.85 4.26 7.28
CA PHE A 65 -9.95 5.51 8.02
C PHE A 65 -8.80 5.65 9.04
N LEU A 66 -8.14 6.81 9.07
CA LEU A 66 -7.14 7.19 10.08
C LEU A 66 -7.69 8.20 11.10
N PHE A 67 -7.23 8.08 12.34
CA PHE A 67 -7.65 8.90 13.49
C PHE A 67 -6.45 9.56 14.19
N PRO A 68 -6.47 10.88 14.46
CA PRO A 68 -5.32 11.63 14.99
C PRO A 68 -5.13 11.49 16.51
N LEU A 69 -6.22 11.30 17.28
CA LEU A 69 -6.20 11.14 18.75
C LEU A 69 -5.91 9.69 19.19
N LYS A 70 -6.02 8.73 18.27
CA LYS A 70 -5.94 7.27 18.53
C LYS A 70 -4.54 6.71 18.21
N ARG A 71 -4.11 5.68 18.95
CA ARG A 71 -2.73 5.11 18.88
C ARG A 71 -2.54 3.95 17.89
N ASP A 72 -3.48 3.77 16.96
CA ASP A 72 -3.47 2.68 15.96
C ASP A 72 -2.85 3.05 14.61
N PHE A 73 -2.47 4.31 14.37
CA PHE A 73 -1.88 4.80 13.10
C PHE A 73 -0.73 3.91 12.60
N GLU A 74 0.21 3.54 13.48
CA GLU A 74 1.39 2.72 13.11
C GLU A 74 0.96 1.34 12.60
N LYS A 75 -0.02 0.74 13.27
CA LYS A 75 -0.55 -0.58 12.93
C LYS A 75 -1.37 -0.52 11.64
N THR A 76 -2.17 0.53 11.44
CA THR A 76 -2.87 0.82 10.17
C THR A 76 -1.89 1.00 9.00
N VAL A 77 -0.77 1.69 9.20
CA VAL A 77 0.30 1.81 8.20
C VAL A 77 0.87 0.44 7.84
N VAL A 78 1.31 -0.36 8.83
CA VAL A 78 1.91 -1.68 8.59
C VAL A 78 0.91 -2.64 7.92
N ALA A 79 -0.36 -2.58 8.33
CA ALA A 79 -1.42 -3.42 7.79
C ALA A 79 -1.80 -3.03 6.35
N ALA A 80 -1.70 -1.75 5.97
CA ALA A 80 -1.92 -1.30 4.60
C ALA A 80 -0.89 -1.86 3.63
N LEU A 81 0.33 -2.17 4.08
CA LEU A 81 1.39 -2.76 3.25
C LEU A 81 0.94 -4.15 2.72
N ILE A 82 0.44 -4.98 3.65
CA ILE A 82 -0.06 -6.33 3.36
C ILE A 82 -1.36 -6.25 2.53
N GLN A 83 -2.29 -5.39 2.94
CA GLN A 83 -3.60 -5.27 2.26
C GLN A 83 -3.49 -4.69 0.85
N THR A 84 -2.44 -3.90 0.57
CA THR A 84 -2.10 -3.44 -0.78
C THR A 84 -1.72 -4.61 -1.68
N GLU A 85 -0.84 -5.52 -1.23
CA GLU A 85 -0.47 -6.67 -2.07
C GLU A 85 -1.59 -7.72 -2.14
N GLU A 86 -2.40 -7.89 -1.09
CA GLU A 86 -3.50 -8.88 -1.07
C GLU A 86 -4.56 -8.65 -2.16
N ALA A 87 -4.75 -7.40 -2.60
CA ALA A 87 -5.54 -7.08 -3.78
C ALA A 87 -4.92 -7.64 -5.07
N LEU A 88 -3.59 -7.50 -5.22
CA LEU A 88 -2.85 -7.87 -6.43
C LEU A 88 -2.50 -9.36 -6.47
N ASN A 89 -2.50 -10.02 -5.31
CA ASN A 89 -2.25 -11.46 -5.12
C ASN A 89 -3.26 -12.37 -5.84
N ARG A 90 -4.47 -11.89 -6.10
CA ARG A 90 -5.51 -12.56 -6.93
C ARG A 90 -5.64 -11.99 -8.35
N ARG A 91 -4.97 -10.86 -8.65
CA ARG A 91 -5.01 -10.18 -9.98
C ARG A 91 -3.91 -10.67 -10.93
N GLN A 92 -2.66 -10.56 -10.47
CA GLN A 92 -1.46 -10.72 -11.32
C GLN A 92 -0.31 -11.47 -10.66
N ILE A 93 -0.10 -11.28 -9.35
CA ILE A 93 0.96 -12.00 -8.59
C ILE A 93 0.59 -13.49 -8.45
N ASN A 94 -0.69 -13.84 -8.65
CA ASN A 94 -1.22 -15.20 -8.59
C ASN A 94 -0.45 -16.19 -9.48
N GLN A 95 -0.08 -15.77 -10.70
CA GLN A 95 0.72 -16.59 -11.64
C GLN A 95 2.18 -16.76 -11.18
N ALA A 96 2.75 -15.71 -10.57
CA ALA A 96 4.12 -15.72 -10.04
C ALA A 96 4.26 -16.59 -8.78
N LEU A 97 3.27 -16.58 -7.89
CA LEU A 97 3.26 -17.39 -6.66
C LEU A 97 2.80 -18.84 -6.87
N LEU A 98 2.00 -19.09 -7.91
CA LEU A 98 1.61 -20.44 -8.36
C LEU A 98 2.82 -21.29 -8.79
N SER A 99 3.86 -20.69 -9.37
CA SER A 99 5.10 -21.38 -9.81
C SER A 99 4.83 -22.58 -10.73
N THR A 100 4.05 -22.37 -11.80
CA THR A 100 3.47 -23.44 -12.66
C THR A 100 4.52 -24.36 -13.30
N GLY A 101 5.75 -23.87 -13.55
CA GLY A 101 6.89 -24.66 -14.06
C GLY A 101 7.63 -25.51 -13.00
N ASP A 102 7.18 -25.45 -11.75
CA ASP A 102 7.73 -26.12 -10.56
C ASP A 102 6.63 -26.93 -9.84
N LEU A 103 6.82 -27.23 -8.55
CA LEU A 103 5.72 -27.66 -7.67
C LEU A 103 4.58 -26.64 -7.69
N ALA A 104 3.37 -27.15 -7.88
CA ALA A 104 2.13 -26.40 -7.87
C ALA A 104 0.93 -27.32 -7.58
N HIS A 105 0.47 -27.36 -6.33
CA HIS A 105 -0.62 -28.26 -5.88
C HIS A 105 -1.57 -27.63 -4.85
N ASP A 106 -1.04 -27.09 -3.74
CA ASP A 106 -1.84 -26.58 -2.60
C ASP A 106 -1.23 -25.30 -1.98
N GLU A 107 -0.66 -24.43 -2.82
CA GLU A 107 0.08 -23.23 -2.39
C GLU A 107 -0.83 -22.09 -1.86
N PHE A 108 -2.08 -22.03 -2.34
CA PHE A 108 -3.12 -21.07 -1.93
C PHE A 108 -4.54 -21.66 -2.06
N ALA A 1 16.64 -14.35 -8.86
CA ALA A 1 16.95 -12.99 -9.39
C ALA A 1 16.90 -11.93 -8.27
N VAL A 2 17.53 -10.77 -8.50
CA VAL A 2 17.56 -9.60 -7.59
C VAL A 2 17.18 -8.33 -8.36
N GLU A 3 16.40 -7.45 -7.74
CA GLU A 3 15.93 -6.17 -8.32
C GLU A 3 16.49 -4.95 -7.56
N VAL A 4 16.52 -3.78 -8.24
CA VAL A 4 17.22 -2.55 -7.78
C VAL A 4 16.26 -1.39 -7.51
N GLU A 5 14.98 -1.71 -7.23
CA GLU A 5 13.90 -0.77 -6.93
C GLU A 5 13.68 0.28 -8.06
N VAL A 6 13.80 -0.18 -9.31
CA VAL A 6 13.76 0.67 -10.51
C VAL A 6 12.40 1.35 -10.74
N PRO A 7 11.25 0.63 -10.78
CA PRO A 7 9.94 1.25 -10.92
C PRO A 7 9.41 1.83 -9.59
N GLY A 8 8.33 2.62 -9.70
CA GLY A 8 7.60 3.20 -8.57
C GLY A 8 7.06 4.61 -8.85
N LEU A 9 5.87 4.93 -8.32
CA LEU A 9 5.24 6.26 -8.43
C LEU A 9 4.49 6.71 -7.17
N LEU A 10 4.99 6.35 -5.98
CA LEU A 10 4.44 6.81 -4.69
C LEU A 10 4.54 8.32 -4.59
N THR A 11 3.39 8.99 -4.65
CA THR A 11 3.28 10.45 -4.46
C THR A 11 2.55 10.77 -3.17
N ASP A 12 3.04 11.80 -2.48
CA ASP A 12 2.41 12.44 -1.33
C ASP A 12 1.18 13.27 -1.73
N HIS A 13 0.17 12.62 -2.32
CA HIS A 13 -1.16 13.20 -2.61
C HIS A 13 -2.01 13.24 -1.33
N THR A 14 -1.39 13.66 -0.21
CA THR A 14 -1.95 13.63 1.13
C THR A 14 -1.75 14.97 1.87
N VAL A 15 -2.80 15.51 2.49
CA VAL A 15 -2.86 16.90 3.01
C VAL A 15 -3.48 17.02 4.42
N SER A 16 -3.20 16.03 5.28
CA SER A 16 -3.67 15.99 6.68
C SER A 16 -2.57 15.54 7.63
N SER A 17 -2.64 15.86 8.93
CA SER A 17 -1.57 15.58 9.90
C SER A 17 -1.17 14.10 9.96
N ILE A 18 -2.18 13.21 9.93
CA ILE A 18 -2.02 11.75 9.89
C ILE A 18 -1.83 11.24 8.45
N GLY A 19 -2.58 11.73 7.46
CA GLY A 19 -2.44 11.24 6.08
C GLY A 19 -1.10 11.62 5.44
N HIS A 20 -0.51 12.74 5.85
CA HIS A 20 0.86 13.14 5.49
C HIS A 20 1.89 12.18 6.08
N ASP A 21 1.69 11.73 7.32
CA ASP A 21 2.57 10.76 7.98
C ASP A 21 2.38 9.35 7.40
N PHE A 22 1.15 8.95 7.02
CA PHE A 22 0.89 7.66 6.38
C PHE A 22 1.73 7.48 5.12
N TYR A 23 1.85 8.52 4.28
CA TYR A 23 2.71 8.48 3.10
C TYR A 23 4.14 8.04 3.45
N ARG A 24 4.77 8.75 4.40
CA ARG A 24 6.18 8.51 4.80
C ARG A 24 6.36 7.16 5.49
N ALA A 25 5.45 6.84 6.41
CA ALA A 25 5.48 5.57 7.16
C ALA A 25 5.23 4.37 6.24
N PHE A 26 4.28 4.46 5.31
CA PHE A 26 4.02 3.40 4.33
C PHE A 26 5.26 3.17 3.45
N SER A 27 5.81 4.23 2.84
CA SER A 27 6.94 4.12 1.91
C SER A 27 8.24 3.65 2.60
N ASP A 28 8.41 3.94 3.89
CA ASP A 28 9.53 3.45 4.71
C ASP A 28 9.55 1.91 4.87
N LYS A 29 8.37 1.25 4.91
CA LYS A 29 8.25 -0.23 5.00
C LYS A 29 7.69 -0.92 3.74
N TRP A 30 7.40 -0.17 2.68
CA TRP A 30 6.87 -0.70 1.43
C TRP A 30 7.84 -1.64 0.69
N GLU A 31 7.34 -2.81 0.26
CA GLU A 31 8.00 -3.78 -0.61
C GLU A 31 6.93 -4.68 -1.24
N SER A 32 7.04 -4.99 -2.54
CA SER A 32 6.14 -5.91 -3.24
C SER A 32 6.81 -6.65 -4.41
N ASP A 33 6.16 -7.71 -4.92
CA ASP A 33 6.70 -8.59 -5.96
C ASP A 33 6.41 -8.13 -7.41
N TYR A 34 5.35 -7.32 -7.60
CA TYR A 34 4.97 -6.72 -8.88
C TYR A 34 5.73 -5.41 -9.16
N THR A 35 5.30 -4.65 -10.17
CA THR A 35 5.96 -3.44 -10.70
C THR A 35 5.85 -2.21 -9.77
N GLY A 36 5.10 -2.28 -8.65
CA GLY A 36 5.10 -1.25 -7.60
C GLY A 36 4.53 0.11 -8.02
N ASN A 37 3.68 0.16 -9.03
CA ASN A 37 3.12 1.41 -9.57
C ASN A 37 1.89 1.89 -8.79
N LEU A 38 2.11 2.27 -7.53
CA LEU A 38 1.08 2.72 -6.59
C LEU A 38 1.29 4.14 -6.04
N THR A 39 0.19 4.82 -5.70
CA THR A 39 0.19 6.13 -5.04
C THR A 39 -0.83 6.20 -3.90
N ILE A 40 -0.64 7.16 -2.99
CA ILE A 40 -1.39 7.28 -1.72
C ILE A 40 -2.16 8.59 -1.74
N ASN A 41 -3.47 8.52 -1.52
CA ASN A 41 -4.40 9.65 -1.54
C ASN A 41 -5.07 9.75 -0.17
N GLU A 42 -5.35 10.96 0.33
CA GLU A 42 -6.21 11.13 1.51
C GLU A 42 -7.33 12.17 1.30
N ARG A 43 -8.45 11.96 2.00
CA ARG A 43 -9.55 12.92 2.13
C ARG A 43 -9.60 13.40 3.59
N PRO A 44 -9.38 14.71 3.84
CA PRO A 44 -9.41 15.27 5.18
C PRO A 44 -10.88 15.45 5.62
N SER A 45 -11.25 14.83 6.74
CA SER A 45 -12.64 14.71 7.19
C SER A 45 -12.74 14.99 8.69
N ALA A 46 -13.03 16.24 9.05
CA ALA A 46 -12.98 16.76 10.42
C ALA A 46 -13.97 16.10 11.42
N ARG A 47 -14.89 15.26 10.92
CA ARG A 47 -15.68 14.32 11.73
C ARG A 47 -14.82 13.42 12.64
N ALA A 48 -13.59 13.07 12.22
CA ALA A 48 -12.63 12.33 13.04
C ALA A 48 -11.15 12.42 12.60
N GLY A 49 -10.84 12.50 11.30
CA GLY A 49 -9.46 12.36 10.81
C GLY A 49 -9.34 12.36 9.27
N SER A 50 -8.85 11.27 8.67
CA SER A 50 -8.63 11.17 7.22
C SER A 50 -9.04 9.82 6.62
N TRP A 51 -9.63 9.84 5.42
CA TRP A 51 -9.85 8.65 4.61
C TRP A 51 -8.66 8.42 3.70
N ILE A 52 -7.93 7.34 3.90
CA ILE A 52 -6.76 6.94 3.10
C ILE A 52 -7.19 5.99 2.00
N THR A 53 -6.73 6.24 0.78
CA THR A 53 -7.07 5.46 -0.41
C THR A 53 -5.82 5.25 -1.25
N ILE A 54 -5.37 4.00 -1.40
CA ILE A 54 -4.21 3.64 -2.22
C ILE A 54 -4.68 3.14 -3.58
N THR A 55 -4.11 3.71 -4.63
CA THR A 55 -4.45 3.42 -6.02
C THR A 55 -3.23 2.87 -6.78
N VAL A 56 -3.43 1.85 -7.61
CA VAL A 56 -2.43 1.30 -8.54
C VAL A 56 -2.69 1.86 -9.92
N ASN A 57 -1.74 2.63 -10.45
CA ASN A 57 -1.83 3.50 -11.64
C ASN A 57 -2.99 4.53 -11.58
N GLN A 58 -4.22 4.05 -11.74
CA GLN A 58 -5.47 4.82 -11.72
C GLN A 58 -6.65 4.08 -11.05
N ASP A 59 -6.40 2.92 -10.44
CA ASP A 59 -7.43 2.01 -9.90
C ASP A 59 -7.29 1.85 -8.38
N VAL A 60 -8.37 2.02 -7.62
CA VAL A 60 -8.35 1.76 -6.15
C VAL A 60 -8.29 0.26 -5.87
N ILE A 61 -7.47 -0.12 -4.88
CA ILE A 61 -7.32 -1.50 -4.42
C ILE A 61 -7.46 -1.67 -2.90
N PHE A 62 -7.15 -0.64 -2.11
CA PHE A 62 -7.33 -0.67 -0.66
C PHE A 62 -7.60 0.74 -0.13
N GLN A 63 -8.38 0.84 0.94
CA GLN A 63 -8.71 2.09 1.61
C GLN A 63 -9.12 1.87 3.08
N THR A 64 -8.80 2.82 3.96
CA THR A 64 -9.04 2.76 5.41
C THR A 64 -9.17 4.16 6.04
N PHE A 65 -9.83 4.26 7.19
CA PHE A 65 -10.05 5.52 7.90
C PHE A 65 -9.08 5.67 9.08
N LEU A 66 -8.24 6.71 9.05
CA LEU A 66 -7.24 7.03 10.07
C LEU A 66 -7.79 7.98 11.15
N PHE A 67 -7.28 7.80 12.37
CA PHE A 67 -7.61 8.62 13.55
C PHE A 67 -6.33 9.24 14.16
N PRO A 68 -6.31 10.56 14.46
CA PRO A 68 -5.14 11.28 14.98
C PRO A 68 -4.94 11.11 16.50
N LEU A 69 -6.04 10.94 17.26
CA LEU A 69 -6.02 10.80 18.73
C LEU A 69 -5.69 9.37 19.18
N LYS A 70 -5.97 8.38 18.31
CA LYS A 70 -5.76 6.94 18.56
C LYS A 70 -4.34 6.49 18.17
N ARG A 71 -3.81 5.47 18.85
CA ARG A 71 -2.43 4.94 18.67
C ARG A 71 -2.32 3.71 17.75
N ASP A 72 -3.36 3.44 16.94
CA ASP A 72 -3.35 2.33 15.97
C ASP A 72 -2.80 2.71 14.58
N PHE A 73 -2.45 3.98 14.34
CA PHE A 73 -1.88 4.46 13.05
C PHE A 73 -0.74 3.58 12.52
N GLU A 74 0.20 3.18 13.39
CA GLU A 74 1.34 2.34 12.98
C GLU A 74 0.88 0.96 12.48
N LYS A 75 -0.12 0.40 13.17
CA LYS A 75 -0.72 -0.89 12.84
C LYS A 75 -1.52 -0.82 11.53
N THR A 76 -2.28 0.26 11.34
CA THR A 76 -2.97 0.57 10.08
C THR A 76 -2.00 0.73 8.91
N VAL A 77 -0.85 1.39 9.10
CA VAL A 77 0.22 1.51 8.09
C VAL A 77 0.77 0.13 7.73
N VAL A 78 1.20 -0.68 8.71
CA VAL A 78 1.79 -2.01 8.46
C VAL A 78 0.77 -2.94 7.79
N ALA A 79 -0.50 -2.86 8.20
CA ALA A 79 -1.57 -3.69 7.64
C ALA A 79 -1.92 -3.29 6.19
N ALA A 80 -1.80 -2.01 5.83
CA ALA A 80 -2.02 -1.54 4.47
C ALA A 80 -0.98 -2.11 3.49
N LEU A 81 0.23 -2.43 3.95
CA LEU A 81 1.29 -3.01 3.11
C LEU A 81 0.84 -4.38 2.55
N ILE A 82 0.34 -5.24 3.47
CA ILE A 82 -0.18 -6.58 3.13
C ILE A 82 -1.47 -6.45 2.31
N GLN A 83 -2.40 -5.60 2.73
CA GLN A 83 -3.70 -5.45 2.05
C GLN A 83 -3.57 -4.86 0.63
N THR A 84 -2.51 -4.08 0.37
CA THR A 84 -2.16 -3.60 -0.97
C THR A 84 -1.76 -4.74 -1.89
N GLU A 85 -0.90 -5.68 -1.45
CA GLU A 85 -0.56 -6.84 -2.30
C GLU A 85 -1.70 -7.85 -2.38
N GLU A 86 -2.53 -8.01 -1.35
CA GLU A 86 -3.64 -8.96 -1.35
C GLU A 86 -4.71 -8.69 -2.41
N ALA A 87 -4.89 -7.43 -2.80
CA ALA A 87 -5.69 -7.07 -3.97
C ALA A 87 -5.08 -7.61 -5.27
N LEU A 88 -3.75 -7.50 -5.43
CA LEU A 88 -3.02 -7.86 -6.65
C LEU A 88 -2.71 -9.36 -6.70
N ASN A 89 -2.67 -10.02 -5.54
CA ASN A 89 -2.40 -11.44 -5.36
C ASN A 89 -3.42 -12.34 -6.07
N ARG A 90 -4.67 -11.89 -6.18
CA ARG A 90 -5.75 -12.56 -6.94
C ARG A 90 -5.93 -12.03 -8.38
N ARG A 91 -5.30 -10.90 -8.72
CA ARG A 91 -5.34 -10.30 -10.07
C ARG A 91 -4.29 -10.92 -10.99
N GLN A 92 -3.04 -10.95 -10.51
CA GLN A 92 -1.86 -11.27 -11.32
C GLN A 92 -0.73 -12.03 -10.62
N ILE A 93 -0.43 -11.76 -9.35
CA ILE A 93 0.78 -12.28 -8.69
C ILE A 93 0.69 -13.81 -8.50
N ASN A 94 -0.51 -14.39 -8.55
CA ASN A 94 -0.72 -15.85 -8.61
C ASN A 94 0.14 -16.54 -9.70
N GLN A 95 0.29 -15.90 -10.86
CA GLN A 95 1.09 -16.40 -11.99
C GLN A 95 2.58 -16.56 -11.62
N ALA A 96 3.10 -15.70 -10.75
CA ALA A 96 4.49 -15.73 -10.27
C ALA A 96 4.66 -16.63 -9.04
N LEU A 97 3.79 -16.48 -8.02
CA LEU A 97 3.93 -17.21 -6.75
C LEU A 97 3.67 -18.72 -6.88
N LEU A 98 2.82 -19.13 -7.82
CA LEU A 98 2.57 -20.54 -8.14
C LEU A 98 3.83 -21.23 -8.69
N SER A 99 4.59 -20.51 -9.52
CA SER A 99 5.80 -21.04 -10.15
C SER A 99 7.03 -21.04 -9.25
N THR A 100 7.01 -20.26 -8.16
CA THR A 100 8.09 -20.12 -7.17
C THR A 100 7.59 -19.33 -5.95
N GLY A 101 7.39 -20.06 -4.86
CA GLY A 101 7.10 -19.52 -3.52
C GLY A 101 5.61 -19.37 -3.24
N ASP A 102 4.89 -20.51 -3.18
CA ASP A 102 3.49 -20.56 -2.75
C ASP A 102 3.27 -19.96 -1.34
N LEU A 103 2.05 -19.47 -1.08
CA LEU A 103 1.71 -18.79 0.18
C LEU A 103 1.67 -19.73 1.38
N ALA A 104 2.27 -19.27 2.48
CA ALA A 104 2.10 -19.82 3.83
C ALA A 104 2.28 -18.80 4.97
N HIS A 105 2.15 -17.50 4.67
CA HIS A 105 2.39 -16.40 5.62
C HIS A 105 1.16 -16.06 6.48
N ASP A 106 0.01 -15.88 5.83
CA ASP A 106 -1.27 -15.52 6.47
C ASP A 106 -2.45 -16.03 5.63
N GLU A 107 -2.94 -17.25 5.94
CA GLU A 107 -3.95 -17.93 5.11
C GLU A 107 -5.37 -17.36 5.27
N PHE A 108 -5.78 -17.05 6.51
CA PHE A 108 -7.13 -16.58 6.87
C PHE A 108 -7.10 -15.57 8.04
N ALA A 1 19.98 -13.29 -11.42
CA ALA A 1 19.10 -12.10 -11.27
C ALA A 1 19.26 -11.44 -9.88
N VAL A 2 18.89 -10.16 -9.75
CA VAL A 2 18.90 -9.40 -8.49
C VAL A 2 17.75 -8.39 -8.44
N GLU A 3 17.16 -8.19 -7.27
CA GLU A 3 16.10 -7.21 -7.02
C GLU A 3 16.67 -5.81 -6.69
N VAL A 4 16.11 -4.76 -7.32
CA VAL A 4 16.56 -3.37 -7.20
C VAL A 4 15.33 -2.43 -7.20
N GLU A 5 15.42 -1.29 -6.51
CA GLU A 5 14.35 -0.28 -6.40
C GLU A 5 14.19 0.57 -7.68
N VAL A 6 14.01 -0.10 -8.82
CA VAL A 6 13.90 0.50 -10.16
C VAL A 6 12.52 1.18 -10.40
N PRO A 7 11.36 0.49 -10.24
CA PRO A 7 10.05 1.13 -10.39
C PRO A 7 9.61 1.90 -9.14
N GLY A 8 8.50 2.64 -9.28
CA GLY A 8 7.76 3.29 -8.18
C GLY A 8 7.25 4.67 -8.57
N LEU A 9 5.98 4.97 -8.20
CA LEU A 9 5.36 6.29 -8.38
C LEU A 9 4.57 6.76 -7.14
N LEU A 10 5.04 6.41 -5.93
CA LEU A 10 4.44 6.86 -4.67
C LEU A 10 4.50 8.40 -4.59
N THR A 11 3.34 9.04 -4.68
CA THR A 11 3.21 10.49 -4.54
C THR A 11 2.46 10.85 -3.26
N ASP A 12 2.94 11.89 -2.58
CA ASP A 12 2.32 12.55 -1.44
C ASP A 12 1.08 13.38 -1.86
N HIS A 13 0.07 12.71 -2.44
CA HIS A 13 -1.26 13.29 -2.73
C HIS A 13 -2.11 13.35 -1.45
N THR A 14 -1.50 13.82 -0.36
CA THR A 14 -2.06 13.80 1.00
C THR A 14 -1.87 15.15 1.72
N VAL A 15 -2.93 15.67 2.36
CA VAL A 15 -3.00 17.05 2.90
C VAL A 15 -3.56 17.14 4.35
N SER A 16 -3.27 16.11 5.14
CA SER A 16 -3.77 15.93 6.52
C SER A 16 -2.64 15.77 7.54
N SER A 17 -2.84 16.21 8.79
CA SER A 17 -1.87 16.08 9.88
C SER A 17 -1.47 14.62 10.19
N ILE A 18 -2.36 13.67 9.94
CA ILE A 18 -2.08 12.21 9.92
C ILE A 18 -1.83 11.69 8.50
N GLY A 19 -2.61 12.10 7.49
CA GLY A 19 -2.49 11.54 6.13
C GLY A 19 -1.19 11.90 5.41
N HIS A 20 -0.56 13.03 5.74
CA HIS A 20 0.78 13.39 5.26
C HIS A 20 1.84 12.46 5.86
N ASP A 21 1.72 12.10 7.14
CA ASP A 21 2.64 11.16 7.78
C ASP A 21 2.41 9.72 7.32
N PHE A 22 1.18 9.31 6.98
CA PHE A 22 0.91 8.00 6.37
C PHE A 22 1.75 7.78 5.12
N TYR A 23 1.87 8.80 4.25
CA TYR A 23 2.73 8.72 3.06
C TYR A 23 4.17 8.33 3.43
N ARG A 24 4.77 9.08 4.38
CA ARG A 24 6.18 8.91 4.79
C ARG A 24 6.41 7.57 5.50
N ALA A 25 5.50 7.22 6.41
CA ALA A 25 5.56 5.98 7.16
C ALA A 25 5.32 4.75 6.26
N PHE A 26 4.35 4.79 5.35
CA PHE A 26 4.10 3.71 4.39
C PHE A 26 5.33 3.49 3.51
N SER A 27 5.86 4.53 2.88
CA SER A 27 6.99 4.41 1.95
C SER A 27 8.29 3.96 2.64
N ASP A 28 8.47 4.27 3.93
CA ASP A 28 9.59 3.81 4.75
C ASP A 28 9.61 2.28 4.96
N LYS A 29 8.44 1.62 5.02
CA LYS A 29 8.33 0.14 5.15
C LYS A 29 7.76 -0.59 3.92
N TRP A 30 7.44 0.13 2.83
CA TRP A 30 6.91 -0.44 1.60
C TRP A 30 7.89 -1.41 0.89
N GLU A 31 7.39 -2.58 0.51
CA GLU A 31 8.05 -3.59 -0.33
C GLU A 31 6.98 -4.52 -0.93
N SER A 32 7.15 -4.99 -2.17
CA SER A 32 6.21 -5.91 -2.82
C SER A 32 6.83 -6.75 -3.96
N ASP A 33 6.16 -7.84 -4.33
CA ASP A 33 6.65 -8.81 -5.32
C ASP A 33 6.36 -8.41 -6.79
N TYR A 34 5.31 -7.61 -7.01
CA TYR A 34 4.94 -7.06 -8.33
C TYR A 34 5.74 -5.78 -8.67
N THR A 35 5.33 -5.06 -9.72
CA THR A 35 6.01 -3.88 -10.28
C THR A 35 5.92 -2.62 -9.38
N GLY A 36 5.17 -2.65 -8.27
CA GLY A 36 5.19 -1.59 -7.25
C GLY A 36 4.65 -0.24 -7.69
N ASN A 37 3.78 -0.22 -8.70
CA ASN A 37 3.24 1.03 -9.26
C ASN A 37 1.99 1.51 -8.52
N LEU A 38 2.18 2.08 -7.33
CA LEU A 38 1.13 2.64 -6.48
C LEU A 38 1.33 4.10 -6.05
N THR A 39 0.25 4.76 -5.65
CA THR A 39 0.25 6.09 -5.02
C THR A 39 -0.79 6.18 -3.88
N ILE A 40 -0.65 7.18 -3.01
CA ILE A 40 -1.42 7.34 -1.76
C ILE A 40 -2.21 8.64 -1.82
N ASN A 41 -3.51 8.56 -1.56
CA ASN A 41 -4.45 9.67 -1.64
C ASN A 41 -5.17 9.78 -0.28
N GLU A 42 -5.48 10.99 0.21
CA GLU A 42 -6.34 11.15 1.39
C GLU A 42 -7.46 12.18 1.20
N ARG A 43 -8.55 12.04 1.96
CA ARG A 43 -9.61 13.04 2.06
C ARG A 43 -9.79 13.48 3.53
N PRO A 44 -9.54 14.76 3.85
CA PRO A 44 -9.62 15.27 5.21
C PRO A 44 -11.07 15.56 5.61
N SER A 45 -11.47 15.14 6.81
CA SER A 45 -12.83 15.38 7.34
C SER A 45 -12.85 15.44 8.87
N ALA A 46 -13.27 16.59 9.42
CA ALA A 46 -13.21 16.89 10.87
C ALA A 46 -14.14 16.02 11.74
N ARG A 47 -15.04 15.25 11.12
CA ARG A 47 -15.84 14.20 11.77
C ARG A 47 -14.99 13.15 12.51
N ALA A 48 -13.77 12.86 12.04
CA ALA A 48 -12.91 11.81 12.57
C ALA A 48 -11.40 11.93 12.27
N GLY A 49 -10.97 12.57 11.17
CA GLY A 49 -9.56 12.55 10.72
C GLY A 49 -9.41 12.59 9.19
N SER A 50 -8.90 11.50 8.60
CA SER A 50 -8.72 11.35 7.15
C SER A 50 -9.16 9.99 6.62
N TRP A 51 -9.77 9.98 5.43
CA TRP A 51 -9.83 8.77 4.61
C TRP A 51 -8.47 8.59 3.94
N ILE A 52 -7.90 7.39 3.95
CA ILE A 52 -6.72 7.01 3.17
C ILE A 52 -7.14 6.03 2.07
N THR A 53 -6.70 6.27 0.85
CA THR A 53 -7.06 5.48 -0.34
C THR A 53 -5.80 5.26 -1.18
N ILE A 54 -5.36 4.01 -1.32
CA ILE A 54 -4.19 3.63 -2.13
C ILE A 54 -4.66 3.11 -3.48
N THR A 55 -4.07 3.64 -4.54
CA THR A 55 -4.38 3.32 -5.93
C THR A 55 -3.16 2.74 -6.65
N VAL A 56 -3.34 1.70 -7.45
CA VAL A 56 -2.32 1.12 -8.35
C VAL A 56 -2.56 1.66 -9.75
N ASN A 57 -1.59 2.43 -10.27
CA ASN A 57 -1.66 3.29 -11.46
C ASN A 57 -2.84 4.28 -11.46
N GLN A 58 -4.06 3.77 -11.69
CA GLN A 58 -5.32 4.52 -11.76
C GLN A 58 -6.51 3.78 -11.09
N ASP A 59 -6.26 2.66 -10.41
CA ASP A 59 -7.29 1.77 -9.85
C ASP A 59 -7.18 1.68 -8.32
N VAL A 60 -8.28 1.89 -7.59
CA VAL A 60 -8.29 1.68 -6.12
C VAL A 60 -8.25 0.20 -5.77
N ILE A 61 -7.46 -0.15 -4.76
CA ILE A 61 -7.32 -1.53 -4.26
C ILE A 61 -7.49 -1.66 -2.74
N PHE A 62 -7.19 -0.61 -1.97
CA PHE A 62 -7.41 -0.59 -0.53
C PHE A 62 -7.68 0.83 -0.03
N GLN A 63 -8.54 0.94 0.99
CA GLN A 63 -8.84 2.20 1.66
C GLN A 63 -9.31 1.99 3.11
N THR A 64 -8.98 2.93 4.00
CA THR A 64 -9.28 2.88 5.45
C THR A 64 -9.35 4.27 6.07
N PHE A 65 -9.90 4.40 7.27
CA PHE A 65 -10.00 5.68 8.00
C PHE A 65 -8.89 5.80 9.06
N LEU A 66 -8.14 6.91 9.04
CA LEU A 66 -7.15 7.27 10.06
C LEU A 66 -7.72 8.26 11.10
N PHE A 67 -7.30 8.10 12.35
CA PHE A 67 -7.67 8.94 13.49
C PHE A 67 -6.43 9.60 14.13
N PRO A 68 -6.46 10.93 14.42
CA PRO A 68 -5.32 11.66 14.99
C PRO A 68 -5.20 11.50 16.53
N LEU A 69 -6.32 11.30 17.23
CA LEU A 69 -6.38 11.19 18.70
C LEU A 69 -5.95 9.80 19.18
N LYS A 70 -6.28 8.76 18.40
CA LYS A 70 -5.98 7.34 18.70
C LYS A 70 -4.60 6.92 18.17
N ARG A 71 -4.04 5.84 18.74
CA ARG A 71 -2.68 5.32 18.46
C ARG A 71 -2.64 4.14 17.49
N ASP A 72 -3.68 3.96 16.67
CA ASP A 72 -3.71 2.91 15.63
C ASP A 72 -2.84 3.23 14.41
N PHE A 73 -2.45 4.49 14.19
CA PHE A 73 -1.78 4.96 12.97
C PHE A 73 -0.64 4.04 12.52
N GLU A 74 0.25 3.63 13.43
CA GLU A 74 1.39 2.76 13.09
C GLU A 74 0.92 1.37 12.61
N LYS A 75 -0.09 0.83 13.30
CA LYS A 75 -0.71 -0.47 12.98
C LYS A 75 -1.43 -0.41 11.65
N THR A 76 -2.20 0.65 11.42
CA THR A 76 -2.91 0.94 10.16
C THR A 76 -1.93 1.13 8.99
N VAL A 77 -0.79 1.78 9.19
CA VAL A 77 0.28 1.87 8.17
C VAL A 77 0.83 0.49 7.84
N VAL A 78 1.26 -0.29 8.84
CA VAL A 78 1.86 -1.63 8.61
C VAL A 78 0.84 -2.58 7.97
N ALA A 79 -0.42 -2.50 8.38
CA ALA A 79 -1.49 -3.33 7.84
C ALA A 79 -1.85 -2.94 6.40
N ALA A 80 -1.74 -1.67 6.01
CA ALA A 80 -1.96 -1.24 4.63
C ALA A 80 -0.91 -1.82 3.67
N LEU A 81 0.30 -2.12 4.14
CA LEU A 81 1.36 -2.74 3.31
C LEU A 81 0.90 -4.12 2.83
N ILE A 82 0.39 -4.93 3.76
CA ILE A 82 -0.13 -6.28 3.51
C ILE A 82 -1.41 -6.22 2.68
N GLN A 83 -2.36 -5.34 3.06
CA GLN A 83 -3.65 -5.23 2.37
C GLN A 83 -3.54 -4.68 0.95
N THR A 84 -2.48 -3.91 0.66
CA THR A 84 -2.14 -3.48 -0.70
C THR A 84 -1.76 -4.67 -1.57
N GLU A 85 -0.89 -5.58 -1.11
CA GLU A 85 -0.55 -6.76 -1.92
C GLU A 85 -1.67 -7.80 -1.93
N GLU A 86 -2.49 -7.93 -0.89
CA GLU A 86 -3.59 -8.89 -0.85
C GLU A 86 -4.66 -8.65 -1.92
N ALA A 87 -4.85 -7.40 -2.36
CA ALA A 87 -5.66 -7.07 -3.53
C ALA A 87 -5.06 -7.66 -4.82
N LEU A 88 -3.74 -7.56 -4.99
CA LEU A 88 -3.02 -7.96 -6.21
C LEU A 88 -2.71 -9.46 -6.24
N ASN A 89 -2.67 -10.09 -5.07
CA ASN A 89 -2.42 -11.51 -4.87
C ASN A 89 -3.44 -12.42 -5.56
N ARG A 90 -4.69 -11.96 -5.73
CA ARG A 90 -5.75 -12.67 -6.48
C ARG A 90 -5.96 -12.14 -7.91
N ARG A 91 -5.28 -11.04 -8.29
CA ARG A 91 -5.30 -10.43 -9.64
C ARG A 91 -4.23 -11.03 -10.56
N GLN A 92 -2.98 -10.99 -10.09
CA GLN A 92 -1.79 -11.25 -10.91
C GLN A 92 -0.68 -12.06 -10.23
N ILE A 93 -0.41 -11.82 -8.93
CA ILE A 93 0.70 -12.50 -8.23
C ILE A 93 0.39 -14.00 -8.06
N ASN A 94 -0.88 -14.39 -8.18
CA ASN A 94 -1.34 -15.80 -8.15
C ASN A 94 -0.69 -16.67 -9.23
N GLN A 95 -0.43 -16.09 -10.41
CA GLN A 95 0.33 -16.75 -11.48
C GLN A 95 1.83 -16.78 -11.16
N ALA A 96 2.40 -15.66 -10.69
CA ALA A 96 3.83 -15.51 -10.43
C ALA A 96 4.33 -16.41 -9.27
N LEU A 97 3.51 -16.61 -8.22
CA LEU A 97 3.84 -17.50 -7.10
C LEU A 97 3.78 -19.00 -7.48
N LEU A 98 2.98 -19.32 -8.49
CA LEU A 98 2.79 -20.68 -9.02
C LEU A 98 3.81 -21.05 -10.11
N SER A 99 4.16 -20.13 -11.00
CA SER A 99 5.04 -20.37 -12.16
C SER A 99 6.53 -20.50 -11.81
N THR A 100 6.91 -20.24 -10.55
CA THR A 100 8.30 -20.27 -10.05
C THR A 100 8.99 -21.64 -10.18
N GLY A 101 8.21 -22.73 -10.32
CA GLY A 101 8.70 -24.11 -10.52
C GLY A 101 9.26 -24.39 -11.93
N ASP A 102 10.13 -23.52 -12.43
CA ASP A 102 10.83 -23.67 -13.73
C ASP A 102 11.81 -24.85 -13.77
N LEU A 103 12.23 -25.23 -14.99
CA LEU A 103 13.33 -26.16 -15.23
C LEU A 103 14.69 -25.61 -14.76
N ALA A 104 15.67 -26.52 -14.62
CA ALA A 104 17.07 -26.19 -14.26
C ALA A 104 18.10 -27.08 -14.98
N HIS A 105 17.73 -27.60 -16.16
CA HIS A 105 18.42 -28.74 -16.81
C HIS A 105 19.77 -28.34 -17.43
N ASP A 106 19.82 -27.20 -18.12
CA ASP A 106 21.01 -26.62 -18.75
C ASP A 106 21.11 -25.09 -18.53
N GLU A 107 20.45 -24.59 -17.48
CA GLU A 107 20.21 -23.15 -17.25
C GLU A 107 21.43 -22.40 -16.67
N PHE A 108 22.25 -23.09 -15.87
CA PHE A 108 23.43 -22.55 -15.15
C PHE A 108 24.61 -23.53 -15.17
N ALA A 1 22.72 -6.63 -12.26
CA ALA A 1 21.98 -6.72 -10.96
C ALA A 1 20.57 -7.31 -11.16
N VAL A 2 19.97 -7.85 -10.09
CA VAL A 2 18.64 -8.50 -10.07
C VAL A 2 17.80 -7.97 -8.89
N GLU A 3 16.48 -7.84 -9.08
CA GLU A 3 15.51 -7.42 -8.05
C GLU A 3 15.85 -6.05 -7.42
N VAL A 4 16.04 -5.04 -8.28
CA VAL A 4 16.41 -3.66 -7.90
C VAL A 4 15.16 -2.78 -7.83
N GLU A 5 15.18 -1.74 -7.00
CA GLU A 5 14.09 -0.75 -6.81
C GLU A 5 13.97 0.24 -8.00
N VAL A 6 13.87 -0.30 -9.22
CA VAL A 6 13.80 0.45 -10.49
C VAL A 6 12.43 1.15 -10.70
N PRO A 7 11.28 0.46 -10.64
CA PRO A 7 9.96 1.11 -10.77
C PRO A 7 9.48 1.74 -9.45
N GLY A 8 8.40 2.52 -9.54
CA GLY A 8 7.70 3.15 -8.41
C GLY A 8 7.16 4.55 -8.73
N LEU A 9 5.97 4.89 -8.21
CA LEU A 9 5.35 6.22 -8.37
C LEU A 9 4.57 6.70 -7.12
N LEU A 10 5.05 6.38 -5.91
CA LEU A 10 4.48 6.86 -4.65
C LEU A 10 4.56 8.38 -4.59
N THR A 11 3.39 9.05 -4.65
CA THR A 11 3.28 10.50 -4.51
C THR A 11 2.52 10.86 -3.23
N ASP A 12 3.00 11.90 -2.56
CA ASP A 12 2.38 12.57 -1.42
C ASP A 12 1.12 13.38 -1.84
N HIS A 13 0.13 12.70 -2.42
CA HIS A 13 -1.21 13.26 -2.72
C HIS A 13 -2.07 13.33 -1.44
N THR A 14 -1.45 13.78 -0.33
CA THR A 14 -2.01 13.78 1.01
C THR A 14 -1.81 15.14 1.72
N VAL A 15 -2.86 15.66 2.37
CA VAL A 15 -2.91 17.05 2.93
C VAL A 15 -3.48 17.12 4.35
N SER A 16 -3.21 16.10 5.16
CA SER A 16 -3.71 15.93 6.54
C SER A 16 -2.58 15.74 7.54
N SER A 17 -2.76 16.15 8.80
CA SER A 17 -1.75 15.97 9.88
C SER A 17 -1.38 14.51 10.11
N ILE A 18 -2.34 13.58 9.94
CA ILE A 18 -2.10 12.11 9.91
C ILE A 18 -1.87 11.59 8.50
N GLY A 19 -2.62 12.03 7.49
CA GLY A 19 -2.48 11.50 6.12
C GLY A 19 -1.15 11.85 5.43
N HIS A 20 -0.54 12.98 5.79
CA HIS A 20 0.83 13.34 5.36
C HIS A 20 1.88 12.42 6.00
N ASP A 21 1.68 12.02 7.26
CA ASP A 21 2.58 11.09 7.94
C ASP A 21 2.40 9.66 7.40
N PHE A 22 1.17 9.25 7.03
CA PHE A 22 0.92 7.94 6.41
C PHE A 22 1.77 7.75 5.15
N TYR A 23 1.88 8.78 4.30
CA TYR A 23 2.72 8.72 3.10
C TYR A 23 4.17 8.31 3.46
N ARG A 24 4.79 9.03 4.39
CA ARG A 24 6.20 8.83 4.80
C ARG A 24 6.39 7.49 5.51
N ALA A 25 5.49 7.16 6.43
CA ALA A 25 5.53 5.92 7.20
C ALA A 25 5.29 4.69 6.30
N PHE A 26 4.34 4.74 5.37
CA PHE A 26 4.08 3.67 4.42
C PHE A 26 5.32 3.44 3.53
N SER A 27 5.86 4.50 2.90
CA SER A 27 6.99 4.39 1.97
C SER A 27 8.29 3.93 2.67
N ASP A 28 8.46 4.24 3.96
CA ASP A 28 9.58 3.77 4.78
C ASP A 28 9.61 2.24 4.97
N LYS A 29 8.43 1.57 5.02
CA LYS A 29 8.33 0.10 5.15
C LYS A 29 7.77 -0.62 3.90
N TRP A 30 7.46 0.09 2.83
CA TRP A 30 6.93 -0.47 1.58
C TRP A 30 7.93 -1.40 0.87
N GLU A 31 7.46 -2.60 0.50
CA GLU A 31 8.14 -3.58 -0.35
C GLU A 31 7.09 -4.54 -0.93
N SER A 32 7.19 -4.89 -2.21
CA SER A 32 6.30 -5.87 -2.87
C SER A 32 6.95 -6.61 -4.04
N ASP A 33 6.33 -7.71 -4.48
CA ASP A 33 6.87 -8.60 -5.54
C ASP A 33 6.56 -8.11 -6.97
N TYR A 34 5.46 -7.37 -7.15
CA TYR A 34 5.03 -6.80 -8.44
C TYR A 34 5.76 -5.47 -8.77
N THR A 35 5.29 -4.76 -9.80
CA THR A 35 5.92 -3.56 -10.39
C THR A 35 5.83 -2.31 -9.50
N GLY A 36 5.09 -2.32 -8.39
CA GLY A 36 5.10 -1.25 -7.38
C GLY A 36 4.55 0.10 -7.84
N ASN A 37 3.69 0.12 -8.86
CA ASN A 37 3.14 1.36 -9.42
C ASN A 37 1.91 1.87 -8.64
N LEU A 38 2.14 2.26 -7.40
CA LEU A 38 1.11 2.73 -6.45
C LEU A 38 1.32 4.17 -5.95
N THR A 39 0.23 4.85 -5.62
CA THR A 39 0.23 6.17 -4.97
C THR A 39 -0.81 6.25 -3.85
N ILE A 40 -0.66 7.23 -2.95
CA ILE A 40 -1.42 7.38 -1.70
C ILE A 40 -2.20 8.69 -1.74
N ASN A 41 -3.51 8.59 -1.53
CA ASN A 41 -4.45 9.70 -1.61
C ASN A 41 -5.17 9.81 -0.25
N GLU A 42 -5.46 11.01 0.24
CA GLU A 42 -6.32 11.18 1.43
C GLU A 42 -7.44 12.21 1.25
N ARG A 43 -8.54 12.04 1.99
CA ARG A 43 -9.62 13.04 2.11
C ARG A 43 -9.75 13.50 3.56
N PRO A 44 -9.49 14.79 3.85
CA PRO A 44 -9.52 15.33 5.21
C PRO A 44 -10.96 15.61 5.63
N SER A 45 -11.41 14.98 6.72
CA SER A 45 -12.81 14.97 7.15
C SER A 45 -12.91 15.09 8.67
N ALA A 46 -13.21 16.29 9.16
CA ALA A 46 -13.16 16.65 10.59
C ALA A 46 -14.15 15.89 11.50
N ARG A 47 -15.09 15.14 10.91
CA ARG A 47 -15.91 14.12 11.59
C ARG A 47 -15.10 13.09 12.38
N ALA A 48 -13.88 12.76 11.91
CA ALA A 48 -13.04 11.71 12.50
C ALA A 48 -11.51 11.82 12.24
N GLY A 49 -11.06 12.46 11.15
CA GLY A 49 -9.64 12.47 10.74
C GLY A 49 -9.45 12.52 9.22
N SER A 50 -8.92 11.44 8.62
CA SER A 50 -8.75 11.31 7.17
C SER A 50 -9.19 9.95 6.63
N TRP A 51 -9.79 9.94 5.44
CA TRP A 51 -9.84 8.73 4.62
C TRP A 51 -8.50 8.57 3.92
N ILE A 52 -7.91 7.37 3.92
CA ILE A 52 -6.74 7.00 3.14
C ILE A 52 -7.16 6.02 2.04
N THR A 53 -6.75 6.28 0.80
CA THR A 53 -7.09 5.48 -0.38
C THR A 53 -5.83 5.29 -1.21
N ILE A 54 -5.34 4.05 -1.30
CA ILE A 54 -4.17 3.69 -2.10
C ILE A 54 -4.62 3.17 -3.46
N THR A 55 -4.05 3.73 -4.52
CA THR A 55 -4.37 3.43 -5.91
C THR A 55 -3.16 2.82 -6.63
N VAL A 56 -3.41 1.79 -7.46
CA VAL A 56 -2.43 1.25 -8.42
C VAL A 56 -2.72 1.85 -9.78
N ASN A 57 -1.77 2.65 -10.30
CA ASN A 57 -1.86 3.53 -11.48
C ASN A 57 -3.02 4.54 -11.41
N GLN A 58 -4.25 4.06 -11.56
CA GLN A 58 -5.50 4.84 -11.56
C GLN A 58 -6.68 4.13 -10.88
N ASP A 59 -6.44 2.99 -10.22
CA ASP A 59 -7.48 2.11 -9.65
C ASP A 59 -7.30 1.95 -8.13
N VAL A 60 -8.35 2.16 -7.33
CA VAL A 60 -8.28 1.89 -5.88
C VAL A 60 -8.24 0.38 -5.64
N ILE A 61 -7.33 -0.05 -4.76
CA ILE A 61 -7.21 -1.44 -4.32
C ILE A 61 -7.38 -1.62 -2.81
N PHE A 62 -7.07 -0.59 -2.02
CA PHE A 62 -7.30 -0.60 -0.58
C PHE A 62 -7.59 0.82 -0.07
N GLN A 63 -8.44 0.91 0.95
CA GLN A 63 -8.76 2.16 1.63
C GLN A 63 -9.21 1.93 3.08
N THR A 64 -8.87 2.86 3.97
CA THR A 64 -9.16 2.80 5.42
C THR A 64 -9.25 4.19 6.05
N PHE A 65 -9.82 4.30 7.23
CA PHE A 65 -9.94 5.56 7.98
C PHE A 65 -8.81 5.71 9.01
N LEU A 66 -8.12 6.85 9.02
CA LEU A 66 -7.13 7.24 10.03
C LEU A 66 -7.71 8.23 11.05
N PHE A 67 -7.27 8.09 12.30
CA PHE A 67 -7.73 8.89 13.46
C PHE A 67 -6.54 9.57 14.16
N PRO A 68 -6.58 10.91 14.39
CA PRO A 68 -5.46 11.68 14.97
C PRO A 68 -5.36 11.57 16.50
N LEU A 69 -6.49 11.33 17.20
CA LEU A 69 -6.56 11.22 18.66
C LEU A 69 -6.21 9.80 19.17
N LYS A 70 -6.14 8.82 18.26
CA LYS A 70 -5.92 7.39 18.54
C LYS A 70 -4.49 6.94 18.14
N ARG A 71 -3.96 5.91 18.81
CA ARG A 71 -2.58 5.40 18.63
C ARG A 71 -2.49 4.15 17.74
N ASP A 72 -3.50 3.90 16.90
CA ASP A 72 -3.53 2.79 15.93
C ASP A 72 -2.89 3.12 14.57
N PHE A 73 -2.52 4.39 14.31
CA PHE A 73 -1.89 4.84 13.05
C PHE A 73 -0.73 3.94 12.59
N GLU A 74 0.20 3.58 13.49
CA GLU A 74 1.36 2.75 13.13
C GLU A 74 0.93 1.35 12.65
N LYS A 75 -0.07 0.79 13.33
CA LYS A 75 -0.63 -0.53 13.01
C LYS A 75 -1.41 -0.49 11.69
N THR A 76 -2.19 0.56 11.47
CA THR A 76 -2.88 0.85 10.19
C THR A 76 -1.89 1.01 9.03
N VAL A 77 -0.76 1.70 9.24
CA VAL A 77 0.32 1.81 8.23
C VAL A 77 0.88 0.43 7.88
N VAL A 78 1.31 -0.36 8.88
CA VAL A 78 1.90 -1.69 8.64
C VAL A 78 0.90 -2.64 7.99
N ALA A 79 -0.38 -2.56 8.40
CA ALA A 79 -1.45 -3.39 7.86
C ALA A 79 -1.81 -2.99 6.42
N ALA A 80 -1.69 -1.72 6.04
CA ALA A 80 -1.93 -1.27 4.67
C ALA A 80 -0.89 -1.85 3.69
N LEU A 81 0.32 -2.16 4.15
CA LEU A 81 1.36 -2.77 3.30
C LEU A 81 0.91 -4.15 2.80
N ILE A 82 0.40 -4.98 3.72
CA ILE A 82 -0.12 -6.33 3.44
C ILE A 82 -1.42 -6.23 2.62
N GLN A 83 -2.35 -5.36 3.03
CA GLN A 83 -3.65 -5.22 2.36
C GLN A 83 -3.54 -4.65 0.93
N THR A 84 -2.48 -3.87 0.65
CA THR A 84 -2.14 -3.44 -0.71
C THR A 84 -1.77 -4.61 -1.59
N GLU A 85 -0.90 -5.53 -1.15
CA GLU A 85 -0.55 -6.70 -1.98
C GLU A 85 -1.68 -7.74 -2.01
N GLU A 86 -2.50 -7.86 -0.97
CA GLU A 86 -3.63 -8.82 -0.93
C GLU A 86 -4.67 -8.56 -2.03
N ALA A 87 -4.83 -7.31 -2.47
CA ALA A 87 -5.63 -6.97 -3.64
C ALA A 87 -5.04 -7.54 -4.93
N LEU A 88 -3.72 -7.50 -5.08
CA LEU A 88 -2.99 -7.90 -6.29
C LEU A 88 -2.66 -9.40 -6.32
N ASN A 89 -2.65 -10.04 -5.15
CA ASN A 89 -2.36 -11.46 -4.95
C ASN A 89 -3.33 -12.40 -5.68
N ARG A 90 -4.57 -11.97 -5.94
CA ARG A 90 -5.57 -12.71 -6.74
C ARG A 90 -5.80 -12.13 -8.15
N ARG A 91 -5.08 -11.05 -8.51
CA ARG A 91 -5.09 -10.41 -9.84
C ARG A 91 -3.99 -10.95 -10.75
N GLN A 92 -2.74 -10.90 -10.26
CA GLN A 92 -1.53 -11.15 -11.06
C GLN A 92 -0.44 -11.93 -10.34
N ILE A 93 -0.21 -11.69 -9.04
CA ILE A 93 0.88 -12.36 -8.29
C ILE A 93 0.58 -13.87 -8.13
N ASN A 94 -0.68 -14.27 -8.27
CA ASN A 94 -1.12 -15.67 -8.22
C ASN A 94 -0.43 -16.55 -9.26
N GLN A 95 -0.23 -16.04 -10.49
CA GLN A 95 0.51 -16.73 -11.55
C GLN A 95 2.01 -16.75 -11.24
N ALA A 96 2.56 -15.62 -10.77
CA ALA A 96 3.98 -15.49 -10.45
C ALA A 96 4.41 -16.45 -9.32
N LEU A 97 3.62 -16.59 -8.26
CA LEU A 97 3.90 -17.51 -7.14
C LEU A 97 3.66 -18.98 -7.51
N LEU A 98 2.70 -19.26 -8.39
CA LEU A 98 2.41 -20.60 -8.90
C LEU A 98 3.59 -21.11 -9.75
N SER A 99 4.20 -20.25 -10.56
CA SER A 99 5.38 -20.59 -11.36
C SER A 99 6.64 -20.91 -10.54
N THR A 100 6.66 -20.55 -9.24
CA THR A 100 7.74 -20.93 -8.29
C THR A 100 7.62 -22.39 -7.84
N GLY A 101 6.41 -22.97 -7.83
CA GLY A 101 6.13 -24.32 -7.34
C GLY A 101 6.15 -24.47 -5.81
N ASP A 102 6.14 -23.36 -5.07
CA ASP A 102 6.11 -23.28 -3.60
C ASP A 102 5.17 -22.16 -3.11
N LEU A 103 4.84 -22.19 -1.81
CA LEU A 103 4.00 -21.18 -1.16
C LEU A 103 4.68 -19.80 -1.08
N ALA A 104 3.84 -18.75 -0.95
CA ALA A 104 4.28 -17.35 -0.82
C ALA A 104 3.28 -16.46 -0.03
N HIS A 105 2.51 -17.05 0.89
CA HIS A 105 1.35 -16.39 1.53
C HIS A 105 1.28 -16.62 3.05
N ASP A 106 1.37 -17.87 3.51
CA ASP A 106 1.33 -18.26 4.93
C ASP A 106 2.69 -18.06 5.65
N GLU A 107 3.37 -16.95 5.33
CA GLU A 107 4.73 -16.62 5.79
C GLU A 107 4.80 -16.08 7.23
N PHE A 108 3.70 -15.49 7.72
CA PHE A 108 3.56 -14.85 9.04
C PHE A 108 2.23 -15.22 9.74
#